data_7A4A
#
_entry.id   7A4A
#
_cell.length_a   1.00
_cell.length_b   1.00
_cell.length_c   1.00
_cell.angle_alpha   90.00
_cell.angle_beta   90.00
_cell.angle_gamma   90.00
#
_symmetry.space_group_name_H-M   'P 1'
#
loop_
_entity.id
_entity.type
_entity.pdbx_description
1 polymer 'Integrase catalytic domain-containing protein'
2 non-polymer 2-acetamido-2-deoxy-beta-D-glucopyranose
#
_entity_poly.entity_id   1
_entity_poly.type   'polypeptide(L)'
_entity_poly.pdbx_seq_one_letter_code
;CSEVISVTSTEEVCTIQENKETCTFNHATTITLQPLQQQTCLTLNDPEKRPMGMLTVKPDGIKFRCNKKIEFFTRDHQIV
SESVHRCHRAGSCHSDECHHVKDTDALPEFSSEANSRPGYTSCSSSCGCITCDGCFFCEPSCLFHRLYAIPTTPTIYSIF
YCPSWELEVDAEISLQREDETTTSTIRLLPGRTSTWNNIRFSLIGTIVPQLPILSSAFVTNGRQTSIVKPAYAGQLQSNS
VGQLQCPNLEAAKQFECHFSRNLCTCTNALHKVSCTCYDGSVEDHMEALPLPQTSKNFLVFEKDRNIYAKTHVGSALQLH
IVAQDLKITTVKHTSHCQVEASDLSGCYSCTSGASLTLSCKSDNGEVLANMKCNEQTHVIRCTESGFINNILLMFDTSEV
AADCTAACPGGIVNFTIKGLLAFVNERIISQSYSATDVERNIKGKPIPNPLLGLDSTRTGHHHHHH
;
_entity_poly.pdbx_strand_id   A,B,C
#
# COMPACT_ATOMS: atom_id res chain seq x y z
N CYS A 1 -15.62 34.29 14.62
CA CYS A 1 -14.63 33.24 14.25
C CYS A 1 -15.29 31.86 14.15
N SER A 2 -14.50 30.80 14.28
CA SER A 2 -14.98 29.44 14.17
C SER A 2 -15.26 28.86 15.54
N GLU A 3 -15.51 27.55 15.59
CA GLU A 3 -15.74 26.84 16.85
C GLU A 3 -14.87 25.60 16.86
N VAL A 4 -13.82 25.63 17.68
CA VAL A 4 -12.99 24.47 17.89
C VAL A 4 -13.29 23.91 19.28
N ILE A 5 -12.72 22.76 19.59
CA ILE A 5 -12.91 22.09 20.86
C ILE A 5 -11.56 21.94 21.55
N SER A 6 -11.53 22.25 22.84
CA SER A 6 -10.28 22.54 23.51
C SER A 6 -10.24 21.89 24.89
N VAL A 7 -9.04 21.95 25.47
CA VAL A 7 -8.78 21.52 26.84
C VAL A 7 -7.75 22.48 27.43
N THR A 8 -8.04 22.98 28.62
CA THR A 8 -7.14 23.87 29.33
C THR A 8 -6.58 23.15 30.54
N SER A 9 -5.26 23.14 30.67
CA SER A 9 -4.61 22.40 31.74
C SER A 9 -3.41 23.20 32.23
N THR A 10 -2.81 22.69 33.31
CA THR A 10 -1.67 23.34 33.94
C THR A 10 -0.40 22.59 33.57
N GLU A 11 0.65 23.34 33.28
CA GLU A 11 1.95 22.78 32.95
C GLU A 11 2.98 23.36 33.90
N GLU A 12 3.73 22.48 34.57
CA GLU A 12 4.78 22.87 35.49
C GLU A 12 6.09 22.29 34.98
N VAL A 13 7.05 23.15 34.67
CA VAL A 13 8.31 22.73 34.07
C VAL A 13 9.46 23.34 34.85
N CYS A 14 10.46 22.52 35.17
CA CYS A 14 11.62 22.94 35.92
C CYS A 14 12.84 22.89 35.02
N THR A 15 13.43 24.06 34.75
CA THR A 15 14.59 24.18 33.90
C THR A 15 15.86 23.97 34.69
N ILE A 16 16.78 23.20 34.14
CA ILE A 16 18.09 22.94 34.73
C ILE A 16 19.11 23.82 34.03
N GLN A 17 19.57 24.85 34.73
CA GLN A 17 20.67 25.69 34.29
C GLN A 17 21.94 25.21 34.97
N GLU A 18 23.06 25.85 34.63
CA GLU A 18 24.34 25.39 35.14
C GLU A 18 24.34 25.41 36.66
N ASN A 19 24.34 24.21 37.25
CA ASN A 19 24.28 24.05 38.71
C ASN A 19 23.17 24.91 39.31
N LYS A 20 22.01 24.90 38.66
CA LYS A 20 20.92 25.76 39.07
C LYS A 20 19.61 25.16 38.57
N GLU A 21 18.52 25.49 39.27
CA GLU A 21 17.21 24.97 38.92
C GLU A 21 16.17 26.07 39.09
N THR A 22 15.29 26.22 38.09
CA THR A 22 14.25 27.23 38.13
C THR A 22 12.96 26.64 37.62
N CYS A 23 11.95 26.53 38.48
CA CYS A 23 10.68 25.96 38.10
C CYS A 23 9.69 27.05 37.69
N THR A 24 8.68 26.64 36.93
CA THR A 24 7.76 27.58 36.28
C THR A 24 6.38 26.94 36.21
N PHE A 25 5.39 27.65 36.75
CA PHE A 25 3.99 27.37 36.49
C PHE A 25 3.58 27.98 35.17
N ASN A 26 2.45 27.52 34.64
CA ASN A 26 1.98 27.97 33.34
C ASN A 26 0.50 27.61 33.19
N HIS A 27 -0.05 28.01 32.06
CA HIS A 27 -1.31 27.49 31.55
C HIS A 27 -1.06 27.02 30.12
N ALA A 28 -1.68 25.92 29.75
CA ALA A 28 -1.52 25.35 28.42
C ALA A 28 -2.88 24.96 27.88
N THR A 29 -2.98 24.94 26.55
CA THR A 29 -4.25 24.72 25.88
C THR A 29 -4.06 23.80 24.70
N THR A 30 -4.73 22.67 24.72
CA THR A 30 -4.73 21.73 23.61
C THR A 30 -6.02 21.89 22.84
N ILE A 31 -5.92 22.28 21.57
CA ILE A 31 -7.07 22.52 20.73
C ILE A 31 -7.06 21.54 19.57
N THR A 32 -8.22 21.00 19.24
CA THR A 32 -8.37 20.02 18.18
C THR A 32 -8.96 20.69 16.95
N LEU A 33 -8.18 20.76 15.88
CA LEU A 33 -8.52 21.54 14.70
C LEU A 33 -8.59 20.62 13.49
N GLN A 34 -9.69 20.67 12.78
CA GLN A 34 -9.72 20.16 11.42
C GLN A 34 -9.27 21.29 10.51
N PRO A 35 -8.15 21.14 9.80
CA PRO A 35 -7.47 22.32 9.26
C PRO A 35 -8.35 23.17 8.37
N LEU A 36 -8.82 22.59 7.27
CA LEU A 36 -9.97 23.10 6.54
C LEU A 36 -9.86 24.58 6.20
N GLN A 37 -8.66 25.14 6.20
CA GLN A 37 -8.47 26.56 5.95
C GLN A 37 -9.39 27.40 6.83
N GLN A 38 -9.39 27.07 8.12
CA GLN A 38 -10.28 27.71 9.08
C GLN A 38 -9.77 29.11 9.39
N GLN A 39 -10.42 29.76 10.35
CA GLN A 39 -9.86 30.91 11.05
C GLN A 39 -10.11 30.64 12.53
N THR A 40 -9.17 29.94 13.16
CA THR A 40 -9.32 29.54 14.55
C THR A 40 -8.79 30.66 15.43
N CYS A 41 -9.69 31.30 16.17
CA CYS A 41 -9.31 32.40 17.02
C CYS A 41 -9.07 31.94 18.45
N LEU A 42 -8.36 32.77 19.20
CA LEU A 42 -8.04 32.50 20.59
C LEU A 42 -7.86 33.82 21.31
N THR A 43 -8.04 33.80 22.62
CA THR A 43 -7.97 34.99 23.44
C THR A 43 -7.02 34.75 24.60
N LEU A 44 -6.05 35.63 24.74
CA LEU A 44 -5.03 35.53 25.77
C LEU A 44 -5.41 36.37 26.98
N ASN A 45 -4.92 35.97 28.14
CA ASN A 45 -5.10 36.84 29.29
C ASN A 45 -4.31 36.33 30.49
N ASP A 46 -3.84 37.28 31.29
CA ASP A 46 -3.27 37.02 32.59
C ASP A 46 -4.28 37.37 33.68
N PRO A 47 -3.98 37.05 34.94
CA PRO A 47 -4.90 37.45 36.01
C PRO A 47 -5.08 38.96 36.12
N GLU A 48 -4.07 39.74 35.74
CA GLU A 48 -4.10 41.17 35.98
C GLU A 48 -4.87 41.92 34.89
N LYS A 49 -4.38 41.86 33.66
CA LYS A 49 -4.97 42.59 32.53
C LYS A 49 -5.64 41.57 31.62
N ARG A 50 -6.94 41.40 31.82
CA ARG A 50 -7.69 40.35 31.15
C ARG A 50 -7.74 40.53 29.63
N PRO A 51 -7.62 41.73 29.08
CA PRO A 51 -7.36 41.85 27.65
C PRO A 51 -5.88 41.88 27.35
N MET A 52 -5.41 41.00 26.47
CA MET A 52 -4.01 40.96 26.09
C MET A 52 -3.79 40.71 24.61
N GLY A 53 -4.84 40.64 23.81
CA GLY A 53 -4.67 40.48 22.38
C GLY A 53 -5.22 39.17 21.86
N MET A 54 -5.77 39.19 20.65
CA MET A 54 -6.31 37.99 20.04
C MET A 54 -5.23 37.28 19.24
N LEU A 55 -5.38 35.98 19.14
CA LEU A 55 -4.47 35.10 18.42
C LEU A 55 -5.26 34.38 17.35
N THR A 56 -4.63 34.11 16.22
CA THR A 56 -5.31 33.52 15.09
C THR A 56 -4.43 32.46 14.46
N VAL A 57 -5.00 31.30 14.23
CA VAL A 57 -4.32 30.18 13.61
C VAL A 57 -5.10 29.77 12.37
N LYS A 58 -4.39 29.55 11.27
CA LYS A 58 -4.98 29.18 9.99
C LYS A 58 -4.13 28.07 9.43
N PRO A 59 -4.44 26.82 9.76
CA PRO A 59 -3.66 25.70 9.24
C PRO A 59 -3.95 25.46 7.77
N ASP A 60 -2.90 25.38 6.97
CA ASP A 60 -3.01 25.12 5.55
C ASP A 60 -3.22 23.65 5.26
N GLY A 61 -3.45 22.84 6.28
CA GLY A 61 -3.68 21.43 6.13
C GLY A 61 -2.58 20.60 6.76
N ILE A 62 -2.72 19.30 6.62
CA ILE A 62 -1.76 18.32 7.08
C ILE A 62 -1.12 17.74 5.83
N LYS A 63 0.18 17.97 5.65
CA LYS A 63 0.84 17.61 4.41
C LYS A 63 1.89 16.54 4.66
N PHE A 64 2.18 15.81 3.59
CA PHE A 64 3.16 14.73 3.59
C PHE A 64 4.17 15.05 2.50
N ARG A 65 5.42 15.20 2.91
CA ARG A 65 6.50 15.31 1.94
C ARG A 65 6.89 13.93 1.45
N CYS A 66 7.35 13.87 0.21
CA CYS A 66 7.81 12.62 -0.37
C CYS A 66 9.30 12.46 -0.17
N ASN A 67 9.71 11.20 -0.08
CA ASN A 67 11.11 10.82 -0.02
C ASN A 67 11.31 9.88 -1.20
N LYS A 68 11.79 10.45 -2.30
CA LYS A 68 11.75 9.77 -3.58
C LYS A 68 12.47 8.44 -3.51
N LYS A 69 12.24 7.65 -4.56
CA LYS A 69 13.07 6.50 -4.86
C LYS A 69 13.08 6.37 -6.39
N ILE A 70 14.07 6.99 -7.01
CA ILE A 70 14.18 6.93 -8.46
C ILE A 70 14.52 5.49 -8.83
N GLU A 71 13.58 4.83 -9.48
CA GLU A 71 13.67 3.40 -9.73
C GLU A 71 13.92 3.05 -11.18
N PHE A 72 13.45 3.87 -12.11
CA PHE A 72 13.10 3.36 -13.43
C PHE A 72 13.02 4.53 -14.39
N PHE A 73 13.96 4.61 -15.32
CA PHE A 73 13.93 5.64 -16.34
C PHE A 73 13.44 5.05 -17.66
N THR A 74 12.75 5.87 -18.44
CA THR A 74 12.24 5.42 -19.72
C THR A 74 12.13 6.62 -20.65
N ARG A 75 11.64 6.36 -21.86
CA ARG A 75 11.55 7.38 -22.89
C ARG A 75 10.40 7.02 -23.83
N ASP A 76 9.79 8.06 -24.39
CA ASP A 76 8.86 7.85 -25.49
C ASP A 76 9.52 6.98 -26.54
N HIS A 77 8.96 5.80 -26.77
CA HIS A 77 9.62 4.79 -27.58
C HIS A 77 8.65 4.26 -28.63
N GLN A 78 9.24 3.74 -29.70
CA GLN A 78 8.51 3.12 -30.79
C GLN A 78 9.32 1.90 -31.21
N ILE A 79 8.74 0.72 -31.04
CA ILE A 79 9.44 -0.51 -31.31
C ILE A 79 9.21 -0.89 -32.77
N VAL A 80 10.29 -1.25 -33.45
CA VAL A 80 10.22 -1.60 -34.87
C VAL A 80 10.86 -2.95 -35.12
N SER A 81 10.61 -3.46 -36.32
CA SER A 81 11.01 -4.78 -36.74
C SER A 81 11.93 -4.68 -37.95
N GLU A 82 12.50 -5.82 -38.31
CA GLU A 82 13.31 -5.93 -39.50
C GLU A 82 13.60 -7.39 -39.75
N SER A 83 13.85 -7.73 -41.00
CA SER A 83 14.07 -9.13 -41.34
C SER A 83 14.82 -9.22 -42.65
N VAL A 84 15.43 -10.37 -42.87
CA VAL A 84 16.13 -10.65 -44.11
C VAL A 84 16.26 -12.17 -44.24
N HIS A 85 15.95 -12.69 -45.42
CA HIS A 85 15.99 -14.13 -45.64
C HIS A 85 16.85 -14.44 -46.86
N ARG A 86 17.47 -15.61 -46.82
CA ARG A 86 18.43 -16.04 -47.83
C ARG A 86 18.01 -17.40 -48.37
N CYS A 87 18.67 -17.82 -49.43
CA CYS A 87 18.50 -19.17 -49.94
C CYS A 87 19.42 -20.10 -49.16
N HIS A 88 19.51 -21.35 -49.61
CA HIS A 88 20.36 -22.35 -48.98
C HIS A 88 21.83 -22.13 -49.35
N ARG A 89 22.71 -22.69 -48.51
CA ARG A 89 24.15 -22.65 -48.76
C ARG A 89 24.61 -21.24 -49.12
N ALA A 90 24.21 -20.28 -48.30
CA ALA A 90 24.55 -18.89 -48.55
C ALA A 90 24.53 -18.14 -47.22
N GLY A 91 25.44 -17.18 -47.08
CA GLY A 91 25.54 -16.42 -45.85
C GLY A 91 25.81 -17.30 -44.64
N SER A 92 24.85 -17.33 -43.72
CA SER A 92 24.93 -18.18 -42.53
C SER A 92 23.85 -19.24 -42.51
N CYS A 93 23.27 -19.55 -43.68
CA CYS A 93 22.16 -20.51 -43.78
C CYS A 93 22.74 -21.88 -44.16
N HIS A 94 23.30 -22.54 -43.16
CA HIS A 94 23.83 -23.88 -43.33
C HIS A 94 23.72 -24.59 -41.97
N SER A 95 24.42 -25.72 -41.84
CA SER A 95 24.05 -26.77 -40.90
C SER A 95 23.48 -26.21 -39.60
N ASP A 96 24.32 -25.53 -38.81
CA ASP A 96 23.85 -25.00 -37.53
C ASP A 96 24.37 -23.58 -37.27
N GLU A 97 24.70 -22.82 -38.31
CA GLU A 97 25.26 -21.49 -38.10
C GLU A 97 24.17 -20.47 -37.79
N CYS A 98 23.04 -20.56 -38.47
CA CYS A 98 21.88 -19.74 -38.11
C CYS A 98 21.22 -20.25 -36.85
N HIS A 99 21.44 -21.52 -36.52
CA HIS A 99 20.82 -22.14 -35.35
C HIS A 99 21.56 -21.79 -34.07
N HIS A 100 22.83 -21.40 -34.17
CA HIS A 100 23.62 -20.96 -33.01
C HIS A 100 23.70 -19.45 -32.91
N VAL A 101 22.80 -18.73 -33.58
CA VAL A 101 22.80 -17.27 -33.48
C VAL A 101 22.56 -16.85 -32.05
N LYS A 102 23.28 -15.84 -31.61
CA LYS A 102 23.11 -15.31 -30.27
C LYS A 102 21.95 -14.33 -30.24
N ASP A 103 21.44 -14.08 -29.03
CA ASP A 103 20.30 -13.20 -28.87
C ASP A 103 20.66 -11.76 -29.26
N THR A 104 21.79 -11.25 -28.74
CA THR A 104 22.23 -9.90 -29.01
C THR A 104 23.29 -9.85 -30.11
N ASP A 105 23.21 -10.74 -31.09
CA ASP A 105 24.18 -10.79 -32.17
C ASP A 105 23.83 -9.74 -33.21
N ALA A 106 24.65 -8.69 -33.30
CA ALA A 106 24.51 -7.68 -34.33
C ALA A 106 25.06 -8.25 -35.63
N LEU A 107 24.16 -8.72 -36.49
CA LEU A 107 24.59 -9.44 -37.68
C LEU A 107 25.06 -8.47 -38.76
N PRO A 108 26.13 -8.82 -39.51
CA PRO A 108 26.51 -8.07 -40.71
C PRO A 108 25.71 -8.48 -41.95
N GLU A 109 24.40 -8.64 -41.78
CA GLU A 109 23.52 -9.08 -42.85
C GLU A 109 22.35 -8.10 -42.93
N PHE A 110 22.58 -7.00 -43.65
CA PHE A 110 21.57 -5.99 -43.94
C PHE A 110 20.96 -5.39 -42.68
N SER A 111 21.57 -5.60 -41.52
CA SER A 111 21.14 -4.89 -40.31
C SER A 111 21.58 -3.43 -40.43
N SER A 112 20.62 -2.52 -40.46
CA SER A 112 20.89 -1.14 -40.80
C SER A 112 21.73 -0.48 -39.70
N GLU A 113 22.06 0.79 -39.94
CA GLU A 113 22.85 1.57 -38.98
C GLU A 113 22.30 1.49 -37.57
N ALA A 114 21.00 1.25 -37.42
CA ALA A 114 20.36 1.17 -36.11
C ALA A 114 20.64 -0.16 -35.41
N ASN A 115 21.56 -0.96 -35.92
CA ASN A 115 21.86 -2.25 -35.31
C ASN A 115 22.25 -2.10 -33.85
N SER A 116 22.95 -1.01 -33.51
CA SER A 116 23.42 -0.85 -32.13
C SER A 116 22.27 -0.72 -31.15
N ARG A 117 21.15 -0.17 -31.59
CA ARG A 117 20.05 0.08 -30.67
C ARG A 117 19.54 -1.24 -30.10
N PRO A 118 19.12 -1.26 -28.84
CA PRO A 118 18.80 -2.53 -28.19
C PRO A 118 17.73 -3.31 -28.93
N GLY A 119 17.67 -4.60 -28.64
CA GLY A 119 16.67 -5.44 -29.28
C GLY A 119 16.98 -6.92 -29.13
N TYR A 120 16.54 -7.69 -30.11
CA TYR A 120 16.69 -9.13 -30.08
C TYR A 120 16.76 -9.69 -31.50
N THR A 121 17.49 -10.80 -31.63
CA THR A 121 17.66 -11.49 -32.90
C THR A 121 16.99 -12.86 -32.83
N SER A 122 16.75 -13.43 -34.00
CA SER A 122 16.10 -14.74 -34.07
C SER A 122 16.34 -15.36 -35.44
N CYS A 123 16.39 -16.69 -35.45
CA CYS A 123 16.59 -17.47 -36.67
C CYS A 123 15.40 -18.40 -36.84
N SER A 124 14.63 -18.16 -37.89
CA SER A 124 13.54 -19.06 -38.26
C SER A 124 13.94 -19.87 -39.50
N SER A 125 13.15 -20.89 -39.79
CA SER A 125 13.42 -21.78 -40.93
C SER A 125 12.09 -22.09 -41.60
N SER A 126 11.83 -21.43 -42.72
CA SER A 126 10.63 -21.68 -43.49
C SER A 126 10.90 -22.69 -44.60
N CYS A 127 9.85 -23.10 -45.28
CA CYS A 127 10.00 -24.04 -46.40
C CYS A 127 11.07 -23.54 -47.35
N GLY A 128 11.78 -24.49 -47.95
CA GLY A 128 12.66 -24.19 -49.05
C GLY A 128 12.36 -25.12 -50.22
N CYS A 129 11.95 -24.55 -51.34
CA CYS A 129 11.66 -25.35 -52.52
C CYS A 129 11.50 -24.40 -53.70
N ILE A 130 11.33 -24.98 -54.89
CA ILE A 130 11.32 -24.20 -56.12
C ILE A 130 10.04 -23.40 -56.29
N THR A 131 9.10 -23.51 -55.35
CA THR A 131 7.91 -22.68 -55.35
C THR A 131 7.68 -22.02 -53.98
N CYS A 132 8.62 -22.16 -53.05
CA CYS A 132 8.50 -21.52 -51.74
C CYS A 132 9.17 -20.15 -51.70
N ASP A 133 10.38 -20.01 -52.24
CA ASP A 133 11.03 -18.71 -52.32
C ASP A 133 11.56 -18.44 -53.72
N GLY A 134 11.90 -19.49 -54.45
CA GLY A 134 12.43 -19.38 -55.79
C GLY A 134 13.87 -19.82 -55.98
N CYS A 135 14.49 -20.45 -54.97
CA CYS A 135 15.81 -21.02 -55.14
C CYS A 135 15.69 -22.25 -56.02
N PHE A 136 16.81 -22.97 -56.25
CA PHE A 136 16.81 -24.12 -57.14
C PHE A 136 16.76 -25.45 -56.42
N PHE A 137 17.22 -25.52 -55.18
CA PHE A 137 17.15 -26.74 -54.38
C PHE A 137 16.07 -26.58 -53.31
N CYS A 138 15.56 -27.72 -52.85
CA CYS A 138 14.46 -27.74 -51.89
C CYS A 138 15.01 -27.89 -50.48
N GLU A 139 15.76 -26.87 -50.06
CA GLU A 139 16.38 -26.83 -48.74
C GLU A 139 15.83 -25.64 -47.95
N PRO A 140 15.50 -25.83 -46.67
CA PRO A 140 14.80 -24.78 -45.92
C PRO A 140 15.46 -23.42 -46.07
N SER A 141 14.64 -22.38 -45.95
CA SER A 141 15.09 -21.00 -46.05
C SER A 141 15.27 -20.45 -44.65
N CYS A 142 16.50 -20.08 -44.30
CA CYS A 142 16.77 -19.44 -43.03
C CYS A 142 16.33 -17.99 -43.08
N LEU A 143 15.77 -17.52 -41.98
CA LEU A 143 15.18 -16.19 -41.89
C LEU A 143 15.77 -15.51 -40.66
N PHE A 144 16.63 -14.51 -40.89
CA PHE A 144 17.17 -13.70 -39.82
C PHE A 144 16.17 -12.60 -39.50
N HIS A 145 15.84 -12.43 -38.23
CA HIS A 145 14.84 -11.47 -37.82
C HIS A 145 15.37 -10.67 -36.64
N ARG A 146 15.13 -9.37 -36.64
CA ARG A 146 15.69 -8.46 -35.67
C ARG A 146 14.64 -7.45 -35.24
N LEU A 147 14.35 -7.43 -33.94
CA LEU A 147 13.51 -6.40 -33.34
C LEU A 147 14.39 -5.41 -32.62
N TYR A 148 14.00 -4.13 -32.65
CA TYR A 148 14.67 -3.15 -31.82
C TYR A 148 13.70 -2.01 -31.54
N ALA A 149 14.21 -0.96 -30.92
CA ALA A 149 13.38 0.13 -30.43
C ALA A 149 14.06 1.46 -30.69
N ILE A 150 13.32 2.38 -31.30
CA ILE A 150 13.82 3.73 -31.51
C ILE A 150 13.16 4.64 -30.49
N PRO A 151 13.77 5.77 -30.17
CA PRO A 151 13.07 6.81 -29.43
C PRO A 151 12.27 7.69 -30.37
N THR A 152 11.42 8.52 -29.78
CA THR A 152 10.61 9.46 -30.54
C THR A 152 10.91 10.90 -30.19
N THR A 153 10.91 11.25 -28.91
CA THR A 153 11.11 12.62 -28.49
C THR A 153 12.35 12.72 -27.60
N PRO A 154 13.14 13.78 -27.75
CA PRO A 154 14.37 13.94 -26.96
C PRO A 154 14.10 14.36 -25.52
N THR A 155 13.38 13.51 -24.80
CA THR A 155 13.10 13.75 -23.39
C THR A 155 13.28 12.44 -22.63
N ILE A 156 13.19 12.54 -21.31
CA ILE A 156 13.35 11.40 -20.43
C ILE A 156 12.24 11.40 -19.41
N TYR A 157 11.91 10.21 -18.92
CA TYR A 157 10.80 10.00 -18.01
C TYR A 157 11.31 9.29 -16.76
N SER A 158 11.08 9.89 -15.61
CA SER A 158 11.51 9.37 -14.33
C SER A 158 10.32 8.78 -13.61
N ILE A 159 10.34 7.48 -13.41
CA ILE A 159 9.31 6.79 -12.64
C ILE A 159 9.81 6.67 -11.21
N PHE A 160 8.93 6.85 -10.24
CA PHE A 160 9.37 6.65 -8.87
C PHE A 160 8.17 6.47 -7.97
N TYR A 161 8.30 5.53 -7.04
CA TYR A 161 7.35 5.40 -5.95
C TYR A 161 7.77 6.35 -4.85
N CYS A 162 7.17 6.23 -3.70
CA CYS A 162 7.53 7.13 -2.63
C CYS A 162 7.21 6.51 -1.28
N PRO A 163 8.14 5.79 -0.69
CA PRO A 163 7.96 5.33 0.69
C PRO A 163 8.36 6.36 1.71
N SER A 164 7.90 6.12 2.93
CA SER A 164 8.26 6.94 4.09
C SER A 164 7.92 8.41 3.86
N TRP A 165 6.67 8.65 3.48
CA TRP A 165 6.18 10.02 3.44
C TRP A 165 6.26 10.64 4.83
N GLU A 166 6.78 11.85 4.90
CA GLU A 166 7.07 12.48 6.17
C GLU A 166 6.02 13.53 6.50
N LEU A 167 5.72 13.65 7.78
CA LEU A 167 4.64 14.51 8.25
C LEU A 167 5.11 15.95 8.34
N GLU A 168 4.23 16.89 8.01
CA GLU A 168 4.49 18.30 8.24
C GLU A 168 3.16 19.04 8.32
N VAL A 169 3.17 20.17 9.01
CA VAL A 169 1.98 21.00 9.17
C VAL A 169 2.41 22.46 9.12
N ASP A 170 2.06 23.16 8.04
CA ASP A 170 2.36 24.57 7.92
C ASP A 170 1.11 25.38 8.26
N ALA A 171 1.30 26.42 9.06
CA ALA A 171 0.19 27.22 9.54
C ALA A 171 0.49 28.70 9.42
N GLU A 172 -0.46 29.45 8.86
CA GLU A 172 -0.40 30.90 8.88
C GLU A 172 -0.93 31.39 10.22
N ILE A 173 -0.07 32.04 10.99
CA ILE A 173 -0.35 32.32 12.39
C ILE A 173 -0.18 33.81 12.63
N SER A 174 -1.28 34.47 12.98
CA SER A 174 -1.30 35.90 13.16
C SER A 174 -1.68 36.25 14.58
N LEU A 175 -1.40 37.49 14.97
CA LEU A 175 -1.67 37.98 16.30
C LEU A 175 -2.03 39.46 16.23
N GLN A 176 -3.00 39.86 17.04
CA GLN A 176 -3.56 41.21 16.97
C GLN A 176 -3.81 41.70 18.39
N ARG A 177 -2.85 42.47 18.93
CA ARG A 177 -2.97 42.92 20.32
C ARG A 177 -3.87 44.14 20.44
N GLU A 178 -3.46 45.22 19.82
CA GLU A 178 -4.23 46.47 19.87
C GLU A 178 -4.37 47.13 18.51
N ASP A 179 -3.30 47.17 17.73
CA ASP A 179 -3.27 47.95 16.50
C ASP A 179 -2.80 47.17 15.28
N GLU A 180 -1.84 46.26 15.45
CA GLU A 180 -1.07 45.74 14.33
C GLU A 180 -1.32 44.24 14.18
N THR A 181 -0.55 43.64 13.27
CA THR A 181 -0.76 42.26 12.84
C THR A 181 0.54 41.72 12.30
N THR A 182 1.00 40.60 12.87
CA THR A 182 2.30 40.03 12.53
C THR A 182 2.22 38.94 11.48
N THR A 183 1.21 38.09 11.54
CA THR A 183 0.90 37.10 10.51
C THR A 183 2.15 36.41 9.98
N SER A 184 2.86 35.74 10.89
CA SER A 184 3.98 34.92 10.50
C SER A 184 3.49 33.59 9.93
N THR A 185 4.44 32.74 9.55
CA THR A 185 4.16 31.43 9.01
C THR A 185 5.06 30.42 9.71
N ILE A 186 4.48 29.29 10.12
CA ILE A 186 5.18 28.35 10.98
C ILE A 186 5.11 26.95 10.37
N ARG A 187 6.15 26.18 10.64
CA ARG A 187 6.30 24.81 10.14
C ARG A 187 6.39 23.88 11.34
N LEU A 188 5.25 23.33 11.74
CA LEU A 188 5.16 22.38 12.82
C LEU A 188 5.48 20.97 12.36
N LEU A 189 6.18 20.25 13.20
CA LEU A 189 6.56 18.87 12.98
C LEU A 189 6.08 18.03 14.16
N PRO A 190 6.06 16.70 14.02
CA PRO A 190 5.25 15.87 14.90
C PRO A 190 5.59 15.95 16.37
N GLY A 191 6.78 16.37 16.75
CA GLY A 191 7.08 16.47 18.17
C GLY A 191 7.95 17.66 18.54
N ARG A 192 8.30 18.48 17.56
CA ARG A 192 9.36 19.46 17.71
C ARG A 192 8.70 20.81 17.96
N THR A 193 8.76 21.26 19.21
CA THR A 193 8.08 22.47 19.63
C THR A 193 8.72 23.70 19.00
N SER A 194 8.05 24.26 18.00
CA SER A 194 8.52 25.49 17.41
C SER A 194 8.12 26.68 18.27
N THR A 195 8.73 27.81 17.97
CA THR A 195 8.51 29.05 18.74
C THR A 195 8.54 30.21 17.75
N TRP A 196 7.37 30.68 17.36
CA TRP A 196 7.32 31.77 16.41
C TRP A 196 7.75 33.09 17.05
N ASN A 197 6.92 33.64 17.94
CA ASN A 197 7.32 34.91 18.51
C ASN A 197 7.56 34.76 19.99
N ASN A 198 6.53 34.33 20.73
CA ASN A 198 6.66 34.15 22.17
C ASN A 198 5.87 32.95 22.69
N ILE A 199 5.42 32.05 21.82
CA ILE A 199 4.54 30.95 22.22
C ILE A 199 5.02 29.69 21.54
N ARG A 200 4.84 28.57 22.23
CA ARG A 200 5.37 27.28 21.83
C ARG A 200 4.23 26.45 21.25
N PHE A 201 4.39 26.04 19.99
CA PHE A 201 3.43 25.20 19.30
C PHE A 201 4.00 23.81 19.14
N SER A 202 3.18 22.80 19.40
CA SER A 202 3.59 21.41 19.26
C SER A 202 2.45 20.57 18.68
N LEU A 203 2.83 19.64 17.80
CA LEU A 203 1.89 18.76 17.11
C LEU A 203 1.70 17.50 17.94
N ILE A 204 0.67 17.53 18.79
CA ILE A 204 0.44 16.44 19.73
C ILE A 204 -0.31 15.29 19.09
N GLY A 205 -1.14 15.55 18.09
CA GLY A 205 -1.95 14.47 17.54
C GLY A 205 -2.26 14.64 16.07
N THR A 206 -2.38 13.50 15.40
CA THR A 206 -2.73 13.44 13.99
C THR A 206 -3.67 12.26 13.79
N ILE A 207 -4.79 12.51 13.12
CA ILE A 207 -5.82 11.51 12.94
C ILE A 207 -6.04 11.28 11.46
N VAL A 208 -4.97 11.42 10.67
CA VAL A 208 -5.03 11.24 9.24
C VAL A 208 -5.82 9.99 8.90
N PRO A 209 -6.58 9.99 7.81
CA PRO A 209 -7.21 8.76 7.36
C PRO A 209 -6.26 7.85 6.62
N GLN A 210 -6.50 6.56 6.74
CA GLN A 210 -5.76 5.56 6.01
C GLN A 210 -6.02 5.76 4.52
N LEU A 211 -5.03 6.28 3.78
CA LEU A 211 -5.21 6.63 2.37
C LEU A 211 -4.15 5.92 1.52
N PRO A 212 -4.43 4.74 1.03
CA PRO A 212 -3.50 4.00 0.18
C PRO A 212 -3.51 4.37 -1.29
N ILE A 213 -3.48 5.67 -1.57
CA ILE A 213 -3.04 6.18 -2.86
C ILE A 213 -1.62 6.72 -2.76
N LEU A 214 -1.08 6.79 -1.55
CA LEU A 214 0.22 7.33 -1.28
C LEU A 214 1.35 6.38 -1.66
N SER A 215 1.02 5.24 -2.24
CA SER A 215 2.00 4.26 -2.69
C SER A 215 1.66 3.93 -4.12
N SER A 216 2.15 4.76 -5.04
CA SER A 216 1.82 4.59 -6.44
C SER A 216 2.82 5.36 -7.29
N ALA A 217 3.03 4.87 -8.50
CA ALA A 217 4.09 5.37 -9.35
C ALA A 217 3.79 6.81 -9.76
N PHE A 218 4.55 7.75 -9.21
CA PHE A 218 4.59 9.08 -9.75
C PHE A 218 5.57 9.11 -10.90
N VAL A 219 5.09 9.46 -12.08
CA VAL A 219 5.93 9.64 -13.24
C VAL A 219 6.18 11.13 -13.42
N THR A 220 7.37 11.44 -13.93
CA THR A 220 7.80 12.83 -14.12
C THR A 220 8.43 12.98 -15.49
N ASN A 221 7.85 13.86 -16.28
CA ASN A 221 8.50 14.42 -17.46
C ASN A 221 9.04 15.81 -17.14
N GLY A 222 10.16 15.80 -16.44
CA GLY A 222 10.78 17.02 -15.98
C GLY A 222 9.84 17.87 -15.13
N ARG A 223 9.33 18.94 -15.72
CA ARG A 223 8.43 19.83 -15.01
C ARG A 223 7.05 19.22 -14.77
N GLN A 224 6.64 18.25 -15.58
CA GLN A 224 5.30 17.70 -15.50
C GLN A 224 5.34 16.38 -14.74
N THR A 225 4.21 16.02 -14.13
CA THR A 225 4.13 14.77 -13.39
C THR A 225 2.72 14.20 -13.48
N SER A 226 2.56 12.99 -12.96
CA SER A 226 1.27 12.32 -12.94
C SER A 226 1.39 11.06 -12.10
N ILE A 227 0.23 10.46 -11.83
CA ILE A 227 0.15 9.18 -11.12
C ILE A 227 -0.19 8.11 -12.15
N VAL A 228 0.30 6.89 -11.92
CA VAL A 228 0.19 5.84 -12.92
C VAL A 228 0.06 4.49 -12.24
N LYS A 229 -0.48 3.54 -12.99
CA LYS A 229 -0.57 2.18 -12.52
C LYS A 229 0.83 1.60 -12.33
N PRO A 230 1.11 0.95 -11.21
CA PRO A 230 2.50 0.63 -10.88
C PRO A 230 3.18 -0.22 -11.93
N ALA A 231 4.49 -0.01 -12.04
CA ALA A 231 5.39 -0.86 -12.81
C ALA A 231 6.68 -0.97 -12.03
N TYR A 232 7.28 -2.15 -12.07
CA TYR A 232 8.40 -2.48 -11.20
C TYR A 232 9.66 -2.76 -12.01
N ALA A 233 10.79 -2.46 -11.38
CA ALA A 233 12.09 -2.58 -12.01
C ALA A 233 12.41 -4.03 -12.31
N GLY A 234 12.47 -4.37 -13.59
CA GLY A 234 12.94 -5.67 -14.03
C GLY A 234 11.87 -6.59 -14.56
N GLN A 235 10.61 -6.17 -14.55
CA GLN A 235 9.51 -7.03 -14.94
C GLN A 235 8.97 -6.72 -16.33
N LEU A 236 9.21 -5.53 -16.84
CA LEU A 236 8.84 -5.18 -18.21
C LEU A 236 7.36 -5.43 -18.44
N GLN A 237 6.55 -5.05 -17.45
CA GLN A 237 5.10 -5.22 -17.54
C GLN A 237 4.57 -4.46 -18.73
N SER A 238 4.14 -5.18 -19.75
CA SER A 238 3.77 -4.56 -21.01
C SER A 238 2.64 -3.57 -20.84
N ASN A 239 2.52 -2.68 -21.82
CA ASN A 239 1.41 -1.75 -21.95
C ASN A 239 1.22 -0.86 -20.73
N SER A 240 2.25 -0.73 -19.90
CA SER A 240 2.24 0.24 -18.82
C SER A 240 3.51 1.05 -18.90
N VAL A 241 3.62 2.06 -18.04
CA VAL A 241 4.80 2.90 -18.08
C VAL A 241 6.00 2.00 -17.90
N GLY A 242 6.82 1.91 -18.93
CA GLY A 242 8.08 1.23 -18.80
C GLY A 242 8.07 -0.23 -19.19
N GLN A 243 7.61 -0.53 -20.39
CA GLN A 243 8.07 -1.72 -21.05
C GLN A 243 9.48 -1.55 -21.59
N LEU A 244 10.09 -0.39 -21.35
CA LEU A 244 11.52 -0.16 -21.54
C LEU A 244 12.15 0.10 -20.18
N GLN A 245 13.28 -0.54 -19.93
CA GLN A 245 13.98 -0.42 -18.66
C GLN A 245 15.28 0.36 -18.89
N CYS A 246 15.28 1.63 -18.49
CA CYS A 246 16.49 2.44 -18.53
C CYS A 246 16.92 2.71 -17.09
N PRO A 247 18.05 2.18 -16.65
CA PRO A 247 18.43 2.33 -15.24
C PRO A 247 18.95 3.70 -14.86
N ASN A 248 19.83 4.27 -15.69
CA ASN A 248 20.48 5.54 -15.37
C ASN A 248 20.04 6.64 -16.33
N LEU A 249 20.07 7.86 -15.82
CA LEU A 249 19.76 9.02 -16.63
C LEU A 249 20.69 9.10 -17.83
N GLU A 250 22.00 9.02 -17.57
CA GLU A 250 22.96 8.97 -18.66
C GLU A 250 22.74 7.75 -19.54
N ALA A 251 22.25 6.65 -18.95
CA ALA A 251 21.93 5.48 -19.74
C ALA A 251 20.69 5.69 -20.60
N ALA A 252 19.89 6.69 -20.26
CA ALA A 252 18.73 7.02 -21.09
C ALA A 252 19.13 7.96 -22.22
N LYS A 253 19.83 9.04 -21.89
CA LYS A 253 20.22 10.01 -22.91
C LYS A 253 21.04 9.34 -24.00
N GLN A 254 22.07 8.59 -23.61
CA GLN A 254 22.78 7.76 -24.58
C GLN A 254 21.89 6.64 -25.11
N PHE A 255 20.78 6.36 -24.43
CA PHE A 255 19.82 5.36 -24.86
C PHE A 255 20.45 3.98 -24.96
N GLU A 256 20.89 3.48 -23.80
CA GLU A 256 21.24 2.08 -23.62
C GLU A 256 20.20 1.53 -22.66
N CYS A 257 19.06 1.10 -23.21
CA CYS A 257 17.88 0.81 -22.43
C CYS A 257 17.28 -0.50 -22.91
N HIS A 258 17.09 -1.42 -21.96
CA HIS A 258 16.59 -2.75 -22.29
C HIS A 258 15.08 -2.77 -22.30
N PHE A 259 14.52 -3.54 -23.23
CA PHE A 259 13.12 -3.93 -23.21
C PHE A 259 13.05 -5.42 -23.43
N SER A 260 11.85 -5.97 -23.31
CA SER A 260 11.65 -7.40 -23.34
C SER A 260 10.79 -7.80 -24.52
N ARG A 261 10.89 -9.07 -24.88
CA ARG A 261 9.92 -9.67 -25.77
C ARG A 261 8.62 -9.84 -24.99
N ASN A 262 7.65 -10.52 -25.59
CA ASN A 262 6.27 -10.61 -25.17
C ASN A 262 5.52 -9.32 -25.49
N LEU A 263 6.20 -8.28 -26.00
CA LEU A 263 5.52 -7.10 -26.50
C LEU A 263 5.05 -7.33 -27.93
N CYS A 264 5.99 -7.54 -28.84
CA CYS A 264 5.72 -7.65 -30.25
C CYS A 264 5.68 -9.13 -30.60
N THR A 265 4.48 -9.64 -30.86
CA THR A 265 4.32 -11.06 -31.17
C THR A 265 4.48 -11.23 -32.67
N CYS A 266 5.62 -11.76 -33.07
CA CYS A 266 5.92 -11.95 -34.48
C CYS A 266 5.26 -13.22 -35.00
N THR A 267 4.85 -13.16 -36.26
CA THR A 267 4.30 -14.31 -36.95
C THR A 267 4.89 -14.35 -38.35
N ASN A 268 5.38 -15.54 -38.73
CA ASN A 268 6.23 -15.68 -39.90
C ASN A 268 5.42 -15.67 -41.19
N ALA A 269 6.03 -15.11 -42.23
CA ALA A 269 5.50 -15.19 -43.58
C ALA A 269 6.58 -15.50 -44.61
N LEU A 270 7.84 -15.69 -44.18
CA LEU A 270 8.96 -16.08 -45.02
C LEU A 270 9.47 -14.93 -45.89
N HIS A 271 8.70 -13.85 -46.02
CA HIS A 271 9.20 -12.64 -46.65
C HIS A 271 9.19 -11.45 -45.71
N LYS A 272 8.03 -11.13 -45.12
CA LYS A 272 7.88 -9.98 -44.22
C LYS A 272 7.19 -10.51 -42.98
N VAL A 273 7.99 -11.03 -42.03
CA VAL A 273 7.42 -11.49 -40.78
C VAL A 273 6.75 -10.33 -40.08
N SER A 274 5.51 -10.53 -39.66
CA SER A 274 4.68 -9.44 -39.13
C SER A 274 4.75 -9.46 -37.61
N CYS A 275 5.27 -8.38 -37.03
CA CYS A 275 5.42 -8.25 -35.59
C CYS A 275 4.54 -7.11 -35.13
N THR A 276 3.55 -7.42 -34.29
CA THR A 276 2.61 -6.44 -33.76
C THR A 276 2.84 -6.25 -32.28
N CYS A 277 2.91 -4.98 -31.87
CA CYS A 277 3.17 -4.61 -30.48
C CYS A 277 2.41 -3.34 -30.15
N TYR A 278 2.53 -2.91 -28.90
CA TYR A 278 1.89 -1.69 -28.43
C TYR A 278 2.76 -0.48 -28.72
N ASP A 279 2.13 0.60 -29.17
CA ASP A 279 2.82 1.85 -29.46
C ASP A 279 2.83 2.70 -28.19
N GLY A 280 3.70 2.31 -27.27
CA GLY A 280 3.76 2.95 -25.97
C GLY A 280 4.41 4.32 -25.99
N SER A 281 3.61 5.35 -25.78
CA SER A 281 4.09 6.71 -25.59
C SER A 281 3.56 7.17 -24.23
N VAL A 282 4.44 7.13 -23.24
CA VAL A 282 4.05 7.25 -21.83
C VAL A 282 3.22 8.51 -21.60
N GLU A 283 3.45 9.54 -22.42
CA GLU A 283 2.70 10.78 -22.26
C GLU A 283 1.21 10.51 -22.16
N ASP A 284 0.75 9.45 -22.82
CA ASP A 284 -0.65 9.06 -22.72
C ASP A 284 -1.00 8.66 -21.29
N HIS A 285 -0.27 7.69 -20.74
CA HIS A 285 -0.52 7.26 -19.38
C HIS A 285 -0.48 8.43 -18.42
N MET A 286 0.41 9.38 -18.68
CA MET A 286 0.44 10.59 -17.87
C MET A 286 -0.87 11.35 -18.00
N GLU A 287 -1.32 11.58 -19.23
CA GLU A 287 -2.56 12.31 -19.45
C GLU A 287 -3.77 11.59 -18.87
N ALA A 288 -3.63 10.31 -18.54
CA ALA A 288 -4.77 9.58 -17.99
C ALA A 288 -5.16 10.14 -16.62
N LEU A 289 -4.17 10.52 -15.81
CA LEU A 289 -4.46 10.94 -14.44
C LEU A 289 -3.34 11.84 -13.94
N PRO A 290 -3.32 13.09 -14.32
CA PRO A 290 -2.18 13.96 -13.99
C PRO A 290 -2.32 14.71 -12.68
N LEU A 291 -1.30 15.44 -12.34
CA LEU A 291 -1.28 16.26 -11.15
C LEU A 291 -1.43 17.73 -11.51
N PRO A 292 -1.96 18.56 -10.60
CA PRO A 292 -2.50 18.16 -9.30
C PRO A 292 -3.76 17.32 -9.44
N GLN A 293 -4.02 16.50 -8.42
CA GLN A 293 -5.07 15.49 -8.47
C GLN A 293 -5.86 15.60 -7.17
N THR A 294 -6.88 16.44 -7.18
CA THR A 294 -7.69 16.65 -6.00
C THR A 294 -8.69 15.52 -5.83
N SER A 295 -9.15 15.36 -4.59
CA SER A 295 -10.16 14.36 -4.29
C SER A 295 -10.88 14.78 -3.01
N LYS A 296 -11.66 13.86 -2.45
CA LYS A 296 -12.53 14.21 -1.35
C LYS A 296 -11.74 14.54 -0.09
N ASN A 297 -10.79 13.69 0.27
CA ASN A 297 -10.03 13.85 1.50
C ASN A 297 -8.62 14.39 1.28
N PHE A 298 -8.01 14.12 0.13
CA PHE A 298 -6.61 14.44 -0.10
C PHE A 298 -6.46 15.18 -1.41
N LEU A 299 -5.27 15.76 -1.58
CA LEU A 299 -4.82 16.24 -2.87
C LEU A 299 -3.30 16.15 -2.92
N VAL A 300 -2.80 15.79 -4.10
CA VAL A 300 -1.40 15.43 -4.30
C VAL A 300 -0.84 16.42 -5.31
N PHE A 301 0.01 17.33 -4.85
CA PHE A 301 0.54 18.37 -5.71
C PHE A 301 2.05 18.48 -5.56
N GLU A 302 2.71 18.83 -6.66
CA GLU A 302 4.14 19.09 -6.67
C GLU A 302 4.39 20.58 -6.55
N LYS A 303 5.49 20.92 -5.91
CA LYS A 303 5.86 22.30 -5.69
C LYS A 303 7.39 22.37 -5.60
N ASP A 304 8.02 22.72 -6.72
CA ASP A 304 9.47 22.77 -6.81
C ASP A 304 10.08 21.39 -6.59
N ARG A 305 9.63 20.44 -7.41
CA ARG A 305 10.29 19.15 -7.54
C ARG A 305 10.14 18.30 -6.27
N ASN A 306 9.06 18.51 -5.53
CA ASN A 306 8.81 17.75 -4.31
C ASN A 306 7.32 17.48 -4.22
N ILE A 307 6.96 16.20 -4.15
CA ILE A 307 5.56 15.79 -4.24
C ILE A 307 4.89 15.84 -2.88
N TYR A 308 4.35 17.00 -2.52
CA TYR A 308 3.59 17.06 -1.29
C TYR A 308 2.21 16.47 -1.54
N ALA A 309 1.60 15.99 -0.46
CA ALA A 309 0.20 15.55 -0.54
C ALA A 309 -0.46 15.84 0.79
N LYS A 310 -1.51 16.62 0.78
CA LYS A 310 -2.13 17.05 2.02
C LYS A 310 -3.59 16.61 2.08
N THR A 311 -4.15 16.74 3.27
CA THR A 311 -5.53 16.37 3.53
C THR A 311 -6.21 17.50 4.27
N HIS A 312 -7.52 17.64 4.05
CA HIS A 312 -8.28 18.77 4.55
C HIS A 312 -9.31 18.40 5.61
N VAL A 313 -10.21 17.46 5.32
CA VAL A 313 -11.42 17.27 6.11
C VAL A 313 -11.36 15.98 6.91
N GLY A 314 -11.00 14.86 6.28
CA GLY A 314 -11.00 13.58 6.97
C GLY A 314 -10.13 13.52 8.19
N SER A 315 -9.30 14.52 8.42
CA SER A 315 -8.32 14.52 9.50
C SER A 315 -8.60 15.64 10.48
N ALA A 316 -7.89 15.56 11.61
CA ALA A 316 -8.06 16.55 12.67
C ALA A 316 -6.74 16.64 13.43
N LEU A 317 -5.92 17.59 13.04
CA LEU A 317 -4.75 17.97 13.83
C LEU A 317 -5.15 18.20 15.28
N GLN A 318 -4.21 17.91 16.18
CA GLN A 318 -4.39 18.18 17.61
C GLN A 318 -3.17 18.94 18.07
N LEU A 319 -3.37 20.22 18.36
CA LEU A 319 -2.31 21.18 18.60
C LEU A 319 -2.27 21.54 20.07
N HIS A 320 -1.11 21.99 20.52
CA HIS A 320 -0.88 22.30 21.93
C HIS A 320 -0.11 23.59 22.02
N ILE A 321 -0.75 24.63 22.55
CA ILE A 321 -0.20 25.97 22.61
C ILE A 321 0.07 26.33 24.06
N VAL A 322 1.15 27.09 24.26
CA VAL A 322 1.55 27.57 25.57
C VAL A 322 1.89 29.06 25.42
N ALA A 323 1.10 29.90 26.08
CA ALA A 323 1.39 31.33 26.14
C ALA A 323 2.27 31.59 27.36
N GLN A 324 3.44 32.18 27.13
CA GLN A 324 4.38 32.41 28.21
C GLN A 324 3.78 33.34 29.24
N ASP A 325 3.42 32.78 30.40
CA ASP A 325 2.90 33.55 31.52
C ASP A 325 1.55 34.18 31.19
N LEU A 326 0.70 33.43 30.50
CA LEU A 326 -0.67 33.82 30.22
C LEU A 326 -1.54 32.59 30.32
N LYS A 327 -2.78 32.71 29.84
CA LYS A 327 -3.62 31.56 29.59
C LYS A 327 -4.50 31.86 28.40
N ILE A 328 -4.92 30.79 27.73
CA ILE A 328 -5.64 30.87 26.46
C ILE A 328 -7.09 30.46 26.69
N THR A 329 -7.99 31.05 25.91
CA THR A 329 -9.40 30.68 25.92
C THR A 329 -9.95 30.83 24.52
N THR A 330 -10.63 29.79 24.04
CA THR A 330 -11.17 29.83 22.70
C THR A 330 -12.39 30.75 22.66
N VAL A 331 -12.99 30.86 21.48
CA VAL A 331 -14.20 31.65 21.28
C VAL A 331 -15.16 30.84 20.44
N LYS A 332 -16.36 30.63 20.95
CA LYS A 332 -17.42 29.95 20.22
C LYS A 332 -18.26 31.00 19.51
N HIS A 333 -18.46 30.81 18.21
CA HIS A 333 -19.08 31.81 17.35
C HIS A 333 -20.43 31.28 16.89
N THR A 334 -21.47 31.54 17.68
CA THR A 334 -22.81 31.10 17.32
C THR A 334 -23.35 31.95 16.18
N SER A 335 -23.87 31.30 15.15
CA SER A 335 -24.49 32.01 14.04
C SER A 335 -25.19 31.01 13.15
N HIS A 336 -26.41 31.33 12.74
CA HIS A 336 -27.11 30.53 11.75
C HIS A 336 -26.41 30.68 10.40
N CYS A 337 -26.96 30.01 9.39
CA CYS A 337 -26.31 30.02 8.08
C CYS A 337 -27.34 29.72 7.01
N GLN A 338 -27.10 30.27 5.83
CA GLN A 338 -27.91 30.03 4.65
C GLN A 338 -27.06 29.37 3.58
N VAL A 339 -27.67 28.52 2.78
CA VAL A 339 -26.97 27.67 1.84
C VAL A 339 -27.53 27.88 0.44
N GLU A 340 -26.64 28.05 -0.54
CA GLU A 340 -26.99 28.14 -1.94
C GLU A 340 -26.33 26.97 -2.65
N ALA A 341 -27.15 26.07 -3.14
CA ALA A 341 -26.68 24.81 -3.71
C ALA A 341 -26.19 25.03 -5.14
N SER A 342 -25.98 23.93 -5.84
CA SER A 342 -25.58 23.95 -7.24
C SER A 342 -25.87 22.58 -7.83
N ASP A 343 -25.38 22.34 -9.03
CA ASP A 343 -25.58 21.09 -9.74
C ASP A 343 -24.28 20.30 -9.75
N LEU A 344 -24.40 19.00 -9.48
CA LEU A 344 -23.22 18.15 -9.49
C LEU A 344 -22.51 18.22 -10.83
N SER A 345 -21.27 17.75 -10.84
CA SER A 345 -20.44 17.84 -12.02
C SER A 345 -19.27 16.88 -11.86
N GLY A 346 -19.03 16.06 -12.89
CA GLY A 346 -17.86 15.20 -12.93
C GLY A 346 -18.25 13.74 -12.99
N CYS A 347 -17.37 12.91 -12.45
CA CYS A 347 -17.48 11.46 -12.56
C CYS A 347 -17.93 10.85 -11.25
N TYR A 348 -18.57 9.69 -11.34
CA TYR A 348 -18.98 8.91 -10.20
C TYR A 348 -18.14 7.64 -10.15
N SER A 349 -17.77 7.22 -8.95
CA SER A 349 -16.86 6.11 -8.75
C SER A 349 -15.54 6.39 -9.49
N CYS A 350 -14.89 7.45 -9.05
CA CYS A 350 -13.59 7.84 -9.57
C CYS A 350 -12.76 8.44 -8.45
N THR A 351 -11.44 8.35 -8.61
CA THR A 351 -10.55 8.92 -7.61
C THR A 351 -10.80 10.41 -7.42
N SER A 352 -11.31 11.08 -8.45
CA SER A 352 -11.77 12.45 -8.29
C SER A 352 -13.16 12.44 -7.66
N GLY A 353 -13.57 13.61 -7.17
CA GLY A 353 -14.81 13.74 -6.47
C GLY A 353 -15.91 14.33 -7.34
N ALA A 354 -17.13 13.92 -7.06
CA ALA A 354 -18.31 14.50 -7.70
C ALA A 354 -18.39 15.97 -7.31
N SER A 355 -18.11 16.86 -8.24
CA SER A 355 -17.91 18.25 -7.90
C SER A 355 -19.21 18.92 -7.50
N LEU A 356 -19.08 20.00 -6.75
CA LEU A 356 -20.20 20.83 -6.36
C LEU A 356 -19.73 22.27 -6.22
N THR A 357 -20.66 23.15 -5.86
CA THR A 357 -20.33 24.53 -5.55
C THR A 357 -21.41 25.03 -4.61
N LEU A 358 -21.12 25.06 -3.32
CA LEU A 358 -22.10 25.40 -2.29
C LEU A 358 -21.75 26.76 -1.70
N SER A 359 -22.31 27.80 -2.28
CA SER A 359 -22.20 29.10 -1.64
C SER A 359 -22.94 29.07 -0.31
N CYS A 360 -22.57 29.96 0.59
CA CYS A 360 -23.26 29.95 1.87
C CYS A 360 -22.89 31.21 2.64
N LYS A 361 -23.86 31.73 3.37
CA LYS A 361 -23.72 32.95 4.15
C LYS A 361 -23.90 32.65 5.63
N SER A 362 -23.34 33.52 6.45
CA SER A 362 -23.22 33.27 7.88
C SER A 362 -23.79 34.36 8.77
N ASP A 363 -24.11 35.54 8.24
CA ASP A 363 -24.55 36.68 9.03
C ASP A 363 -23.65 36.93 10.23
N ASN A 364 -22.41 36.47 10.16
CA ASN A 364 -21.45 36.63 11.24
C ASN A 364 -20.09 36.10 10.82
N GLY A 365 -19.09 36.23 11.68
CA GLY A 365 -17.77 35.70 11.41
C GLY A 365 -17.84 34.27 10.89
N GLU A 366 -16.91 33.90 10.03
CA GLU A 366 -17.03 32.61 9.35
C GLU A 366 -17.13 31.49 10.36
N VAL A 367 -18.07 30.58 10.11
CA VAL A 367 -18.36 29.47 11.02
C VAL A 367 -18.30 28.18 10.21
N LEU A 368 -18.42 27.06 10.91
CA LEU A 368 -18.25 25.75 10.32
C LEU A 368 -19.57 25.01 10.24
N ALA A 369 -19.73 24.23 9.18
CA ALA A 369 -20.94 23.47 8.92
C ALA A 369 -20.56 22.03 8.61
N ASN A 370 -21.21 21.11 9.32
CA ASN A 370 -20.99 19.68 9.16
C ASN A 370 -22.04 19.14 8.18
N MET A 371 -21.73 19.22 6.90
CA MET A 371 -22.67 18.80 5.87
C MET A 371 -22.83 17.29 5.88
N LYS A 372 -24.08 16.84 5.79
CA LYS A 372 -24.41 15.42 5.88
C LYS A 372 -25.36 15.08 4.74
N CYS A 373 -24.86 14.38 3.75
CA CYS A 373 -25.70 13.82 2.70
C CYS A 373 -26.19 12.45 3.16
N ASN A 374 -26.76 11.68 2.23
CA ASN A 374 -27.32 10.38 2.57
C ASN A 374 -26.31 9.52 3.31
N GLU A 375 -25.13 9.36 2.73
CA GLU A 375 -24.06 8.56 3.31
C GLU A 375 -22.84 9.40 3.69
N GLN A 376 -22.34 10.19 2.75
CA GLN A 376 -21.12 10.96 2.95
C GLN A 376 -21.27 11.99 4.04
N THR A 377 -20.17 12.66 4.37
CA THR A 377 -20.19 13.71 5.39
C THR A 377 -18.98 14.60 5.17
N HIS A 378 -19.22 15.84 4.78
CA HIS A 378 -18.16 16.80 4.48
C HIS A 378 -18.31 17.99 5.42
N VAL A 379 -17.42 18.96 5.30
CA VAL A 379 -17.48 20.16 6.11
C VAL A 379 -17.19 21.38 5.24
N ILE A 380 -17.78 22.51 5.61
CA ILE A 380 -17.58 23.77 4.92
C ILE A 380 -17.46 24.87 5.95
N ARG A 381 -17.00 26.04 5.51
CA ARG A 381 -16.57 27.12 6.40
C ARG A 381 -17.15 28.45 5.95
N CYS A 382 -18.45 28.47 5.71
CA CYS A 382 -19.05 29.60 5.02
C CYS A 382 -19.14 30.81 5.94
N THR A 383 -19.11 31.99 5.30
CA THR A 383 -18.90 33.26 5.99
C THR A 383 -19.95 34.29 5.63
N GLU A 384 -19.70 35.55 5.99
CA GLU A 384 -20.66 36.62 5.76
C GLU A 384 -21.04 36.71 4.28
N SER A 385 -20.04 36.74 3.41
CA SER A 385 -20.24 37.12 2.01
C SER A 385 -19.80 36.00 1.09
N GLY A 386 -20.66 35.65 0.13
CA GLY A 386 -20.30 34.76 -0.95
C GLY A 386 -19.60 33.50 -0.50
N PHE A 387 -18.32 33.39 -0.83
CA PHE A 387 -17.45 32.32 -0.35
C PHE A 387 -17.94 30.95 -0.81
N ILE A 388 -17.81 30.74 -2.12
CA ILE A 388 -18.13 29.45 -2.70
C ILE A 388 -17.27 28.35 -2.06
N ASN A 389 -17.72 27.10 -2.23
CA ASN A 389 -16.96 25.95 -1.77
C ASN A 389 -17.11 24.82 -2.77
N ASN A 390 -15.98 24.31 -3.24
CA ASN A 390 -15.93 23.12 -4.08
C ASN A 390 -15.49 21.95 -3.21
N ILE A 391 -16.34 20.92 -3.11
CA ILE A 391 -16.23 19.97 -2.01
C ILE A 391 -16.10 18.52 -2.46
N LEU A 392 -16.43 18.15 -3.69
CA LEU A 392 -15.98 16.89 -4.28
C LEU A 392 -16.49 15.67 -3.49
N LEU A 393 -17.81 15.49 -3.52
CA LEU A 393 -18.41 14.31 -2.92
C LEU A 393 -18.11 13.07 -3.78
N MET A 394 -18.55 11.91 -3.29
CA MET A 394 -18.12 10.61 -3.82
C MET A 394 -19.30 9.66 -4.01
N PHE A 395 -20.36 10.12 -4.67
CA PHE A 395 -21.42 9.21 -5.03
C PHE A 395 -20.93 8.19 -6.06
N ASP A 396 -21.70 7.10 -6.21
CA ASP A 396 -21.29 5.97 -7.02
C ASP A 396 -22.40 5.52 -7.96
N THR A 397 -23.16 6.45 -8.52
CA THR A 397 -24.19 6.14 -9.49
C THR A 397 -24.22 7.22 -10.56
N SER A 398 -25.09 7.02 -11.56
CA SER A 398 -25.24 8.01 -12.62
C SER A 398 -26.18 9.14 -12.19
N GLU A 399 -27.42 8.79 -11.90
CA GLU A 399 -28.38 9.75 -11.37
C GLU A 399 -28.20 9.86 -9.87
N VAL A 400 -28.26 11.08 -9.37
CA VAL A 400 -28.12 11.33 -7.94
C VAL A 400 -29.11 12.40 -7.53
N ALA A 401 -29.84 12.13 -6.46
CA ALA A 401 -30.84 13.08 -5.97
C ALA A 401 -31.08 12.75 -4.50
N ALA A 402 -30.60 13.61 -3.61
CA ALA A 402 -30.68 13.31 -2.19
C ALA A 402 -30.87 14.59 -1.38
N ASP A 403 -31.24 14.39 -0.12
CA ASP A 403 -31.54 15.48 0.81
C ASP A 403 -30.35 15.67 1.75
N CYS A 404 -29.38 16.45 1.27
CA CYS A 404 -28.21 16.77 2.07
C CYS A 404 -28.53 17.89 3.04
N THR A 405 -28.29 17.65 4.33
CA THR A 405 -28.68 18.55 5.39
C THR A 405 -27.44 19.15 6.02
N ALA A 406 -27.12 20.39 5.66
CA ALA A 406 -26.08 21.11 6.36
C ALA A 406 -26.47 21.33 7.82
N ALA A 407 -25.47 21.61 8.64
CA ALA A 407 -25.69 21.78 10.07
C ALA A 407 -24.65 22.75 10.61
N CYS A 408 -25.07 23.96 10.86
CA CYS A 408 -24.25 24.96 11.51
C CYS A 408 -24.58 24.99 13.00
N PRO A 409 -23.73 25.64 13.81
CA PRO A 409 -23.99 25.65 15.26
C PRO A 409 -25.36 26.18 15.63
N GLY A 410 -26.05 26.85 14.72
CA GLY A 410 -27.41 27.25 14.97
C GLY A 410 -28.37 26.12 14.65
N GLY A 411 -29.32 26.37 13.75
CA GLY A 411 -30.24 25.35 13.29
C GLY A 411 -29.77 24.73 11.98
N ILE A 412 -30.07 23.44 11.83
CA ILE A 412 -29.73 22.77 10.59
C ILE A 412 -30.51 23.42 9.44
N VAL A 413 -30.05 23.14 8.22
CA VAL A 413 -30.66 23.69 7.02
C VAL A 413 -30.76 22.58 6.00
N ASN A 414 -31.97 22.11 5.74
CA ASN A 414 -32.18 21.10 4.72
C ASN A 414 -32.15 21.73 3.34
N PHE A 415 -31.68 20.95 2.37
CA PHE A 415 -31.75 21.33 0.97
C PHE A 415 -31.69 20.05 0.16
N THR A 416 -31.49 20.18 -1.15
CA THR A 416 -31.53 19.05 -2.05
C THR A 416 -30.39 19.17 -3.04
N ILE A 417 -29.81 18.03 -3.40
CA ILE A 417 -28.72 17.96 -4.36
C ILE A 417 -29.11 16.98 -5.45
N LYS A 418 -29.07 17.45 -6.69
CA LYS A 418 -29.39 16.64 -7.86
C LYS A 418 -28.22 16.66 -8.82
N GLY A 419 -28.21 15.68 -9.72
CA GLY A 419 -27.20 15.68 -10.75
C GLY A 419 -27.19 14.38 -11.52
N LEU A 420 -26.51 14.44 -12.66
CA LEU A 420 -26.32 13.30 -13.54
C LEU A 420 -24.84 13.18 -13.85
N LEU A 421 -24.24 12.07 -13.42
CA LEU A 421 -22.79 11.90 -13.47
C LEU A 421 -22.42 10.86 -14.52
N ALA A 422 -21.29 11.07 -15.17
CA ALA A 422 -20.85 10.23 -16.27
C ALA A 422 -19.64 9.41 -15.85
N PHE A 423 -19.56 8.18 -16.34
CA PHE A 423 -18.47 7.29 -16.02
C PHE A 423 -17.33 7.51 -16.99
N VAL A 424 -16.12 7.64 -16.46
CA VAL A 424 -14.94 7.78 -17.28
C VAL A 424 -14.33 6.40 -17.49
N ASN A 425 -13.54 6.28 -18.54
CA ASN A 425 -12.81 5.05 -18.83
C ASN A 425 -11.33 5.32 -18.65
N GLU A 426 -10.66 4.47 -17.86
CA GLU A 426 -9.25 4.70 -17.60
C GLU A 426 -8.46 4.69 -18.90
N ARG A 427 -8.32 3.52 -19.52
CA ARG A 427 -7.95 3.42 -20.92
C ARG A 427 -7.89 1.97 -21.35
N ILE A 428 -7.66 1.74 -22.63
CA ILE A 428 -7.44 0.39 -23.14
C ILE A 428 -6.82 0.45 -24.51
N ILE A 429 -5.88 -0.45 -24.79
CA ILE A 429 -5.40 -0.68 -26.14
C ILE A 429 -4.87 -2.10 -26.22
N SER A 430 -5.38 -2.86 -27.18
CA SER A 430 -4.86 -4.19 -27.45
C SER A 430 -3.80 -4.10 -28.54
N GLN A 431 -3.22 -5.24 -28.88
CA GLN A 431 -2.16 -5.28 -29.89
C GLN A 431 -2.78 -5.09 -31.27
N SER A 432 -2.77 -3.85 -31.76
CA SER A 432 -3.27 -3.52 -33.07
C SER A 432 -2.31 -2.64 -33.85
N TYR A 433 -1.06 -2.53 -33.41
CA TYR A 433 -0.07 -1.65 -34.03
C TYR A 433 1.12 -2.49 -34.49
N SER A 434 1.69 -2.12 -35.62
CA SER A 434 2.88 -2.77 -36.14
C SER A 434 3.56 -1.84 -37.13
N ALA A 435 4.88 -2.00 -37.24
CA ALA A 435 5.67 -1.22 -38.19
C ALA A 435 6.96 -1.95 -38.47
N THR A 436 7.27 -2.15 -39.75
CA THR A 436 8.44 -2.88 -40.18
C THR A 436 9.19 -2.09 -41.23
N ASP A 437 10.52 -2.22 -41.21
CA ASP A 437 11.40 -1.57 -42.18
C ASP A 437 12.38 -2.64 -42.69
N VAL A 438 11.97 -3.34 -43.74
CA VAL A 438 12.83 -4.35 -44.34
C VAL A 438 13.73 -3.70 -45.38
N GLU A 439 14.93 -4.24 -45.53
CA GLU A 439 15.90 -3.73 -46.50
C GLU A 439 16.55 -4.88 -47.27
N CYS B 1 -18.57 -2.81 35.78
CA CYS B 1 -18.23 -2.34 34.41
C CYS B 1 -16.77 -2.67 34.07
N SER B 2 -16.20 -1.94 33.11
CA SER B 2 -14.84 -2.16 32.66
C SER B 2 -13.89 -1.20 33.36
N GLU B 3 -12.65 -1.15 32.88
CA GLU B 3 -11.63 -0.24 33.40
C GLU B 3 -10.98 0.47 32.24
N VAL B 4 -11.29 1.75 32.08
CA VAL B 4 -10.64 2.58 31.11
C VAL B 4 -9.69 3.53 31.83
N ILE B 5 -8.89 4.27 31.06
CA ILE B 5 -7.94 5.22 31.60
C ILE B 5 -8.28 6.61 31.08
N SER B 6 -8.25 7.58 31.98
CA SER B 6 -8.92 8.85 31.76
C SER B 6 -8.06 10.02 32.20
N VAL B 7 -8.53 11.20 31.82
CA VAL B 7 -7.96 12.47 32.25
C VAL B 7 -9.11 13.45 32.44
N THR B 8 -9.13 14.13 33.58
CA THR B 8 -10.13 15.12 33.88
C THR B 8 -9.49 16.49 33.87
N SER B 9 -10.06 17.43 33.12
CA SER B 9 -9.48 18.75 32.98
C SER B 9 -10.59 19.78 32.92
N THR B 10 -10.19 21.04 32.92
CA THR B 10 -11.12 22.16 32.91
C THR B 10 -11.15 22.77 31.52
N GLU B 11 -12.35 23.10 31.05
CA GLU B 11 -12.55 23.73 29.76
C GLU B 11 -13.31 25.04 29.96
N GLU B 12 -12.74 26.13 29.45
CA GLU B 12 -13.34 27.45 29.53
C GLU B 12 -13.57 27.94 28.11
N VAL B 13 -14.83 28.19 27.76
CA VAL B 13 -15.19 28.57 26.40
C VAL B 13 -16.06 29.82 26.44
N CYS B 14 -15.75 30.79 25.59
CA CYS B 14 -16.48 32.04 25.52
C CYS B 14 -17.21 32.11 24.19
N THR B 15 -18.54 32.13 24.26
CA THR B 15 -19.38 32.18 23.08
C THR B 15 -19.61 33.62 22.65
N ILE B 16 -19.52 33.85 21.34
CA ILE B 16 -19.75 35.16 20.75
C ILE B 16 -21.14 35.15 20.14
N GLN B 17 -22.07 35.85 20.78
CA GLN B 17 -23.40 36.08 20.26
C GLN B 17 -23.42 37.47 19.62
N GLU B 18 -24.56 37.82 19.03
CA GLU B 18 -24.65 39.07 18.30
C GLU B 18 -24.29 40.24 19.20
N ASN B 19 -23.13 40.85 18.95
CA ASN B 19 -22.64 41.96 19.77
C ASN B 19 -22.70 41.62 21.25
N LYS B 20 -22.31 40.40 21.59
CA LYS B 20 -22.45 39.92 22.96
C LYS B 20 -21.44 38.79 23.19
N GLU B 21 -21.06 38.60 24.45
CA GLU B 21 -20.08 37.58 24.81
C GLU B 21 -20.50 36.93 26.11
N THR B 22 -20.46 35.60 26.15
CA THR B 22 -20.83 34.85 27.35
C THR B 22 -19.84 33.71 27.55
N CYS B 23 -19.09 33.77 28.64
CA CYS B 23 -18.10 32.75 28.92
C CYS B 23 -18.67 31.68 29.85
N THR B 24 -18.04 30.51 29.83
CA THR B 24 -18.55 29.34 30.50
C THR B 24 -17.40 28.49 31.01
N PHE B 25 -17.41 28.20 32.30
CA PHE B 25 -16.58 27.16 32.89
C PHE B 25 -17.23 25.80 32.67
N ASN B 26 -16.43 24.75 32.83
CA ASN B 26 -16.91 23.40 32.60
C ASN B 26 -15.95 22.41 33.25
N HIS B 27 -16.31 21.13 33.14
CA HIS B 27 -15.41 20.02 33.35
C HIS B 27 -15.45 19.14 32.12
N ALA B 28 -14.31 18.60 31.74
CA ALA B 28 -14.22 17.75 30.57
C ALA B 28 -13.38 16.53 30.90
N THR B 29 -13.63 15.45 30.16
CA THR B 29 -13.02 14.17 30.46
C THR B 29 -12.61 13.49 29.17
N THR B 30 -11.31 13.23 29.03
CA THR B 30 -10.77 12.49 27.90
C THR B 30 -10.50 11.06 28.34
N ILE B 31 -11.18 10.11 27.72
CA ILE B 31 -11.05 8.70 28.07
C ILE B 31 -10.48 7.94 26.88
N THR B 32 -9.57 7.03 27.15
CA THR B 32 -8.91 6.25 26.12
C THR B 32 -9.50 4.85 26.10
N LEU B 33 -10.19 4.51 25.01
CA LEU B 33 -10.96 3.28 24.92
C LEU B 33 -10.44 2.42 23.79
N GLN B 34 -10.13 1.18 24.09
CA GLN B 34 -10.01 0.18 23.05
C GLN B 34 -11.40 -0.39 22.78
N PRO B 35 -11.96 -0.22 21.59
CA PRO B 35 -13.41 -0.35 21.43
C PRO B 35 -13.94 -1.70 21.90
N LEU B 36 -13.48 -2.77 21.25
CA LEU B 36 -13.56 -4.12 21.80
C LEU B 36 -14.95 -4.50 22.27
N GLN B 37 -15.99 -3.81 21.81
CA GLN B 37 -17.35 -4.06 22.25
C GLN B 37 -17.43 -4.06 23.77
N GLN B 38 -16.84 -3.04 24.37
CA GLN B 38 -16.75 -2.93 25.82
C GLN B 38 -18.11 -2.54 26.40
N GLN B 39 -18.13 -2.29 27.70
CA GLN B 39 -19.21 -1.55 28.34
C GLN B 39 -18.51 -0.53 29.24
N THR B 40 -18.20 0.63 28.67
CA THR B 40 -17.46 1.67 29.38
C THR B 40 -18.45 2.54 30.13
N CYS B 41 -18.41 2.47 31.46
CA CYS B 41 -19.33 3.22 32.28
C CYS B 41 -18.70 4.52 32.74
N LEU B 42 -19.56 5.44 33.16
CA LEU B 42 -19.15 6.75 33.64
C LEU B 42 -20.20 7.24 34.62
N THR B 43 -19.77 8.15 35.49
CA THR B 43 -20.63 8.68 36.54
C THR B 43 -20.60 10.19 36.50
N LEU B 44 -21.77 10.81 36.43
CA LEU B 44 -21.91 12.24 36.34
C LEU B 44 -22.16 12.82 37.72
N ASN B 45 -21.78 14.09 37.90
CA ASN B 45 -22.16 14.75 39.13
C ASN B 45 -21.81 16.22 39.08
N ASP B 46 -22.63 17.02 39.74
CA ASP B 46 -22.38 18.42 40.02
C ASP B 46 -21.95 18.57 41.47
N PRO B 47 -21.52 19.77 41.87
CA PRO B 47 -21.19 19.98 43.28
C PRO B 47 -22.36 19.76 44.22
N GLU B 48 -23.59 20.00 43.76
CA GLU B 48 -24.74 19.98 44.65
C GLU B 48 -25.28 18.57 44.86
N LYS B 49 -25.75 17.93 43.80
CA LYS B 49 -26.36 16.61 43.87
C LYS B 49 -25.40 15.62 43.24
N ARG B 50 -24.60 14.97 44.09
CA ARG B 50 -23.51 14.12 43.62
C ARG B 50 -24.00 12.90 42.85
N PRO B 51 -25.22 12.40 43.07
CA PRO B 51 -25.78 11.44 42.11
C PRO B 51 -26.57 12.14 41.02
N MET B 52 -26.23 11.85 39.76
CA MET B 52 -26.94 12.45 38.64
C MET B 52 -27.19 11.48 37.50
N GLY B 53 -26.83 10.21 37.63
CA GLY B 53 -27.10 9.22 36.61
C GLY B 53 -25.86 8.65 35.99
N MET B 54 -25.90 7.37 35.64
CA MET B 54 -24.78 6.71 35.00
C MET B 54 -24.86 6.86 33.49
N LEU B 55 -23.69 6.85 32.87
CA LEU B 55 -23.54 6.98 31.43
C LEU B 55 -22.81 5.75 30.93
N THR B 56 -23.15 5.31 29.72
CA THR B 56 -22.59 4.08 29.19
C THR B 56 -22.25 4.28 27.73
N VAL B 57 -21.04 3.88 27.36
CA VAL B 57 -20.55 3.98 25.99
C VAL B 57 -20.13 2.58 25.56
N LYS B 58 -20.54 2.21 24.35
CA LYS B 58 -20.25 0.90 23.78
C LYS B 58 -19.82 1.14 22.34
N PRO B 59 -18.53 1.36 22.10
CA PRO B 59 -18.07 1.58 20.74
C PRO B 59 -18.07 0.29 19.93
N ASP B 60 -18.69 0.36 18.75
CA ASP B 60 -18.74 -0.78 17.85
C ASP B 60 -17.46 -0.96 17.07
N GLY B 61 -16.42 -0.21 17.42
CA GLY B 61 -15.14 -0.30 16.75
C GLY B 61 -14.80 0.99 16.02
N ILE B 62 -13.65 0.95 15.37
CA ILE B 62 -13.15 2.03 14.53
C ILE B 62 -13.25 1.54 13.11
N LYS B 63 -14.10 2.18 12.30
CA LYS B 63 -14.38 1.69 10.97
C LYS B 63 -13.90 2.67 9.92
N PHE B 64 -13.66 2.12 8.73
CA PHE B 64 -13.19 2.86 7.58
C PHE B 64 -14.19 2.61 6.45
N ARG B 65 -14.81 3.68 5.99
CA ARG B 65 -15.62 3.60 4.79
C ARG B 65 -14.74 3.64 3.55
N CYS B 66 -15.20 2.98 2.50
CA CYS B 66 -14.49 2.97 1.25
C CYS B 66 -14.99 4.08 0.33
N ASN B 67 -14.08 4.57 -0.49
CA ASN B 67 -14.39 5.54 -1.54
C ASN B 67 -13.97 4.86 -2.83
N LYS B 68 -14.94 4.25 -3.50
CA LYS B 68 -14.64 3.32 -4.57
C LYS B 68 -13.82 3.98 -5.67
N LYS B 69 -13.29 3.14 -6.53
CA LYS B 69 -12.76 3.56 -7.82
C LYS B 69 -13.02 2.41 -8.79
N ILE B 70 -14.17 2.48 -9.47
CA ILE B 70 -14.49 1.43 -10.43
C ILE B 70 -13.51 1.54 -11.58
N GLU B 71 -12.66 0.52 -11.71
CA GLU B 71 -11.55 0.57 -12.63
C GLU B 71 -11.71 -0.34 -13.82
N PHE B 72 -12.41 -1.46 -13.66
CA PHE B 72 -12.12 -2.63 -14.49
C PHE B 72 -13.33 -3.56 -14.41
N PHE B 73 -14.04 -3.70 -15.52
CA PHE B 73 -15.15 -4.65 -15.58
C PHE B 73 -14.73 -5.88 -16.34
N THR B 74 -15.29 -7.02 -15.95
CA THR B 74 -14.98 -8.27 -16.62
C THR B 74 -16.17 -9.21 -16.50
N ARG B 75 -16.01 -10.41 -17.05
CA ARG B 75 -17.08 -11.40 -17.09
C ARG B 75 -16.47 -12.79 -17.09
N ASP B 76 -17.20 -13.74 -16.52
CA ASP B 76 -16.84 -15.14 -16.69
C ASP B 76 -16.66 -15.43 -18.16
N HIS B 77 -15.45 -15.80 -18.53
CA HIS B 77 -15.08 -15.90 -19.94
C HIS B 77 -14.44 -17.24 -20.22
N GLN B 78 -14.52 -17.62 -21.49
CA GLN B 78 -13.89 -18.84 -21.99
C GLN B 78 -13.33 -18.51 -23.36
N ILE B 79 -12.02 -18.60 -23.49
CA ILE B 79 -11.36 -18.22 -24.72
C ILE B 79 -11.27 -19.43 -25.63
N VAL B 80 -11.63 -19.24 -26.89
CA VAL B 80 -11.64 -20.33 -27.85
C VAL B 80 -10.84 -19.96 -29.09
N SER B 81 -10.58 -20.97 -29.91
CA SER B 81 -9.72 -20.89 -31.07
C SER B 81 -10.52 -21.26 -32.30
N GLU B 82 -9.90 -21.02 -33.46
CA GLU B 82 -10.47 -21.43 -34.73
C GLU B 82 -9.41 -21.25 -35.79
N SER B 83 -9.53 -22.02 -36.86
CA SER B 83 -8.52 -21.97 -37.90
C SER B 83 -9.10 -22.50 -39.20
N VAL B 84 -8.45 -22.15 -40.30
CA VAL B 84 -8.82 -22.63 -41.62
C VAL B 84 -7.63 -22.46 -42.53
N HIS B 85 -7.31 -23.50 -43.31
CA HIS B 85 -6.16 -23.46 -44.19
C HIS B 85 -6.58 -23.83 -45.60
N ARG B 86 -5.86 -23.25 -46.56
CA ARG B 86 -6.17 -23.39 -47.97
C ARG B 86 -4.94 -23.90 -48.72
N CYS B 87 -5.14 -24.25 -49.98
CA CYS B 87 -4.03 -24.58 -50.85
C CYS B 87 -3.48 -23.29 -51.45
N HIS B 88 -2.56 -23.42 -52.40
CA HIS B 88 -1.96 -22.28 -53.06
C HIS B 88 -2.92 -21.68 -54.09
N ARG B 89 -2.65 -20.41 -54.43
CA ARG B 89 -3.40 -19.70 -55.47
C ARG B 89 -4.90 -19.87 -55.26
N ALA B 90 -5.35 -19.62 -54.03
CA ALA B 90 -6.76 -19.76 -53.68
C ALA B 90 -7.07 -18.85 -52.51
N GLY B 91 -8.28 -18.29 -52.51
CA GLY B 91 -8.68 -17.37 -51.46
C GLY B 91 -7.78 -16.16 -51.36
N SER B 92 -7.07 -16.05 -50.23
CA SER B 92 -6.11 -14.98 -50.01
C SER B 92 -4.69 -15.52 -49.86
N CYS B 93 -4.43 -16.73 -50.34
CA CYS B 93 -3.13 -17.37 -50.20
C CYS B 93 -2.33 -17.14 -51.46
N HIS B 94 -1.79 -15.93 -51.56
CA HIS B 94 -0.92 -15.55 -52.67
C HIS B 94 0.05 -14.50 -52.16
N SER B 95 0.72 -13.81 -53.10
CA SER B 95 2.02 -13.19 -52.83
C SER B 95 2.12 -12.62 -51.42
N ASP B 96 1.33 -11.57 -51.13
CA ASP B 96 1.39 -10.94 -49.82
C ASP B 96 0.01 -10.59 -49.27
N GLU B 97 -1.04 -11.29 -49.71
CA GLU B 97 -2.38 -10.94 -49.27
C GLU B 97 -2.69 -11.50 -47.89
N CYS B 98 -2.24 -12.74 -47.63
CA CYS B 98 -2.32 -13.28 -46.27
C CYS B 98 -1.27 -12.66 -45.37
N HIS B 99 -0.21 -12.11 -45.95
CA HIS B 99 0.87 -11.51 -45.18
C HIS B 99 0.54 -10.11 -44.72
N HIS B 100 -0.41 -9.44 -45.37
CA HIS B 100 -0.87 -8.11 -44.97
C HIS B 100 -2.18 -8.16 -44.19
N VAL B 101 -2.53 -9.33 -43.66
CA VAL B 101 -3.75 -9.45 -42.87
C VAL B 101 -3.66 -8.54 -41.65
N LYS B 102 -4.77 -7.88 -41.33
CA LYS B 102 -4.81 -7.02 -40.17
C LYS B 102 -5.12 -7.84 -38.92
N ASP B 103 -4.80 -7.26 -37.77
CA ASP B 103 -4.99 -7.96 -36.51
C ASP B 103 -6.47 -8.22 -36.23
N THR B 104 -7.30 -7.18 -36.38
CA THR B 104 -8.73 -7.28 -36.14
C THR B 104 -9.53 -7.47 -37.43
N ASP B 105 -8.95 -8.17 -38.41
CA ASP B 105 -9.61 -8.38 -39.69
C ASP B 105 -10.60 -9.53 -39.56
N ALA B 106 -11.90 -9.22 -39.59
CA ALA B 106 -12.94 -10.24 -39.59
C ALA B 106 -13.01 -10.83 -41.00
N LEU B 107 -12.40 -11.98 -41.18
CA LEU B 107 -12.26 -12.54 -42.52
C LEU B 107 -13.57 -13.19 -42.96
N PRO B 108 -13.93 -13.07 -44.26
CA PRO B 108 -15.04 -13.86 -44.82
C PRO B 108 -14.61 -15.25 -45.26
N GLU B 109 -13.83 -15.92 -44.43
CA GLU B 109 -13.30 -17.25 -44.72
C GLU B 109 -13.62 -18.15 -43.54
N PHE B 110 -14.83 -18.71 -43.55
CA PHE B 110 -15.29 -19.69 -42.57
C PHE B 110 -15.23 -19.18 -41.14
N SER B 111 -15.05 -17.88 -40.94
CA SER B 111 -15.18 -17.30 -39.60
C SER B 111 -16.65 -17.30 -39.21
N SER B 112 -16.98 -18.04 -38.16
CA SER B 112 -18.38 -18.30 -37.84
C SER B 112 -19.07 -17.02 -37.38
N GLU B 113 -20.36 -17.15 -37.09
CA GLU B 113 -21.16 -16.01 -36.63
C GLU B 113 -20.51 -15.26 -35.48
N ALA B 114 -19.67 -15.92 -34.70
CA ALA B 114 -18.99 -15.30 -33.58
C ALA B 114 -17.82 -14.42 -33.99
N ASN B 115 -17.68 -14.14 -35.29
CA ASN B 115 -16.57 -13.32 -35.75
C ASN B 115 -16.54 -11.97 -35.06
N SER B 116 -17.71 -11.41 -34.76
CA SER B 116 -17.74 -10.07 -34.16
C SER B 116 -17.09 -10.05 -32.79
N ARG B 117 -17.15 -11.16 -32.07
CA ARG B 117 -16.63 -11.17 -30.71
C ARG B 117 -15.13 -10.88 -30.72
N PRO B 118 -14.61 -10.17 -29.72
CA PRO B 118 -13.23 -9.71 -29.77
C PRO B 118 -12.25 -10.85 -29.93
N GLY B 119 -11.05 -10.51 -30.38
CA GLY B 119 -10.02 -11.52 -30.55
C GLY B 119 -8.87 -11.02 -31.40
N TYR B 120 -8.24 -11.96 -32.10
CA TYR B 120 -7.07 -11.65 -32.90
C TYR B 120 -6.96 -12.62 -34.06
N THR B 121 -6.37 -12.14 -35.15
CA THR B 121 -6.16 -12.93 -36.36
C THR B 121 -4.67 -13.12 -36.60
N SER B 122 -4.34 -14.11 -37.43
CA SER B 122 -2.95 -14.40 -37.72
C SER B 122 -2.86 -15.22 -38.99
N CYS B 123 -1.75 -15.04 -39.70
CA CYS B 123 -1.46 -15.75 -40.95
C CYS B 123 -0.16 -16.52 -40.77
N SER B 124 -0.24 -17.84 -40.79
CA SER B 124 0.93 -18.69 -40.77
C SER B 124 1.14 -19.29 -42.15
N SER B 125 2.32 -19.89 -42.35
CA SER B 125 2.68 -20.47 -43.65
C SER B 125 3.41 -21.78 -43.37
N SER B 126 2.70 -22.90 -43.53
CA SER B 126 3.29 -24.21 -43.36
C SER B 126 3.75 -24.76 -44.70
N CYS B 127 4.43 -25.92 -44.64
CA CYS B 127 4.90 -26.55 -45.87
C CYS B 127 3.75 -26.67 -46.86
N GLY B 128 4.10 -26.58 -48.14
CA GLY B 128 3.17 -26.92 -49.19
C GLY B 128 3.83 -27.87 -50.16
N CYS B 129 3.26 -29.08 -50.29
CA CYS B 129 3.80 -30.07 -51.20
C CYS B 129 2.78 -31.19 -51.32
N ILE B 130 3.08 -32.15 -52.20
CA ILE B 130 2.12 -33.20 -52.53
C ILE B 130 1.99 -34.23 -51.42
N THR B 131 2.75 -34.08 -50.33
CA THR B 131 2.59 -34.93 -49.15
C THR B 131 2.45 -34.10 -47.88
N CYS B 132 2.36 -32.78 -47.99
CA CYS B 132 2.18 -31.92 -46.82
C CYS B 132 0.71 -31.64 -46.52
N ASP B 133 -0.09 -31.32 -47.53
CA ASP B 133 -1.52 -31.14 -47.32
C ASP B 133 -2.34 -31.92 -48.35
N GLY B 134 -1.78 -32.14 -49.53
CA GLY B 134 -2.44 -32.86 -50.60
C GLY B 134 -2.77 -32.04 -51.84
N CYS B 135 -2.27 -30.81 -51.95
CA CYS B 135 -2.45 -30.04 -53.17
C CYS B 135 -1.54 -30.63 -54.24
N PHE B 136 -1.51 -30.03 -55.43
CA PHE B 136 -0.73 -30.57 -56.54
C PHE B 136 0.61 -29.88 -56.76
N PHE B 137 0.74 -28.62 -56.36
CA PHE B 137 1.99 -27.90 -56.45
C PHE B 137 2.62 -27.77 -55.07
N CYS B 138 3.94 -27.58 -55.04
CA CYS B 138 4.69 -27.53 -53.80
C CYS B 138 4.91 -26.08 -53.38
N GLU B 139 3.79 -25.42 -53.09
CA GLU B 139 3.77 -24.02 -52.67
C GLU B 139 3.20 -23.89 -51.27
N PRO B 140 3.81 -23.09 -50.40
CA PRO B 140 3.43 -23.09 -48.98
C PRO B 140 1.92 -22.96 -48.80
N SER B 141 1.43 -23.52 -47.69
CA SER B 141 0.03 -23.48 -47.33
C SER B 141 -0.19 -22.36 -46.33
N CYS B 142 -0.99 -21.37 -46.73
CA CYS B 142 -1.36 -20.30 -45.81
C CYS B 142 -2.41 -20.79 -44.84
N LEU B 143 -2.29 -20.36 -43.59
CA LEU B 143 -3.14 -20.81 -42.49
C LEU B 143 -3.71 -19.59 -41.80
N PHE B 144 -5.01 -19.36 -41.98
CA PHE B 144 -5.69 -18.30 -41.27
C PHE B 144 -6.09 -18.82 -39.90
N HIS B 145 -5.78 -18.06 -38.85
CA HIS B 145 -6.05 -18.48 -37.49
C HIS B 145 -6.69 -17.34 -36.72
N ARG B 146 -7.70 -17.67 -35.92
CA ARG B 146 -8.50 -16.67 -35.24
C ARG B 146 -8.76 -17.12 -33.82
N LEU B 147 -8.35 -16.31 -32.85
CA LEU B 147 -8.69 -16.51 -31.46
C LEU B 147 -9.78 -15.51 -31.07
N TYR B 148 -10.69 -15.94 -30.20
CA TYR B 148 -11.66 -15.01 -29.63
C TYR B 148 -12.10 -15.54 -28.29
N ALA B 149 -13.09 -14.87 -27.71
CA ALA B 149 -13.52 -15.15 -26.35
C ALA B 149 -15.03 -15.11 -26.26
N ILE B 150 -15.62 -16.14 -25.68
CA ILE B 150 -17.05 -16.17 -25.44
C ILE B 150 -17.29 -15.89 -23.97
N PRO B 151 -18.46 -15.41 -23.59
CA PRO B 151 -18.85 -15.40 -22.18
C PRO B 151 -19.45 -16.75 -21.80
N THR B 152 -19.63 -16.92 -20.50
CA THR B 152 -20.23 -18.13 -19.96
C THR B 152 -21.52 -17.86 -19.21
N THR B 153 -21.51 -16.92 -18.27
CA THR B 153 -22.67 -16.63 -17.47
C THR B 153 -23.13 -15.19 -17.66
N PRO B 154 -24.44 -14.95 -17.71
CA PRO B 154 -24.95 -13.59 -17.94
C PRO B 154 -24.85 -12.70 -16.71
N THR B 155 -23.62 -12.48 -16.25
CA THR B 155 -23.35 -11.60 -15.13
C THR B 155 -22.14 -10.74 -15.45
N ILE B 156 -21.87 -9.79 -14.56
CA ILE B 156 -20.77 -8.87 -14.73
C ILE B 156 -20.00 -8.78 -13.41
N TYR B 157 -18.72 -8.46 -13.53
CA TYR B 157 -17.82 -8.42 -12.40
C TYR B 157 -17.15 -7.06 -12.34
N SER B 158 -17.29 -6.39 -11.21
CA SER B 158 -16.73 -5.06 -10.98
C SER B 158 -15.50 -5.19 -10.11
N ILE B 159 -14.36 -4.86 -10.66
CA ILE B 159 -13.12 -4.81 -9.91
C ILE B 159 -12.91 -3.38 -9.44
N PHE B 160 -12.43 -3.21 -8.22
CA PHE B 160 -12.12 -1.86 -7.79
C PHE B 160 -11.20 -1.89 -6.58
N TYR B 161 -10.24 -0.97 -6.60
CA TYR B 161 -9.43 -0.71 -5.43
C TYR B 161 -10.18 0.28 -4.55
N CYS B 162 -9.52 0.80 -3.55
CA CYS B 162 -10.21 1.75 -2.69
C CYS B 162 -9.21 2.66 -2.00
N PRO B 163 -8.88 3.80 -2.61
CA PRO B 163 -8.08 4.80 -1.92
C PRO B 163 -8.91 5.70 -1.03
N SER B 164 -8.20 6.39 -0.14
CA SER B 164 -8.79 7.40 0.72
C SER B 164 -9.94 6.83 1.54
N TRP B 165 -9.66 5.73 2.23
CA TRP B 165 -10.61 5.22 3.21
C TRP B 165 -10.84 6.25 4.29
N GLU B 166 -12.10 6.50 4.61
CA GLU B 166 -12.48 7.58 5.51
C GLU B 166 -12.81 7.03 6.89
N LEU B 167 -12.46 7.82 7.90
CA LEU B 167 -12.59 7.41 9.29
C LEU B 167 -14.02 7.59 9.76
N GLU B 168 -14.48 6.66 10.60
CA GLU B 168 -15.76 6.83 11.29
C GLU B 168 -15.76 5.96 12.54
N VAL B 169 -16.56 6.37 13.52
CA VAL B 169 -16.69 5.64 14.77
C VAL B 169 -18.14 5.67 15.21
N ASP B 170 -18.82 4.55 15.15
CA ASP B 170 -20.20 4.46 15.61
C ASP B 170 -20.23 3.84 16.99
N ALA B 171 -21.02 4.44 17.88
CA ALA B 171 -21.07 4.03 19.27
C ALA B 171 -22.50 3.95 19.76
N GLU B 172 -22.84 2.82 20.40
CA GLU B 172 -24.11 2.69 21.10
C GLU B 172 -23.95 3.33 22.48
N ILE B 173 -24.72 4.39 22.72
CA ILE B 173 -24.50 5.25 23.86
C ILE B 173 -25.80 5.35 24.65
N SER B 174 -25.77 4.85 25.88
CA SER B 174 -26.94 4.80 26.73
C SER B 174 -26.73 5.62 27.99
N LEU B 175 -27.83 5.94 28.66
CA LEU B 175 -27.79 6.73 29.87
C LEU B 175 -28.91 6.26 30.80
N GLN B 176 -28.62 6.23 32.10
CA GLN B 176 -29.53 5.66 33.08
C GLN B 176 -29.50 6.55 34.33
N ARG B 177 -30.46 7.45 34.44
CA ARG B 177 -30.46 8.41 35.56
C ARG B 177 -31.06 7.77 36.80
N GLU B 178 -32.32 7.42 36.74
CA GLU B 178 -33.02 6.81 37.88
C GLU B 178 -33.84 5.61 37.49
N ASP B 179 -34.55 5.66 36.38
CA ASP B 179 -35.52 4.64 36.03
C ASP B 179 -35.37 4.10 34.62
N GLU B 180 -35.00 4.93 33.66
CA GLU B 180 -35.17 4.61 32.25
C GLU B 180 -33.82 4.53 31.54
N THR B 181 -33.86 4.38 30.22
CA THR B 181 -32.70 4.09 29.42
C THR B 181 -32.96 4.56 28.00
N THR B 182 -32.09 5.42 27.49
CA THR B 182 -32.28 6.05 26.18
C THR B 182 -31.57 5.33 25.05
N THR B 183 -30.35 4.85 25.30
CA THR B 183 -29.61 3.98 24.39
C THR B 183 -29.73 4.44 22.94
N SER B 184 -29.27 5.66 22.69
CA SER B 184 -29.17 6.17 21.34
C SER B 184 -27.95 5.58 20.64
N THR B 185 -27.76 6.00 19.39
CA THR B 185 -26.63 5.57 18.58
C THR B 185 -26.03 6.80 17.93
N ILE B 186 -24.70 6.91 17.96
CA ILE B 186 -24.00 8.11 17.55
C ILE B 186 -22.93 7.78 16.53
N ARG B 187 -22.69 8.73 15.63
CA ARG B 187 -21.71 8.61 14.56
C ARG B 187 -20.67 9.70 14.74
N LEU B 188 -19.59 9.37 15.41
CA LEU B 188 -18.47 10.27 15.65
C LEU B 188 -17.53 10.28 14.45
N LEU B 189 -17.04 11.47 14.14
CA LEU B 189 -16.07 11.71 13.07
C LEU B 189 -14.86 12.42 13.65
N PRO B 190 -13.76 12.46 12.90
CA PRO B 190 -12.46 12.74 13.53
C PRO B 190 -12.33 14.08 14.23
N GLY B 191 -13.15 15.06 13.91
CA GLY B 191 -13.05 16.32 14.61
C GLY B 191 -14.37 17.01 14.88
N ARG B 192 -15.47 16.37 14.50
CA ARG B 192 -16.76 17.02 14.42
C ARG B 192 -17.56 16.64 15.66
N THR B 193 -17.67 17.57 16.58
CA THR B 193 -18.29 17.33 17.88
C THR B 193 -19.78 17.09 17.72
N SER B 194 -20.19 15.83 17.84
CA SER B 194 -21.60 15.50 17.81
C SER B 194 -22.22 15.77 19.17
N THR B 195 -23.55 15.79 19.19
CA THR B 195 -24.31 16.09 20.40
C THR B 195 -25.56 15.21 20.38
N TRP B 196 -25.51 14.11 21.13
CA TRP B 196 -26.65 13.20 21.15
C TRP B 196 -27.81 13.80 21.92
N ASN B 197 -27.69 13.90 23.24
CA ASN B 197 -28.82 14.44 23.98
C ASN B 197 -28.46 15.75 24.62
N ASN B 198 -27.43 15.73 25.48
CA ASN B 198 -27.00 16.94 26.17
C ASN B 198 -25.48 17.00 26.37
N ILE B 199 -24.72 16.15 25.68
CA ILE B 199 -23.29 16.05 25.91
C ILE B 199 -22.58 15.98 24.57
N ARG B 200 -21.38 16.56 24.53
CA ARG B 200 -20.61 16.73 23.30
C ARG B 200 -19.52 15.67 23.26
N PHE B 201 -19.55 14.86 22.21
CA PHE B 201 -18.54 13.83 21.98
C PHE B 201 -17.66 14.24 20.82
N SER B 202 -16.35 14.05 20.99
CA SER B 202 -15.39 14.37 19.94
C SER B 202 -14.28 13.32 19.88
N LEU B 203 -13.86 13.00 18.66
CA LEU B 203 -12.86 11.99 18.40
C LEU B 203 -11.49 12.66 18.37
N ILE B 204 -10.83 12.68 19.54
CA ILE B 204 -9.57 13.39 19.68
C ILE B 204 -8.39 12.57 19.21
N GLY B 205 -8.47 11.25 19.26
CA GLY B 205 -7.31 10.45 18.89
C GLY B 205 -7.65 9.10 18.32
N THR B 206 -6.79 8.66 17.41
CA THR B 206 -6.90 7.36 16.77
C THR B 206 -5.51 6.78 16.65
N ILE B 207 -5.36 5.52 17.08
CA ILE B 207 -4.06 4.86 17.11
C ILE B 207 -4.12 3.62 16.26
N VAL B 208 -4.93 3.65 15.20
CA VAL B 208 -5.09 2.54 14.29
C VAL B 208 -3.72 1.94 13.96
N PRO B 209 -3.63 0.63 13.79
CA PRO B 209 -2.39 0.03 13.31
C PRO B 209 -2.24 0.17 11.81
N GLN B 210 -1.00 0.27 11.38
CA GLN B 210 -0.67 0.31 9.97
C GLN B 210 -1.06 -1.03 9.35
N LEU B 211 -2.13 -1.05 8.56
CA LEU B 211 -2.69 -2.29 8.01
C LEU B 211 -2.78 -2.21 6.49
N PRO B 212 -1.75 -2.60 5.78
CA PRO B 212 -1.75 -2.58 4.32
C PRO B 212 -2.42 -3.77 3.64
N ILE B 213 -3.61 -4.14 4.12
CA ILE B 213 -4.55 -4.90 3.33
C ILE B 213 -5.64 -4.02 2.77
N LEU B 214 -5.67 -2.76 3.18
CA LEU B 214 -6.67 -1.80 2.80
C LEU B 214 -6.46 -1.27 1.39
N SER B 215 -5.48 -1.78 0.67
CA SER B 215 -5.21 -1.39 -0.70
C SER B 215 -5.11 -2.68 -1.50
N SER B 216 -6.26 -3.17 -1.95
CA SER B 216 -6.29 -4.44 -2.64
C SER B 216 -7.61 -4.57 -3.38
N ALA B 217 -7.57 -5.30 -4.48
CA ALA B 217 -8.70 -5.37 -5.39
C ALA B 217 -9.89 -6.04 -4.72
N PHE B 218 -10.91 -5.27 -4.40
CA PHE B 218 -12.20 -5.82 -4.06
C PHE B 218 -12.95 -6.10 -5.36
N VAL B 219 -13.30 -7.35 -5.58
CA VAL B 219 -14.13 -7.75 -6.70
C VAL B 219 -15.55 -7.91 -6.21
N THR B 220 -16.49 -7.60 -7.09
CA THR B 220 -17.91 -7.65 -6.78
C THR B 220 -18.66 -8.34 -7.91
N ASN B 221 -19.33 -9.42 -7.57
CA ASN B 221 -20.39 -10.00 -8.39
C ASN B 221 -21.75 -9.58 -7.83
N GLY B 222 -22.09 -8.34 -8.13
CA GLY B 222 -23.32 -7.76 -7.63
C GLY B 222 -23.40 -7.79 -6.12
N ARG B 223 -24.22 -8.70 -5.59
CA ARG B 223 -24.40 -8.83 -4.16
C ARG B 223 -23.18 -9.42 -3.46
N GLN B 224 -22.36 -10.18 -4.17
CA GLN B 224 -21.24 -10.89 -3.57
C GLN B 224 -19.95 -10.12 -3.80
N THR B 225 -18.97 -10.30 -2.92
CA THR B 225 -17.69 -9.64 -3.06
C THR B 225 -16.58 -10.51 -2.52
N SER B 226 -15.35 -10.05 -2.72
CA SER B 226 -14.18 -10.75 -2.23
C SER B 226 -12.95 -9.89 -2.45
N ILE B 227 -11.84 -10.31 -1.87
CA ILE B 227 -10.55 -9.67 -2.05
C ILE B 227 -9.71 -10.53 -2.97
N VAL B 228 -8.85 -9.90 -3.75
CA VAL B 228 -8.14 -10.60 -4.81
C VAL B 228 -6.75 -10.00 -5.01
N LYS B 229 -5.88 -10.79 -5.60
CA LYS B 229 -4.56 -10.32 -5.95
C LYS B 229 -4.67 -9.23 -7.01
N PRO B 230 -3.99 -8.10 -6.85
CA PRO B 230 -4.28 -6.94 -7.70
C PRO B 230 -4.12 -7.21 -9.18
N ALA B 231 -4.93 -6.51 -9.95
CA ALA B 231 -4.79 -6.44 -11.40
C ALA B 231 -5.11 -5.02 -11.81
N TYR B 232 -4.41 -4.53 -12.82
CA TYR B 232 -4.43 -3.12 -13.17
C TYR B 232 -4.97 -2.91 -14.57
N ALA B 233 -5.60 -1.75 -14.76
CA ALA B 233 -6.25 -1.42 -16.02
C ALA B 233 -5.23 -1.27 -17.13
N GLY B 234 -5.26 -2.17 -18.10
CA GLY B 234 -4.47 -2.06 -19.30
C GLY B 234 -3.33 -3.02 -19.41
N GLN B 235 -3.10 -3.86 -18.39
CA GLN B 235 -1.94 -4.74 -18.38
C GLN B 235 -2.29 -6.18 -18.70
N LEU B 236 -3.54 -6.57 -18.55
CA LEU B 236 -3.99 -7.90 -18.95
C LEU B 236 -3.15 -8.98 -18.28
N GLN B 237 -2.86 -8.77 -17.00
CA GLN B 237 -2.07 -9.71 -16.24
C GLN B 237 -2.75 -11.07 -16.21
N SER B 238 -2.18 -12.03 -16.91
CA SER B 238 -2.83 -13.31 -17.11
C SER B 238 -3.12 -14.00 -15.79
N ASN B 239 -4.06 -14.94 -15.85
CA ASN B 239 -4.36 -15.86 -14.75
C ASN B 239 -4.74 -15.15 -13.47
N SER B 240 -5.14 -13.88 -13.56
CA SER B 240 -5.69 -13.17 -12.42
C SER B 240 -7.00 -12.54 -12.86
N VAL B 241 -7.71 -11.93 -11.91
CA VAL B 241 -8.99 -11.34 -12.25
C VAL B 241 -8.73 -10.33 -13.35
N GLY B 242 -9.28 -10.60 -14.52
CA GLY B 242 -9.25 -9.64 -15.59
C GLY B 242 -8.10 -9.76 -16.54
N GLN B 243 -7.91 -10.94 -17.10
CA GLN B 243 -7.26 -11.01 -18.40
C GLN B 243 -8.19 -10.57 -19.51
N LEU B 244 -9.40 -10.14 -19.17
CA LEU B 244 -10.30 -9.43 -20.07
C LEU B 244 -10.49 -8.02 -19.53
N GLN B 245 -10.42 -7.03 -20.41
CA GLN B 245 -10.55 -5.64 -20.04
C GLN B 245 -11.86 -5.11 -20.60
N CYS B 246 -12.85 -4.95 -19.72
CA CYS B 246 -14.11 -4.34 -20.09
C CYS B 246 -14.21 -2.99 -19.39
N PRO B 247 -14.17 -1.88 -20.10
CA PRO B 247 -14.14 -0.56 -19.43
C PRO B 247 -15.47 -0.12 -18.84
N ASN B 248 -16.56 -0.28 -19.59
CA ASN B 248 -17.87 0.21 -19.18
C ASN B 248 -18.83 -0.93 -18.91
N LEU B 249 -19.77 -0.68 -18.00
CA LEU B 249 -20.80 -1.65 -17.70
C LEU B 249 -21.59 -2.00 -18.96
N GLU B 250 -22.06 -0.97 -19.67
CA GLU B 250 -22.72 -1.21 -20.95
C GLU B 250 -21.78 -1.87 -21.94
N ALA B 251 -20.48 -1.58 -21.84
CA ALA B 251 -19.52 -2.24 -22.70
C ALA B 251 -19.33 -3.70 -22.32
N ALA B 252 -19.74 -4.07 -21.11
CA ALA B 252 -19.68 -5.47 -20.70
C ALA B 252 -20.93 -6.22 -21.15
N LYS B 253 -22.11 -5.66 -20.85
CA LYS B 253 -23.35 -6.33 -21.21
C LYS B 253 -23.42 -6.57 -22.71
N GLN B 254 -23.16 -5.53 -23.50
CA GLN B 254 -23.01 -5.74 -24.95
C GLN B 254 -21.77 -6.56 -25.27
N PHE B 255 -20.86 -6.70 -24.31
CA PHE B 255 -19.65 -7.49 -24.45
C PHE B 255 -18.79 -7.00 -25.61
N GLU B 256 -18.30 -5.78 -25.45
CA GLU B 256 -17.22 -5.25 -26.28
C GLU B 256 -16.04 -5.08 -25.33
N CYS B 257 -15.28 -6.16 -25.17
CA CYS B 257 -14.30 -6.26 -24.10
C CYS B 257 -13.01 -6.84 -24.66
N HIS B 258 -11.92 -6.12 -24.46
CA HIS B 258 -10.63 -6.51 -25.00
C HIS B 258 -9.91 -7.47 -24.07
N PHE B 259 -9.21 -8.43 -24.66
CA PHE B 259 -8.23 -9.24 -23.96
C PHE B 259 -6.97 -9.27 -24.81
N SER B 260 -5.93 -9.86 -24.26
CA SER B 260 -4.61 -9.83 -24.87
C SER B 260 -4.16 -11.23 -25.23
N ARG B 261 -3.20 -11.28 -26.14
CA ARG B 261 -2.45 -12.50 -26.37
C ARG B 261 -1.52 -12.69 -25.18
N ASN B 262 -0.63 -13.67 -25.27
CA ASN B 262 0.19 -14.19 -24.19
C ASN B 262 -0.65 -15.07 -23.26
N LEU B 263 -1.96 -15.17 -23.47
CA LEU B 263 -2.77 -16.13 -22.74
C LEU B 263 -2.70 -17.49 -23.40
N CYS B 264 -3.18 -17.58 -24.64
CA CYS B 264 -3.29 -18.83 -25.36
C CYS B 264 -2.09 -18.94 -26.28
N THR B 265 -1.15 -19.82 -25.94
CA THR B 265 0.05 -19.99 -26.74
C THR B 265 -0.23 -21.02 -27.81
N CYS B 266 -0.40 -20.54 -29.05
CA CYS B 266 -0.71 -21.42 -30.15
C CYS B 266 0.55 -22.07 -30.69
N THR B 267 0.40 -23.31 -31.15
CA THR B 267 1.48 -24.05 -31.79
C THR B 267 0.91 -24.74 -33.02
N ASN B 268 1.59 -24.58 -34.14
CA ASN B 268 1.05 -24.94 -35.43
C ASN B 268 1.10 -26.44 -35.68
N ALA B 269 0.10 -26.93 -36.41
CA ALA B 269 0.10 -28.29 -36.91
C ALA B 269 -0.39 -28.37 -38.36
N LEU B 270 -0.71 -27.24 -38.98
CA LEU B 270 -1.10 -27.13 -40.38
C LEU B 270 -2.51 -27.63 -40.64
N HIS B 271 -3.10 -28.34 -39.69
CA HIS B 271 -4.53 -28.67 -39.77
C HIS B 271 -5.31 -28.10 -38.59
N LYS B 272 -4.91 -28.40 -37.36
CA LYS B 272 -5.60 -27.95 -36.15
C LYS B 272 -4.54 -27.36 -35.24
N VAL B 273 -4.24 -26.08 -35.45
CA VAL B 273 -3.28 -25.40 -34.59
C VAL B 273 -3.80 -25.42 -33.17
N SER B 274 -2.96 -25.84 -32.24
CA SER B 274 -3.38 -26.08 -30.86
C SER B 274 -3.03 -24.87 -30.02
N CYS B 275 -4.05 -24.24 -29.45
CA CYS B 275 -3.90 -23.05 -28.63
C CYS B 275 -4.36 -23.39 -27.21
N THR B 276 -3.43 -23.32 -26.27
CA THR B 276 -3.71 -23.63 -24.87
C THR B 276 -3.64 -22.36 -24.04
N CYS B 277 -4.66 -22.16 -23.20
CA CYS B 277 -4.76 -20.98 -22.35
C CYS B 277 -5.41 -21.36 -21.04
N TYR B 278 -5.54 -20.37 -20.15
CA TYR B 278 -6.17 -20.56 -18.85
C TYR B 278 -7.68 -20.39 -18.97
N ASP B 279 -8.41 -21.27 -18.30
CA ASP B 279 -9.87 -21.21 -18.28
C ASP B 279 -10.29 -20.33 -17.10
N GLY B 280 -10.15 -19.03 -17.30
CA GLY B 280 -10.41 -18.08 -16.24
C GLY B 280 -11.89 -17.86 -15.96
N SER B 281 -12.35 -18.32 -14.82
CA SER B 281 -13.70 -18.04 -14.31
C SER B 281 -13.53 -17.39 -12.95
N VAL B 282 -13.65 -16.07 -12.93
CA VAL B 282 -13.25 -15.25 -11.79
C VAL B 282 -13.88 -15.75 -10.50
N GLU B 283 -15.06 -16.35 -10.61
CA GLU B 283 -15.74 -16.86 -9.42
C GLU B 283 -14.79 -17.68 -8.57
N ASP B 284 -13.82 -18.34 -9.19
CA ASP B 284 -12.82 -19.09 -8.44
C ASP B 284 -11.98 -18.16 -7.60
N HIS B 285 -11.36 -17.16 -8.22
CA HIS B 285 -10.55 -16.20 -7.48
C HIS B 285 -11.35 -15.59 -6.34
N MET B 286 -12.63 -15.35 -6.57
CA MET B 286 -13.49 -14.86 -5.50
C MET B 286 -13.56 -15.87 -4.36
N GLU B 287 -13.84 -17.13 -4.70
CA GLU B 287 -13.94 -18.17 -3.68
C GLU B 287 -12.63 -18.39 -2.95
N ALA B 288 -11.51 -17.90 -3.48
CA ALA B 288 -10.24 -18.08 -2.81
C ALA B 288 -10.21 -17.34 -1.48
N LEU B 289 -10.79 -16.15 -1.41
CA LEU B 289 -10.71 -15.32 -0.22
C LEU B 289 -11.86 -14.34 -0.17
N PRO B 290 -13.05 -14.79 0.23
CA PRO B 290 -14.23 -13.94 0.14
C PRO B 290 -14.49 -13.11 1.38
N LEU B 291 -15.51 -12.29 1.32
CA LEU B 291 -15.94 -11.46 2.42
C LEU B 291 -17.21 -12.02 3.04
N PRO B 292 -17.45 -11.76 4.34
CA PRO B 292 -16.56 -11.04 5.24
C PRO B 292 -15.28 -11.82 5.52
N GLN B 293 -14.22 -11.11 5.87
CA GLN B 293 -12.88 -11.67 6.00
C GLN B 293 -12.31 -11.18 7.31
N THR B 294 -12.56 -11.93 8.37
CA THR B 294 -12.08 -11.55 9.69
C THR B 294 -10.61 -11.90 9.86
N SER B 295 -9.96 -11.22 10.78
CA SER B 295 -8.57 -11.49 11.10
C SER B 295 -8.30 -11.01 12.52
N LYS B 296 -7.02 -10.95 12.88
CA LYS B 296 -6.65 -10.68 14.25
C LYS B 296 -7.00 -9.26 14.66
N ASN B 297 -6.63 -8.28 13.85
CA ASN B 297 -6.83 -6.88 14.18
C ASN B 297 -7.99 -6.24 13.43
N PHE B 298 -8.31 -6.70 12.24
CA PHE B 298 -9.29 -6.06 11.39
C PHE B 298 -10.32 -7.06 10.88
N LEU B 299 -11.40 -6.52 10.34
CA LEU B 299 -12.33 -7.29 9.53
C LEU B 299 -12.97 -6.38 8.51
N VAL B 300 -13.16 -6.92 7.31
CA VAL B 300 -13.55 -6.16 6.13
C VAL B 300 -14.89 -6.71 5.67
N PHE B 301 -15.96 -5.94 5.87
CA PHE B 301 -17.30 -6.40 5.55
C PHE B 301 -18.04 -5.36 4.75
N GLU B 302 -18.91 -5.84 3.86
CA GLU B 302 -19.80 -4.98 3.09
C GLU B 302 -21.17 -4.92 3.76
N LYS B 303 -21.82 -3.77 3.61
CA LYS B 303 -23.12 -3.56 4.21
C LYS B 303 -23.84 -2.55 3.34
N ASP B 304 -24.71 -3.05 2.46
CA ASP B 304 -25.45 -2.23 1.52
C ASP B 304 -24.50 -1.50 0.56
N ARG B 305 -23.68 -2.29 -0.12
CA ARG B 305 -22.90 -1.82 -1.25
C ARG B 305 -21.82 -0.83 -0.84
N ASN B 306 -21.32 -0.95 0.38
CA ASN B 306 -20.26 -0.07 0.88
C ASN B 306 -19.31 -0.91 1.73
N ILE B 307 -18.04 -0.92 1.35
CA ILE B 307 -17.07 -1.81 1.96
C ILE B 307 -16.48 -1.18 3.21
N TYR B 308 -17.13 -1.38 4.35
CA TYR B 308 -16.54 -0.92 5.59
C TYR B 308 -15.45 -1.90 6.01
N ALA B 309 -14.51 -1.40 6.79
CA ALA B 309 -13.51 -2.27 7.41
C ALA B 309 -13.14 -1.69 8.75
N LYS B 310 -13.31 -2.47 9.81
CA LYS B 310 -13.10 -1.94 11.14
C LYS B 310 -12.04 -2.76 11.87
N THR B 311 -11.60 -2.20 12.98
CA THR B 311 -10.59 -2.82 13.82
C THR B 311 -11.06 -2.82 15.27
N HIS B 312 -10.62 -3.82 16.03
CA HIS B 312 -11.11 -4.06 17.38
C HIS B 312 -10.07 -3.82 18.46
N VAL B 313 -8.93 -4.49 18.37
CA VAL B 313 -8.01 -4.61 19.49
C VAL B 313 -6.74 -3.80 19.29
N GLY B 314 -6.11 -3.92 18.13
CA GLY B 314 -4.85 -3.24 17.89
C GLY B 314 -4.92 -1.74 18.03
N SER B 315 -6.11 -1.17 18.15
CA SER B 315 -6.29 0.27 18.17
C SER B 315 -6.89 0.72 19.50
N ALA B 316 -6.88 2.04 19.68
CA ALA B 316 -7.40 2.63 20.90
C ALA B 316 -7.91 4.02 20.58
N LEU B 317 -9.20 4.12 20.32
CA LEU B 317 -9.88 5.41 20.23
C LEU B 317 -9.54 6.24 21.46
N GLN B 318 -9.51 7.56 21.26
CA GLN B 318 -9.32 8.52 22.34
C GLN B 318 -10.43 9.56 22.24
N LEU B 319 -11.36 9.48 23.18
CA LEU B 319 -12.61 10.20 23.14
C LEU B 319 -12.59 11.33 24.17
N HIS B 320 -13.41 12.33 23.93
CA HIS B 320 -13.44 13.52 24.77
C HIS B 320 -14.89 13.91 25.00
N ILE B 321 -15.34 13.80 26.23
CA ILE B 321 -16.73 14.02 26.61
C ILE B 321 -16.83 15.26 27.47
N VAL B 322 -17.92 16.00 27.30
CA VAL B 322 -18.21 17.19 28.07
C VAL B 322 -19.67 17.11 28.52
N ALA B 323 -19.88 17.01 29.82
CA ALA B 323 -21.21 17.07 30.41
C ALA B 323 -21.55 18.52 30.69
N GLN B 324 -22.66 18.98 30.13
CA GLN B 324 -23.03 20.38 30.29
C GLN B 324 -23.30 20.69 31.75
N ASP B 325 -22.39 21.43 32.38
CA ASP B 325 -22.54 21.87 33.76
C ASP B 325 -22.52 20.69 34.73
N LEU B 326 -21.65 19.73 34.47
CA LEU B 326 -21.41 18.61 35.37
C LEU B 326 -19.93 18.29 35.35
N LYS B 327 -19.58 17.14 35.91
CA LYS B 327 -18.26 16.57 35.71
C LYS B 327 -18.40 15.05 35.71
N ILE B 328 -17.45 14.40 35.04
CA ILE B 328 -17.48 12.97 34.79
C ILE B 328 -16.41 12.29 35.61
N THR B 329 -16.67 11.06 36.03
CA THR B 329 -15.71 10.24 36.73
C THR B 329 -15.91 8.79 36.32
N THR B 330 -14.83 8.13 35.94
CA THR B 330 -14.93 6.74 35.51
C THR B 330 -15.16 5.84 36.72
N VAL B 331 -15.25 4.54 36.45
CA VAL B 331 -15.42 3.54 37.49
C VAL B 331 -14.46 2.39 37.19
N LYS B 332 -13.61 2.07 38.15
CA LYS B 332 -12.71 0.92 38.02
C LYS B 332 -13.38 -0.28 38.67
N HIS B 333 -13.44 -1.38 37.94
CA HIS B 333 -14.21 -2.55 38.32
C HIS B 333 -13.24 -3.70 38.62
N THR B 334 -12.81 -3.77 39.88
CA THR B 334 -11.90 -4.82 40.28
C THR B 334 -12.64 -6.15 40.38
N SER B 335 -12.08 -7.18 39.76
CA SER B 335 -12.66 -8.51 39.86
C SER B 335 -11.69 -9.52 39.26
N HIS B 336 -11.50 -10.64 39.96
CA HIS B 336 -10.72 -11.73 39.40
C HIS B 336 -11.49 -12.35 38.24
N CYS B 337 -10.91 -13.39 37.65
CA CYS B 337 -11.52 -14.00 36.48
C CYS B 337 -11.04 -15.43 36.33
N GLN B 338 -11.90 -16.27 35.76
CA GLN B 338 -11.60 -17.64 35.45
C GLN B 338 -11.70 -17.85 33.96
N VAL B 339 -10.86 -18.75 33.44
CA VAL B 339 -10.69 -18.93 32.01
C VAL B 339 -10.94 -20.39 31.65
N GLU B 340 -11.72 -20.60 30.59
CA GLU B 340 -11.99 -21.91 30.03
C GLU B 340 -11.46 -21.90 28.60
N ALA B 341 -10.41 -22.67 28.36
CA ALA B 341 -9.70 -22.67 27.11
C ALA B 341 -10.45 -23.48 26.06
N SER B 342 -9.78 -23.76 24.95
CA SER B 342 -10.32 -24.59 23.89
C SER B 342 -9.15 -25.06 23.03
N ASP B 343 -9.46 -25.65 21.89
CA ASP B 343 -8.47 -26.16 20.97
C ASP B 343 -8.39 -25.25 19.75
N LEU B 344 -7.16 -24.96 19.31
CA LEU B 344 -6.98 -24.12 18.15
C LEU B 344 -7.68 -24.73 16.94
N SER B 345 -7.88 -23.89 15.92
CA SER B 345 -8.61 -24.30 14.73
C SER B 345 -8.30 -23.33 13.61
N GLY B 346 -7.95 -23.86 12.45
CA GLY B 346 -7.77 -23.07 11.26
C GLY B 346 -6.36 -23.16 10.72
N CYS B 347 -5.92 -22.10 10.06
CA CYS B 347 -4.67 -22.07 9.35
C CYS B 347 -3.62 -21.26 10.10
N TYR B 348 -2.37 -21.59 9.85
CA TYR B 348 -1.23 -20.86 10.39
C TYR B 348 -0.52 -20.14 9.25
N SER B 349 -0.05 -18.94 9.53
CA SER B 349 0.52 -18.08 8.50
C SER B 349 -0.50 -17.85 7.38
N CYS B 350 -1.61 -17.24 7.76
CA CYS B 350 -2.67 -16.89 6.83
C CYS B 350 -3.29 -15.58 7.28
N THR B 351 -3.87 -14.86 6.32
CA THR B 351 -4.53 -13.60 6.64
C THR B 351 -5.64 -13.81 7.65
N SER B 352 -6.22 -14.99 7.71
CA SER B 352 -7.13 -15.34 8.77
C SER B 352 -6.34 -15.71 10.03
N GLY B 353 -7.03 -15.74 11.15
CA GLY B 353 -6.40 -15.99 12.43
C GLY B 353 -6.60 -17.43 12.89
N ALA B 354 -5.62 -17.92 13.62
CA ALA B 354 -5.73 -19.23 14.27
C ALA B 354 -6.84 -19.16 15.31
N SER B 355 -7.96 -19.81 15.02
CA SER B 355 -9.16 -19.60 15.80
C SER B 355 -9.03 -20.18 17.20
N LEU B 356 -9.84 -19.66 18.10
CA LEU B 356 -9.93 -20.17 19.46
C LEU B 356 -11.35 -19.94 19.97
N THR B 357 -11.58 -20.36 21.21
CA THR B 357 -12.84 -20.07 21.88
C THR B 357 -12.54 -20.09 23.38
N LEU B 358 -12.40 -18.92 23.97
CA LEU B 358 -11.99 -18.79 25.36
C LEU B 358 -13.18 -18.28 26.16
N SER B 359 -13.95 -19.21 26.71
CA SER B 359 -14.95 -18.81 27.67
C SER B 359 -14.25 -18.25 28.91
N CYS B 360 -14.98 -17.43 29.67
CA CYS B 360 -14.36 -16.87 30.85
C CYS B 360 -15.42 -16.20 31.71
N LYS B 361 -15.24 -16.31 33.01
CA LYS B 361 -16.16 -15.77 34.00
C LYS B 361 -15.47 -14.71 34.84
N SER B 362 -16.28 -13.83 35.42
CA SER B 362 -15.79 -12.63 36.06
C SER B 362 -16.23 -12.44 37.50
N ASP B 363 -17.22 -13.19 37.97
CA ASP B 363 -17.81 -13.00 39.30
C ASP B 363 -18.15 -11.54 39.57
N ASN B 364 -18.36 -10.77 38.51
CA ASN B 364 -18.68 -9.35 38.63
C ASN B 364 -18.95 -8.76 37.25
N GLY B 365 -19.32 -7.49 37.20
CA GLY B 365 -19.55 -6.80 35.94
C GLY B 365 -18.42 -7.07 34.97
N GLU B 366 -18.73 -7.11 33.67
CA GLU B 366 -17.74 -7.55 32.70
C GLU B 366 -16.49 -6.69 32.80
N VAL B 367 -15.34 -7.35 32.78
CA VAL B 367 -14.05 -6.70 32.94
C VAL B 367 -13.17 -7.13 31.78
N LEU B 368 -11.99 -6.51 31.69
CA LEU B 368 -11.09 -6.70 30.57
C LEU B 368 -9.87 -7.50 30.99
N ALA B 369 -9.37 -8.31 30.06
CA ALA B 369 -8.23 -9.17 30.29
C ALA B 369 -7.25 -9.00 29.15
N ASN B 370 -5.99 -8.75 29.49
CA ASN B 370 -4.90 -8.55 28.53
C ASN B 370 -4.18 -9.89 28.35
N MET B 371 -4.71 -10.70 27.44
CA MET B 371 -4.16 -12.02 27.22
C MET B 371 -2.80 -11.93 26.56
N LYS B 372 -1.85 -12.71 27.06
CA LYS B 372 -0.47 -12.68 26.60
C LYS B 372 -0.01 -14.11 26.36
N CYS B 373 0.13 -14.47 25.09
CA CYS B 373 0.76 -15.74 24.72
C CYS B 373 2.26 -15.52 24.61
N ASN B 374 2.96 -16.50 24.03
CA ASN B 374 4.41 -16.42 23.93
C ASN B 374 4.85 -15.11 23.29
N GLU B 375 4.30 -14.79 22.13
CA GLU B 375 4.62 -13.58 21.39
C GLU B 375 3.44 -12.63 21.27
N GLN B 376 2.30 -13.14 20.82
CA GLN B 376 1.13 -12.32 20.54
C GLN B 376 0.57 -11.70 21.81
N THR B 377 -0.44 -10.85 21.66
CA THR B 377 -1.08 -10.21 22.80
C THR B 377 -2.45 -9.73 22.35
N HIS B 378 -3.49 -10.33 22.90
CA HIS B 378 -4.87 -10.03 22.55
C HIS B 378 -5.59 -9.55 23.80
N VAL B 379 -6.86 -9.20 23.65
CA VAL B 379 -7.67 -8.76 24.78
C VAL B 379 -9.04 -9.40 24.69
N ILE B 380 -9.64 -9.63 25.86
CA ILE B 380 -10.99 -10.20 25.96
C ILE B 380 -11.74 -9.46 27.06
N ARG B 381 -13.06 -9.66 27.09
CA ARG B 381 -13.96 -8.84 27.89
C ARG B 381 -14.93 -9.72 28.66
N CYS B 382 -14.41 -10.73 29.34
CA CYS B 382 -15.26 -11.77 29.89
C CYS B 382 -16.04 -11.27 31.10
N THR B 383 -17.21 -11.88 31.30
CA THR B 383 -18.23 -11.38 32.21
C THR B 383 -18.71 -12.46 33.18
N GLU B 384 -19.81 -12.16 33.88
CA GLU B 384 -20.33 -13.08 34.88
C GLU B 384 -20.59 -14.47 34.30
N SER B 385 -21.28 -14.53 33.16
CA SER B 385 -21.84 -15.78 32.66
C SER B 385 -21.31 -16.07 31.26
N GLY B 386 -20.84 -17.30 31.07
CA GLY B 386 -20.50 -17.80 29.74
C GLY B 386 -19.64 -16.85 28.94
N PHE B 387 -20.23 -16.29 27.88
CA PHE B 387 -19.59 -15.25 27.08
C PHE B 387 -18.30 -15.74 26.42
N ILE B 388 -18.50 -16.64 25.46
CA ILE B 388 -17.38 -17.13 24.67
C ILE B 388 -16.70 -15.96 23.96
N ASN B 389 -15.47 -16.22 23.51
CA ASN B 389 -14.72 -15.25 22.72
C ASN B 389 -13.92 -15.96 21.65
N ASN B 390 -14.13 -15.56 20.40
CA ASN B 390 -13.33 -16.02 19.27
C ASN B 390 -12.32 -14.93 18.93
N ILE B 391 -11.04 -15.26 18.99
CA ILE B 391 -10.01 -14.23 19.09
C ILE B 391 -8.93 -14.30 18.01
N LEU B 392 -8.76 -15.42 17.30
CA LEU B 392 -8.03 -15.44 16.04
C LEU B 392 -6.58 -14.98 16.21
N LEU B 393 -5.81 -15.81 16.93
CA LEU B 393 -4.38 -15.57 17.06
C LEU B 393 -3.67 -15.90 15.75
N MET B 394 -2.36 -15.65 15.72
CA MET B 394 -1.56 -15.62 14.49
C MET B 394 -0.26 -16.40 14.63
N PHE B 395 -0.32 -17.62 15.13
CA PHE B 395 0.87 -18.45 15.13
C PHE B 395 1.27 -18.81 13.70
N ASP B 396 2.52 -19.26 13.55
CA ASP B 396 3.10 -19.50 12.24
C ASP B 396 3.79 -20.85 12.16
N THR B 397 3.20 -21.88 12.77
CA THR B 397 3.72 -23.23 12.69
C THR B 397 2.56 -24.21 12.63
N SER B 398 2.89 -25.49 12.49
CA SER B 398 1.87 -26.53 12.44
C SER B 398 1.45 -26.93 13.85
N GLU B 399 2.39 -27.43 14.64
CA GLU B 399 2.13 -27.75 16.03
C GLU B 399 2.31 -26.49 16.86
N VAL B 400 1.42 -26.30 17.82
CA VAL B 400 1.48 -25.14 18.70
C VAL B 400 1.12 -25.57 20.10
N ALA B 401 1.94 -25.17 21.06
CA ALA B 401 1.71 -25.53 22.45
C ALA B 401 2.45 -24.50 23.31
N ALA B 402 1.70 -23.63 23.97
CA ALA B 402 2.33 -22.55 24.70
C ALA B 402 1.52 -22.20 25.95
N ASP B 403 2.15 -21.43 26.83
CA ASP B 403 1.59 -21.05 28.11
C ASP B 403 1.10 -19.61 28.02
N CYS B 404 -0.14 -19.47 27.52
CA CYS B 404 -0.76 -18.15 27.42
C CYS B 404 -1.33 -17.75 28.77
N THR B 405 -0.93 -16.59 29.25
CA THR B 405 -1.27 -16.11 30.59
C THR B 405 -2.21 -14.92 30.47
N ALA B 406 -3.49 -15.16 30.68
CA ALA B 406 -4.43 -14.06 30.81
C ALA B 406 -4.09 -13.21 32.03
N ALA B 407 -4.61 -11.99 32.03
CA ALA B 407 -4.31 -11.05 33.11
C ALA B 407 -5.49 -10.10 33.26
N CYS B 408 -6.27 -10.32 34.28
CA CYS B 408 -7.34 -9.43 34.65
C CYS B 408 -6.88 -8.50 35.76
N PRO B 409 -7.62 -7.42 36.03
CA PRO B 409 -7.18 -6.46 37.05
C PRO B 409 -6.90 -7.11 38.40
N GLY B 410 -7.38 -8.32 38.64
CA GLY B 410 -7.02 -9.03 39.84
C GLY B 410 -5.69 -9.74 39.69
N GLY B 411 -5.68 -11.05 39.87
CA GLY B 411 -4.49 -11.85 39.67
C GLY B 411 -4.48 -12.48 38.30
N ILE B 412 -3.28 -12.63 37.73
CA ILE B 412 -3.16 -13.30 36.45
C ILE B 412 -3.62 -14.74 36.58
N VAL B 413 -3.89 -15.36 35.44
CA VAL B 413 -4.36 -16.74 35.38
C VAL B 413 -3.60 -17.45 34.28
N ASN B 414 -2.70 -18.34 34.65
CA ASN B 414 -1.99 -19.13 33.67
C ASN B 414 -2.87 -20.26 33.15
N PHE B 415 -2.65 -20.61 31.89
CA PHE B 415 -3.26 -21.79 31.30
C PHE B 415 -2.39 -22.22 30.13
N THR B 416 -2.91 -23.12 29.30
CA THR B 416 -2.15 -23.70 28.22
C THR B 416 -3.01 -23.76 26.98
N ILE B 417 -2.38 -23.53 25.83
CA ILE B 417 -3.06 -23.59 24.55
C ILE B 417 -2.30 -24.54 23.64
N LYS B 418 -3.01 -25.53 23.12
CA LYS B 418 -2.45 -26.54 22.23
C LYS B 418 -3.23 -26.55 20.93
N GLY B 419 -2.62 -27.10 19.91
CA GLY B 419 -3.33 -27.28 18.65
C GLY B 419 -2.41 -27.70 17.54
N LEU B 420 -3.05 -28.16 16.46
CA LEU B 420 -2.37 -28.58 15.24
C LEU B 420 -3.02 -27.87 14.07
N LEU B 421 -2.26 -27.03 13.39
CA LEU B 421 -2.79 -26.14 12.37
C LEU B 421 -2.32 -26.59 10.99
N ALA B 422 -3.18 -26.41 9.99
CA ALA B 422 -2.93 -26.88 8.65
C ALA B 422 -2.69 -25.69 7.72
N PHE B 423 -1.80 -25.88 6.75
CA PHE B 423 -1.46 -24.83 5.81
C PHE B 423 -2.41 -24.90 4.62
N VAL B 424 -2.95 -23.75 4.25
CA VAL B 424 -3.82 -23.66 3.08
C VAL B 424 -2.96 -23.27 1.89
N ASN B 425 -3.48 -23.56 0.71
CA ASN B 425 -2.84 -23.19 -0.54
C ASN B 425 -3.71 -22.15 -1.22
N GLU B 426 -3.10 -21.02 -1.60
CA GLU B 426 -3.89 -19.97 -2.22
C GLU B 426 -4.57 -20.47 -3.49
N ARG B 427 -3.77 -20.72 -4.54
CA ARG B 427 -4.20 -21.56 -5.65
C ARG B 427 -3.09 -21.67 -6.67
N ILE B 428 -3.30 -22.48 -7.70
CA ILE B 428 -2.37 -22.57 -8.81
C ILE B 428 -3.04 -23.25 -10.00
N ILE B 429 -2.77 -22.75 -11.20
CA ILE B 429 -3.11 -23.48 -12.42
C ILE B 429 -2.15 -23.03 -13.51
N SER B 430 -1.51 -23.99 -14.15
CA SER B 430 -0.68 -23.72 -15.30
C SER B 430 -1.51 -23.90 -16.57
N GLN B 431 -0.88 -23.66 -17.71
CA GLN B 431 -1.57 -23.76 -18.99
C GLN B 431 -1.77 -25.24 -19.33
N SER B 432 -2.95 -25.75 -19.00
CA SER B 432 -3.31 -27.13 -19.29
C SER B 432 -4.70 -27.24 -19.91
N TYR B 433 -5.27 -26.14 -20.37
CA TYR B 433 -6.61 -26.10 -20.93
C TYR B 433 -6.56 -25.61 -22.35
N SER B 434 -7.42 -26.18 -23.20
CA SER B 434 -7.53 -25.75 -24.59
C SER B 434 -8.88 -26.20 -25.13
N ALA B 435 -9.38 -25.45 -26.11
CA ALA B 435 -10.63 -25.78 -26.77
C ALA B 435 -10.68 -25.10 -28.12
N THR B 436 -10.95 -25.88 -29.16
CA THR B 436 -10.97 -25.38 -30.52
C THR B 436 -12.25 -25.81 -31.22
N ASP B 437 -12.75 -24.95 -32.11
CA ASP B 437 -13.94 -25.23 -32.92
C ASP B 437 -13.60 -24.89 -34.36
N VAL B 438 -13.06 -25.86 -35.09
CA VAL B 438 -12.74 -25.65 -36.50
C VAL B 438 -13.96 -25.97 -37.35
N GLU B 439 -14.09 -25.27 -38.46
CA GLU B 439 -15.20 -25.49 -39.39
C GLU B 439 -14.70 -25.53 -40.83
N CYS C 1 19.43 16.36 31.44
CA CYS C 1 18.56 15.46 30.65
C CYS C 1 18.07 16.15 29.37
N SER C 2 16.97 15.68 28.81
CA SER C 2 16.41 16.20 27.57
C SER C 2 15.31 17.21 27.89
N GLU C 3 14.58 17.61 26.85
CA GLU C 3 13.46 18.53 26.98
C GLU C 3 12.27 17.96 26.23
N VAL C 4 11.29 17.47 26.98
CA VAL C 4 10.05 17.02 26.42
C VAL C 4 8.96 18.04 26.72
N ILE C 5 7.78 17.86 26.15
CA ILE C 5 6.65 18.76 26.35
C ILE C 5 5.51 17.96 26.96
N SER C 6 4.87 18.55 27.96
CA SER C 6 4.06 17.78 28.88
C SER C 6 2.77 18.52 29.21
N VAL C 7 1.87 17.79 29.87
CA VAL C 7 0.63 18.30 30.41
C VAL C 7 0.38 17.61 31.73
N THR C 8 0.07 18.40 32.77
CA THR C 8 -0.24 17.86 34.08
C THR C 8 -1.72 18.10 34.36
N SER C 9 -2.42 17.04 34.75
CA SER C 9 -3.85 17.11 34.96
C SER C 9 -4.23 16.24 36.14
N THR C 10 -5.49 16.33 36.54
CA THR C 10 -6.02 15.60 37.68
C THR C 10 -6.84 14.43 37.17
N GLU C 11 -6.68 13.28 37.82
CA GLU C 11 -7.43 12.07 37.50
C GLU C 11 -8.14 11.60 38.75
N GLU C 12 -9.46 11.41 38.65
CA GLU C 12 -10.29 10.92 39.74
C GLU C 12 -10.93 9.63 39.29
N VAL C 13 -10.64 8.54 40.00
CA VAL C 13 -11.11 7.22 39.62
C VAL C 13 -11.77 6.55 40.82
N CYS C 14 -12.95 5.97 40.61
CA CYS C 14 -13.69 5.30 41.66
C CYS C 14 -13.72 3.81 41.36
N THR C 15 -13.11 3.03 42.24
CA THR C 15 -13.03 1.58 42.09
C THR C 15 -14.25 0.93 42.71
N ILE C 16 -14.81 -0.05 42.00
CA ILE C 16 -15.96 -0.83 42.46
C ILE C 16 -15.44 -2.16 42.97
N GLN C 17 -15.45 -2.34 44.28
CA GLN C 17 -15.16 -3.59 44.93
C GLN C 17 -16.48 -4.28 45.26
N GLU C 18 -16.39 -5.49 45.80
CA GLU C 18 -17.59 -6.28 46.05
C GLU C 18 -18.55 -5.50 46.96
N ASN C 19 -19.66 -5.04 46.39
CA ASN C 19 -20.64 -4.25 47.11
C ASN C 19 -19.98 -3.11 47.88
N LYS C 20 -19.03 -2.45 47.21
CA LYS C 20 -18.24 -1.41 47.86
C LYS C 20 -17.69 -0.47 46.80
N GLU C 21 -17.41 0.76 47.21
CA GLU C 21 -16.91 1.78 46.29
C GLU C 21 -15.85 2.61 47.00
N THR C 22 -14.73 2.84 46.33
CA THR C 22 -13.63 3.61 46.88
C THR C 22 -13.08 4.54 45.81
N CYS C 23 -13.22 5.84 46.01
CA CYS C 23 -12.75 6.82 45.04
C CYS C 23 -11.35 7.31 45.41
N THR C 24 -10.65 7.84 44.42
CA THR C 24 -9.24 8.18 44.54
C THR C 24 -8.95 9.41 43.68
N PHE C 25 -8.39 10.43 44.32
CA PHE C 25 -7.75 11.54 43.62
C PHE C 25 -6.33 11.14 43.21
N ASN C 26 -5.77 11.89 42.28
CA ASN C 26 -4.45 11.58 41.75
C ASN C 26 -3.90 12.81 41.04
N HIS C 27 -2.67 12.66 40.55
CA HIS C 27 -2.10 13.54 39.55
C HIS C 27 -1.61 12.67 38.40
N ALA C 28 -1.78 13.16 37.18
CA ALA C 28 -1.36 12.43 36.01
C ALA C 28 -0.63 13.36 35.06
N THR C 29 0.24 12.77 34.24
CA THR C 29 1.11 13.56 33.38
C THR C 29 1.20 12.90 32.01
N THR C 30 0.79 13.64 30.98
CA THR C 30 0.90 13.20 29.61
C THR C 30 2.09 13.89 28.97
N ILE C 31 3.08 13.11 28.55
CA ILE C 31 4.31 13.64 27.97
C ILE C 31 4.40 13.17 26.53
N THR C 32 4.83 14.07 25.65
CA THR C 32 4.94 13.78 24.24
C THR C 32 6.41 13.58 23.88
N LEU C 33 6.76 12.36 23.49
CA LEU C 33 8.15 11.96 23.31
C LEU C 33 8.37 11.53 21.88
N GLN C 34 9.37 12.11 21.24
CA GLN C 34 9.91 11.51 20.03
C GLN C 34 10.99 10.51 20.46
N PRO C 35 10.81 9.22 20.20
CA PRO C 35 11.57 8.22 20.94
C PRO C 35 13.07 8.41 20.87
N LEU C 36 13.62 8.33 19.66
CA LEU C 36 14.94 8.88 19.34
C LEU C 36 16.03 8.42 20.31
N GLN C 37 15.80 7.33 21.03
CA GLN C 37 16.76 6.86 22.03
C GLN C 37 17.15 7.98 22.97
N GLN C 38 16.15 8.68 23.49
CA GLN C 38 16.35 9.84 24.34
C GLN C 38 16.79 9.38 25.72
N GLN C 39 16.89 10.34 26.64
CA GLN C 39 16.91 10.07 28.07
C GLN C 39 15.92 11.06 28.68
N THR C 40 14.66 10.68 28.72
CA THR C 40 13.60 11.55 29.21
C THR C 40 13.50 11.40 30.72
N CYS C 41 13.84 12.46 31.44
CA CYS C 41 13.83 12.43 32.88
C CYS C 41 12.52 13.00 33.43
N LEU C 42 12.24 12.66 34.67
CA LEU C 42 11.05 13.13 35.36
C LEU C 42 11.34 13.17 36.85
N THR C 43 10.58 13.99 37.56
CA THR C 43 10.78 14.19 38.99
C THR C 43 9.45 13.99 39.70
N LEU C 44 9.46 13.13 40.71
CA LEU C 44 8.28 12.78 41.47
C LEU C 44 8.21 13.62 42.74
N ASN C 45 7.00 13.82 43.25
CA ASN C 45 6.91 14.45 44.55
C ASN C 45 5.47 14.45 45.04
N ASP C 46 5.33 14.33 46.35
CA ASP C 46 4.09 14.54 47.07
C ASP C 46 4.10 15.90 47.74
N PRO C 47 2.97 16.31 48.30
CA PRO C 47 2.97 17.59 49.04
C PRO C 47 3.93 17.60 50.22
N GLU C 48 4.18 16.45 50.84
CA GLU C 48 4.94 16.42 52.08
C GLU C 48 6.44 16.43 51.82
N LYS C 49 6.96 15.40 51.17
CA LYS C 49 8.38 15.25 50.93
C LYS C 49 8.64 15.49 49.46
N ARG C 50 9.02 16.73 49.13
CA ARG C 50 9.13 17.15 47.74
C ARG C 50 10.21 16.41 46.98
N PRO C 51 11.26 15.88 47.62
CA PRO C 51 12.11 14.92 46.91
C PRO C 51 11.64 13.49 47.11
N MET C 52 11.42 12.77 46.01
CA MET C 52 10.98 11.38 46.09
C MET C 52 11.65 10.47 45.08
N GLY C 53 12.61 10.97 44.30
CA GLY C 53 13.33 10.14 43.37
C GLY C 53 13.09 10.50 41.92
N MET C 54 14.12 10.37 41.09
CA MET C 54 14.01 10.66 39.68
C MET C 54 13.57 9.43 38.92
N LEU C 55 12.88 9.68 37.81
CA LEU C 55 12.36 8.65 36.93
C LEU C 55 12.97 8.88 35.54
N THR C 56 13.21 7.79 34.83
CA THR C 56 13.88 7.89 33.54
C THR C 56 13.21 6.95 32.56
N VAL C 57 12.89 7.47 31.38
CA VAL C 57 12.27 6.71 30.32
C VAL C 57 13.15 6.82 29.10
N LYS C 58 13.38 5.68 28.44
CA LYS C 58 14.22 5.60 27.26
C LYS C 58 13.49 4.72 26.26
N PRO C 59 12.65 5.31 25.42
CA PRO C 59 11.92 4.51 24.43
C PRO C 59 12.83 4.06 23.31
N ASP C 60 12.78 2.76 23.03
CA ASP C 60 13.57 2.18 21.95
C ASP C 60 12.94 2.40 20.60
N GLY C 61 11.90 3.22 20.53
CA GLY C 61 11.22 3.52 19.28
C GLY C 61 9.81 3.00 19.29
N ILE C 62 9.15 3.22 18.16
CA ILE C 62 7.79 2.75 17.89
C ILE C 62 7.92 1.64 16.87
N LYS C 63 7.58 0.42 17.24
CA LYS C 63 7.82 -0.73 16.39
C LYS C 63 6.50 -1.36 15.96
N PHE C 64 6.59 -2.05 14.83
CA PHE C 64 5.48 -2.74 14.22
C PHE C 64 5.88 -4.20 14.06
N ARG C 65 5.15 -5.09 14.71
CA ARG C 65 5.32 -6.51 14.47
C ARG C 65 4.57 -6.91 13.21
N CYS C 66 5.11 -7.92 12.54
CA CYS C 66 4.49 -8.44 11.34
C CYS C 66 3.56 -9.60 11.67
N ASN C 67 2.53 -9.75 10.87
CA ASN C 67 1.60 -10.86 10.92
C ASN C 67 1.68 -11.51 9.55
N LYS C 68 2.50 -12.55 9.46
CA LYS C 68 2.89 -13.07 8.17
C LYS C 68 1.69 -13.48 7.34
N LYS C 69 1.97 -13.71 6.07
CA LYS C 69 1.05 -14.43 5.19
C LYS C 69 1.92 -15.19 4.20
N ILE C 70 2.25 -16.44 4.53
CA ILE C 70 3.07 -17.25 3.65
C ILE C 70 2.25 -17.53 2.41
N GLU C 71 2.68 -16.98 1.29
CA GLU C 71 1.91 -16.99 0.06
C GLU C 71 2.49 -17.90 -1.02
N PHE C 72 3.80 -18.07 -1.04
CA PHE C 72 4.47 -18.37 -2.29
C PHE C 72 5.84 -18.94 -1.97
N PHE C 73 6.04 -20.23 -2.24
CA PHE C 73 7.35 -20.84 -2.05
C PHE C 73 8.03 -21.01 -3.40
N THR C 74 9.35 -20.92 -3.39
CA THR C 74 10.13 -21.08 -4.62
C THR C 74 11.50 -21.60 -4.27
N ARG C 75 12.32 -21.78 -5.30
CA ARG C 75 13.65 -22.34 -5.15
C ARG C 75 14.56 -21.79 -6.24
N ASP C 76 15.84 -21.68 -5.93
CA ASP C 76 16.83 -21.41 -6.96
C ASP C 76 16.65 -22.40 -8.09
N HIS C 77 16.32 -21.88 -9.26
CA HIS C 77 15.89 -22.72 -10.37
C HIS C 77 16.67 -22.37 -11.62
N GLN C 78 16.75 -23.34 -12.51
CA GLN C 78 17.38 -23.18 -13.82
C GLN C 78 16.51 -23.93 -14.81
N ILE C 79 15.94 -23.21 -15.76
CA ILE C 79 15.02 -23.79 -16.71
C ILE C 79 15.80 -24.28 -17.91
N VAL C 80 15.51 -25.50 -18.34
CA VAL C 80 16.21 -26.11 -19.45
C VAL C 80 15.24 -26.60 -20.50
N SER C 81 15.78 -26.94 -21.66
CA SER C 81 15.05 -27.32 -22.85
C SER C 81 15.44 -28.72 -23.27
N GLU C 82 14.68 -29.25 -24.22
CA GLU C 82 15.00 -30.53 -24.81
C GLU C 82 14.09 -30.71 -26.02
N SER C 83 14.56 -31.52 -26.98
CA SER C 83 13.80 -31.70 -28.20
C SER C 83 14.23 -32.98 -28.87
N VAL C 84 13.37 -33.47 -29.75
CA VAL C 84 13.64 -34.66 -30.54
C VAL C 84 12.72 -34.64 -31.75
N HIS C 85 13.28 -34.91 -32.92
CA HIS C 85 12.50 -34.87 -34.16
C HIS C 85 12.68 -36.18 -34.91
N ARG C 86 11.64 -36.54 -35.65
CA ARG C 86 11.56 -37.81 -36.35
C ARG C 86 11.24 -37.55 -37.82
N CYS C 87 11.35 -38.60 -38.61
CA CYS C 87 10.91 -38.54 -40.00
C CYS C 87 9.40 -38.81 -40.04
N HIS C 88 8.87 -38.96 -41.25
CA HIS C 88 7.46 -39.24 -41.46
C HIS C 88 7.15 -40.70 -41.16
N ARG C 89 5.86 -40.96 -40.88
CA ARG C 89 5.36 -42.32 -40.66
C ARG C 89 6.25 -43.07 -39.69
N ALA C 90 6.53 -42.45 -38.55
CA ALA C 90 7.39 -43.03 -37.54
C ALA C 90 7.03 -42.44 -36.19
N GLY C 91 7.11 -43.28 -35.15
CA GLY C 91 6.77 -42.83 -33.81
C GLY C 91 5.34 -42.34 -33.71
N SER C 92 5.19 -41.05 -33.42
CA SER C 92 3.87 -40.42 -33.35
C SER C 92 3.70 -39.35 -34.41
N CYS C 93 4.51 -39.40 -35.48
CA CYS C 93 4.48 -38.38 -36.53
C CYS C 93 3.61 -38.89 -37.67
N HIS C 94 2.31 -38.79 -37.46
CA HIS C 94 1.32 -39.16 -38.48
C HIS C 94 0.09 -38.28 -38.25
N SER C 95 -1.03 -38.67 -38.88
CA SER C 95 -2.09 -37.74 -39.22
C SER C 95 -2.30 -36.68 -38.15
N ASP C 96 -2.77 -37.07 -36.96
CA ASP C 96 -3.02 -36.10 -35.90
C ASP C 96 -2.54 -36.59 -34.53
N GLU C 97 -1.57 -37.49 -34.49
CA GLU C 97 -1.13 -38.04 -33.21
C GLU C 97 -0.19 -37.09 -32.49
N CYS C 98 0.73 -36.45 -33.23
CA CYS C 98 1.54 -35.38 -32.66
C CYS C 98 0.72 -34.12 -32.46
N HIS C 99 -0.37 -33.98 -33.21
CA HIS C 99 -1.20 -32.78 -33.12
C HIS C 99 -2.15 -32.80 -31.93
N HIS C 100 -2.42 -34.00 -31.37
CA HIS C 100 -3.24 -34.14 -30.18
C HIS C 100 -2.40 -34.34 -28.93
N VAL C 101 -1.12 -34.01 -28.99
CA VAL C 101 -0.27 -34.14 -27.81
C VAL C 101 -0.80 -33.27 -26.69
N LYS C 102 -0.77 -33.80 -25.47
CA LYS C 102 -1.21 -33.04 -24.31
C LYS C 102 -0.08 -32.16 -23.80
N ASP C 103 -0.45 -31.14 -23.02
CA ASP C 103 0.53 -30.20 -22.51
C ASP C 103 1.50 -30.89 -21.55
N THR C 104 0.97 -31.65 -20.59
CA THR C 104 1.77 -32.35 -19.59
C THR C 104 2.01 -33.82 -19.96
N ASP C 105 2.11 -34.12 -21.25
CA ASP C 105 2.30 -35.49 -21.71
C ASP C 105 3.78 -35.86 -21.59
N ALA C 106 4.09 -36.73 -20.64
CA ALA C 106 5.45 -37.25 -20.50
C ALA C 106 5.65 -38.31 -21.58
N LEU C 107 6.31 -37.92 -22.66
CA LEU C 107 6.42 -38.80 -23.82
C LEU C 107 7.48 -39.87 -23.60
N PRO C 108 7.24 -41.11 -24.07
CA PRO C 108 8.29 -42.13 -24.10
C PRO C 108 9.17 -42.03 -25.34
N GLU C 109 9.58 -40.81 -25.67
CA GLU C 109 10.39 -40.53 -26.86
C GLU C 109 11.59 -39.71 -26.41
N PHE C 110 12.63 -40.39 -25.94
CA PHE C 110 13.92 -39.81 -25.56
C PHE C 110 13.78 -38.73 -24.50
N SER C 111 12.64 -38.64 -23.83
CA SER C 111 12.52 -37.76 -22.66
C SER C 111 13.29 -38.38 -21.51
N SER C 112 14.33 -37.68 -21.05
CA SER C 112 15.27 -38.26 -20.12
C SER C 112 14.61 -38.50 -18.76
N GLU C 113 15.39 -39.07 -17.84
CA GLU C 113 14.91 -39.37 -16.49
C GLU C 113 14.23 -38.17 -15.85
N ALA C 114 14.58 -36.95 -16.26
CA ALA C 114 14.00 -35.75 -15.69
C ALA C 114 12.61 -35.45 -16.23
N ASN C 115 12.00 -36.40 -16.94
CA ASN C 115 10.68 -36.17 -17.50
C ASN C 115 9.67 -35.79 -16.43
N SER C 116 9.80 -36.36 -15.23
CA SER C 116 8.82 -36.09 -14.18
C SER C 116 8.82 -34.64 -13.77
N ARG C 117 9.97 -33.96 -13.87
CA ARG C 117 10.05 -32.59 -13.39
C ARG C 117 9.10 -31.71 -14.19
N PRO C 118 8.49 -30.69 -13.56
CA PRO C 118 7.43 -29.94 -14.24
C PRO C 118 7.92 -29.30 -15.52
N GLY C 119 6.96 -28.93 -16.36
CA GLY C 119 7.31 -28.30 -17.62
C GLY C 119 6.15 -28.30 -18.60
N TYR C 120 6.49 -28.33 -19.88
CA TYR C 120 5.50 -28.25 -20.94
C TYR C 120 6.01 -28.95 -22.18
N THR C 121 5.07 -29.49 -22.95
CA THR C 121 5.35 -30.19 -24.20
C THR C 121 4.76 -29.41 -25.37
N SER C 122 5.26 -29.72 -26.56
CA SER C 122 4.80 -29.04 -27.76
C SER C 122 5.16 -29.86 -28.98
N CYS C 123 4.32 -29.74 -30.01
CA CYS C 123 4.50 -30.43 -31.29
C CYS C 123 4.58 -29.38 -32.39
N SER C 124 5.75 -29.28 -33.01
CA SER C 124 5.94 -28.42 -34.17
C SER C 124 6.03 -29.28 -35.42
N SER C 125 5.94 -28.62 -36.58
CA SER C 125 5.97 -29.32 -37.87
C SER C 125 6.82 -28.48 -38.83
N SER C 126 8.06 -28.91 -39.03
CA SER C 126 8.95 -28.23 -39.97
C SER C 126 8.89 -28.91 -41.33
N CYS C 127 9.55 -28.29 -42.31
CA CYS C 127 9.60 -28.87 -43.65
C CYS C 127 10.01 -30.33 -43.58
N GLY C 128 9.46 -31.11 -44.50
CA GLY C 128 9.94 -32.45 -44.72
C GLY C 128 10.22 -32.68 -46.19
N CYS C 129 11.48 -32.98 -46.52
CA CYS C 129 11.86 -33.21 -47.91
C CYS C 129 13.26 -33.79 -47.90
N ILE C 130 13.74 -34.17 -49.09
CA ILE C 130 15.01 -34.89 -49.21
C ILE C 130 16.20 -33.97 -49.00
N THR C 131 15.98 -32.69 -48.75
CA THR C 131 17.05 -31.77 -48.37
C THR C 131 16.71 -30.98 -47.12
N CYS C 132 15.59 -31.29 -46.46
CA CYS C 132 15.22 -30.61 -45.22
C CYS C 132 15.74 -31.33 -43.98
N ASP C 133 15.60 -32.66 -43.91
CA ASP C 133 16.16 -33.41 -42.80
C ASP C 133 16.97 -34.61 -43.29
N GLY C 134 16.61 -35.14 -44.45
CA GLY C 134 17.29 -36.28 -45.03
C GLY C 134 16.45 -37.55 -45.15
N CYS C 135 15.14 -37.49 -44.90
CA CYS C 135 14.28 -38.63 -45.12
C CYS C 135 14.12 -38.82 -46.63
N PHE C 136 13.30 -39.78 -47.05
CA PHE C 136 13.14 -40.09 -48.47
C PHE C 136 11.88 -39.52 -49.09
N PHE C 137 10.84 -39.28 -48.30
CA PHE C 137 9.61 -38.66 -48.78
C PHE C 137 9.54 -37.23 -48.28
N CYS C 138 8.77 -36.41 -49.00
CA CYS C 138 8.67 -34.98 -48.72
C CYS C 138 7.43 -34.71 -47.87
N GLU C 139 7.45 -35.27 -46.66
CA GLU C 139 6.37 -35.14 -45.70
C GLU C 139 6.86 -34.43 -44.44
N PRO C 140 6.09 -33.48 -43.91
CA PRO C 140 6.61 -32.63 -42.82
C PRO C 140 7.24 -33.44 -41.70
N SER C 141 8.20 -32.82 -41.03
CA SER C 141 8.91 -33.43 -39.91
C SER C 141 8.28 -32.94 -38.61
N CYS C 142 7.72 -33.87 -37.84
CA CYS C 142 7.19 -33.53 -36.53
C CYS C 142 8.33 -33.38 -35.54
N LEU C 143 8.20 -32.40 -34.66
CA LEU C 143 9.23 -32.02 -33.71
C LEU C 143 8.62 -32.00 -32.33
N PHE C 144 8.98 -32.97 -31.50
CA PHE C 144 8.57 -32.99 -30.11
C PHE C 144 9.52 -32.12 -29.31
N HIS C 145 8.97 -31.22 -28.50
CA HIS C 145 9.78 -30.28 -27.74
C HIS C 145 9.28 -30.23 -26.32
N ARG C 146 10.22 -30.20 -25.37
CA ARG C 146 9.90 -30.30 -23.95
C ARG C 146 10.75 -29.32 -23.16
N LEU C 147 10.08 -28.42 -22.45
CA LEU C 147 10.74 -27.53 -21.51
C LEU C 147 10.48 -28.05 -20.10
N TYR C 148 11.48 -27.89 -19.22
CA TYR C 148 11.27 -28.17 -17.81
C TYR C 148 12.24 -27.34 -17.00
N ALA C 149 12.28 -27.60 -15.70
CA ALA C 149 13.03 -26.78 -14.76
C ALA C 149 13.71 -27.66 -13.74
N ILE C 150 15.01 -27.46 -13.56
CA ILE C 150 15.75 -28.16 -12.52
C ILE C 150 15.97 -27.21 -11.36
N PRO C 151 16.19 -27.71 -10.17
CA PRO C 151 16.70 -26.86 -9.09
C PRO C 151 18.21 -26.77 -9.16
N THR C 152 18.75 -25.85 -8.37
CA THR C 152 20.19 -25.67 -8.29
C THR C 152 20.74 -25.93 -6.89
N THR C 153 20.15 -25.32 -5.86
CA THR C 153 20.64 -25.46 -4.51
C THR C 153 19.57 -26.08 -3.61
N PRO C 154 19.96 -26.97 -2.69
CA PRO C 154 18.99 -27.64 -1.82
C PRO C 154 18.47 -26.74 -0.71
N THR C 155 17.81 -25.65 -1.11
CA THR C 155 17.21 -24.73 -0.16
C THR C 155 15.84 -24.33 -0.68
N ILE C 156 15.10 -23.60 0.16
CA ILE C 156 13.77 -23.16 -0.17
C ILE C 156 13.64 -21.68 0.18
N TYR C 157 12.75 -21.01 -0.52
CA TYR C 157 12.55 -19.58 -0.40
C TYR C 157 11.10 -19.29 -0.10
N SER C 158 10.86 -18.58 0.99
CA SER C 158 9.52 -18.25 1.44
C SER C 158 9.26 -16.78 1.13
N ILE C 159 8.31 -16.53 0.24
CA ILE C 159 7.87 -15.18 -0.06
C ILE C 159 6.67 -14.87 0.81
N PHE C 160 6.59 -13.65 1.31
CA PHE C 160 5.39 -13.31 2.06
C PHE C 160 5.26 -11.81 2.18
N TYR C 161 4.04 -11.33 2.04
CA TYR C 161 3.71 -9.95 2.35
C TYR C 161 3.42 -9.88 3.84
N CYS C 162 2.90 -8.76 4.29
CA CYS C 162 2.62 -8.65 5.70
C CYS C 162 1.53 -7.62 5.95
N PRO C 163 0.27 -8.02 5.96
CA PRO C 163 -0.80 -7.12 6.36
C PRO C 163 -0.98 -7.06 7.87
N SER C 164 -1.68 -6.03 8.30
CA SER C 164 -2.07 -5.86 9.69
C SER C 164 -0.85 -5.87 10.61
N TRP C 165 0.13 -5.03 10.29
CA TRP C 165 1.23 -4.80 11.20
C TRP C 165 0.71 -4.24 12.52
N GLU C 166 1.17 -4.81 13.61
CA GLU C 166 0.63 -4.50 14.92
C GLU C 166 1.56 -3.57 15.69
N LEU C 167 0.97 -2.68 16.46
CA LEU C 167 1.71 -1.64 17.15
C LEU C 167 2.33 -2.18 18.43
N GLU C 168 3.54 -1.71 18.74
CA GLU C 168 4.14 -1.98 20.03
C GLU C 168 5.18 -0.91 20.33
N VAL C 169 5.44 -0.72 21.62
CA VAL C 169 6.41 0.26 22.08
C VAL C 169 7.16 -0.31 23.28
N ASP C 170 8.43 -0.64 23.09
CA ASP C 170 9.25 -1.14 24.19
C ASP C 170 10.12 -0.01 24.71
N ALA C 171 10.18 0.11 26.04
CA ALA C 171 10.89 1.20 26.68
C ALA C 171 11.74 0.68 27.82
N GLU C 172 13.01 1.12 27.85
CA GLU C 172 13.87 0.90 29.00
C GLU C 172 13.57 1.95 30.04
N ILE C 173 13.09 1.53 31.21
CA ILE C 173 12.51 2.44 32.17
C ILE C 173 13.22 2.23 33.51
N SER C 174 13.92 3.26 33.97
CA SER C 174 14.72 3.19 35.17
C SER C 174 14.20 4.19 36.21
N LEU C 175 14.61 3.97 37.45
CA LEU C 175 14.20 4.83 38.55
C LEU C 175 15.33 4.90 39.55
N GLN C 176 15.53 6.09 40.13
CA GLN C 176 16.68 6.36 41.00
C GLN C 176 16.19 7.23 42.16
N ARG C 177 15.90 6.59 43.29
CA ARG C 177 15.34 7.33 44.43
C ARG C 177 16.45 8.01 45.23
N GLU C 178 17.33 7.21 45.81
CA GLU C 178 18.43 7.72 46.61
C GLU C 178 19.77 7.07 46.29
N ASP C 179 19.78 5.76 46.10
CA ASP C 179 21.02 5.02 45.99
C ASP C 179 21.09 4.09 44.78
N GLU C 180 19.98 3.48 44.40
CA GLU C 180 20.00 2.33 43.51
C GLU C 180 19.27 2.64 42.20
N THR C 181 19.10 1.61 41.38
CA THR C 181 18.63 1.76 40.02
C THR C 181 18.01 0.44 39.59
N THR C 182 16.75 0.48 39.17
CA THR C 182 16.00 -0.73 38.84
C THR C 182 16.02 -1.06 37.36
N THR C 183 15.92 -0.05 36.50
CA THR C 183 16.10 -0.18 35.04
C THR C 183 15.42 -1.44 34.50
N SER C 184 14.11 -1.49 34.69
CA SER C 184 13.31 -2.53 34.07
C SER C 184 13.08 -2.23 32.59
N THR C 185 12.34 -3.13 31.94
CA THR C 185 11.99 -2.99 30.54
C THR C 185 10.50 -3.28 30.39
N ILE C 186 9.81 -2.44 29.64
CA ILE C 186 8.36 -2.49 29.57
C ILE C 186 7.91 -2.55 28.12
N ARG C 187 6.77 -3.21 27.92
CA ARG C 187 6.17 -3.41 26.61
C ARG C 187 4.79 -2.77 26.61
N LEU C 188 4.73 -1.52 26.16
CA LEU C 188 3.50 -0.77 26.06
C LEU C 188 2.77 -1.11 24.77
N LEU C 189 1.44 -1.19 24.87
CA LEU C 189 0.55 -1.44 23.75
C LEU C 189 -0.49 -0.34 23.70
N PRO C 190 -1.21 -0.22 22.58
CA PRO C 190 -1.90 1.03 22.28
C PRO C 190 -2.94 1.47 23.29
N GLY C 191 -3.47 0.59 24.11
CA GLY C 191 -4.44 1.04 25.10
C GLY C 191 -4.34 0.34 26.44
N ARG C 192 -3.38 -0.56 26.57
CA ARG C 192 -3.35 -1.52 27.66
C ARG C 192 -2.35 -1.01 28.71
N THR C 193 -2.89 -0.48 29.80
CA THR C 193 -2.08 0.17 30.84
C THR C 193 -1.23 -0.86 31.56
N SER C 194 0.06 -0.87 31.24
CA SER C 194 1.00 -1.73 31.94
C SER C 194 1.38 -1.10 33.27
N THR C 195 1.98 -1.91 34.13
CA THR C 195 2.37 -1.50 35.48
C THR C 195 3.69 -2.18 35.81
N TRP C 196 4.78 -1.43 35.65
CA TRP C 196 6.09 -2.01 35.92
C TRP C 196 6.30 -2.21 37.42
N ASN C 197 6.47 -1.13 38.17
CA ASN C 197 6.71 -1.35 39.60
C ASN C 197 5.57 -0.78 40.41
N ASN C 198 5.32 0.52 40.26
CA ASN C 198 4.25 1.16 41.01
C ASN C 198 3.54 2.25 40.20
N ILE C 199 3.74 2.31 38.89
CA ILE C 199 3.21 3.40 38.08
C ILE C 199 2.62 2.81 36.81
N ARG C 200 1.58 3.46 36.32
CA ARG C 200 0.78 2.97 35.21
C ARG C 200 1.16 3.75 33.96
N PHE C 201 1.62 3.03 32.94
CA PHE C 201 1.98 3.62 31.65
C PHE C 201 0.94 3.22 30.62
N SER C 202 0.54 4.18 29.80
CA SER C 202 -0.43 3.94 28.74
C SER C 202 -0.06 4.72 27.48
N LEU C 203 -0.27 4.08 26.34
CA LEU C 203 0.06 4.64 25.03
C LEU C 203 -1.15 5.39 24.50
N ILE C 204 -1.19 6.70 24.79
CA ILE C 204 -2.35 7.50 24.44
C ILE C 204 -2.32 7.96 23.00
N GLY C 205 -1.14 8.13 22.41
CA GLY C 205 -1.09 8.68 21.07
C GLY C 205 0.09 8.19 20.25
N THR C 206 -0.15 8.09 18.96
CA THR C 206 0.86 7.69 17.99
C THR C 206 0.69 8.55 16.75
N ILE C 207 1.79 9.13 16.28
CA ILE C 207 1.75 10.05 15.16
C ILE C 207 2.65 9.52 14.05
N VAL C 208 2.74 8.20 13.96
CA VAL C 208 3.55 7.53 12.95
C VAL C 208 3.36 8.21 11.59
N PRO C 209 4.40 8.30 10.78
CA PRO C 209 4.21 8.78 9.41
C PRO C 209 3.66 7.69 8.50
N GLN C 210 2.90 8.14 7.51
CA GLN C 210 2.39 7.24 6.49
C GLN C 210 3.57 6.70 5.70
N LEU C 211 3.90 5.42 5.89
CA LEU C 211 5.08 4.81 5.29
C LEU C 211 4.70 3.58 4.49
N PRO C 212 4.38 3.72 3.22
CA PRO C 212 4.03 2.59 2.36
C PRO C 212 5.19 1.80 1.78
N ILE C 213 6.17 1.47 2.62
CA ILE C 213 7.07 0.37 2.36
C ILE C 213 6.70 -0.85 3.16
N LEU C 214 5.74 -0.71 4.05
CA LEU C 214 5.30 -1.76 4.95
C LEU C 214 4.41 -2.78 4.25
N SER C 215 4.22 -2.65 2.94
CA SER C 215 3.44 -3.59 2.16
C SER C 215 4.30 -3.99 0.97
N SER C 216 5.16 -4.98 1.19
CA SER C 216 6.08 -5.38 0.15
C SER C 216 6.64 -6.75 0.48
N ALA C 217 6.99 -7.49 -0.57
CA ALA C 217 7.36 -8.88 -0.44
C ALA C 217 8.64 -9.01 0.36
N PHE C 218 8.52 -9.50 1.59
CA PHE C 218 9.68 -9.98 2.31
C PHE C 218 9.97 -11.41 1.88
N VAL C 219 11.14 -11.63 1.34
CA VAL C 219 11.60 -12.97 1.00
C VAL C 219 12.52 -13.46 2.10
N THR C 220 12.49 -14.77 2.32
CA THR C 220 13.26 -15.40 3.37
C THR C 220 13.93 -16.65 2.83
N ASN C 221 15.25 -16.68 2.90
CA ASN C 221 16.04 -17.89 2.78
C ASN C 221 16.45 -18.36 4.18
N GLY C 222 15.48 -18.95 4.85
CA GLY C 222 15.67 -19.42 6.20
C GLY C 222 16.10 -18.30 7.13
N ARG C 223 17.38 -18.30 7.49
CA ARG C 223 17.90 -17.28 8.40
C ARG C 223 18.01 -15.91 7.74
N GLN C 224 18.11 -15.85 6.42
CA GLN C 224 18.33 -14.59 5.73
C GLN C 224 17.02 -14.07 5.17
N THR C 225 16.93 -12.75 4.99
CA THR C 225 15.73 -12.15 4.43
C THR C 225 16.09 -10.92 3.61
N SER C 226 15.07 -10.37 2.96
CA SER C 226 15.25 -9.17 2.15
C SER C 226 13.89 -8.69 1.69
N ILE C 227 13.86 -7.49 1.12
CA ILE C 227 12.68 -6.89 0.53
C ILE C 227 12.81 -6.98 -0.97
N VAL C 228 11.68 -7.14 -1.66
CA VAL C 228 11.71 -7.41 -3.09
C VAL C 228 10.50 -6.78 -3.77
N LYS C 229 10.62 -6.59 -5.08
CA LYS C 229 9.52 -6.09 -5.87
C LYS C 229 8.40 -7.11 -5.87
N PRO C 230 7.15 -6.71 -5.64
CA PRO C 230 6.11 -7.69 -5.37
C PRO C 230 5.91 -8.70 -6.49
N ALA C 231 5.50 -9.90 -6.09
CA ALA C 231 5.04 -10.93 -6.98
C ALA C 231 3.88 -11.62 -6.31
N TYR C 232 2.89 -12.03 -7.11
CA TYR C 232 1.62 -12.49 -6.58
C TYR C 232 1.37 -13.93 -6.97
N ALA C 233 0.63 -14.62 -6.11
CA ALA C 233 0.36 -16.04 -6.28
C ALA C 233 -0.52 -16.28 -7.49
N GLY C 234 0.05 -16.93 -8.51
CA GLY C 234 -0.70 -17.37 -9.65
C GLY C 234 -0.43 -16.63 -10.93
N GLN C 235 0.41 -15.59 -10.89
CA GLN C 235 0.62 -14.74 -12.05
C GLN C 235 1.94 -15.03 -12.76
N LEU C 236 2.89 -15.65 -12.08
CA LEU C 236 4.14 -16.07 -12.71
C LEU C 236 4.83 -14.89 -13.38
N GLN C 237 4.81 -13.74 -12.70
CA GLN C 237 5.43 -12.54 -13.22
C GLN C 237 6.91 -12.76 -13.46
N SER C 238 7.30 -12.83 -14.72
CA SER C 238 8.65 -13.23 -15.08
C SER C 238 9.69 -12.30 -14.46
N ASN C 239 10.91 -12.81 -14.39
CA ASN C 239 12.10 -12.04 -14.00
C ASN C 239 11.96 -11.38 -12.64
N SER C 240 11.05 -11.85 -11.81
CA SER C 240 10.96 -11.42 -10.43
C SER C 240 10.93 -12.65 -9.55
N VAL C 241 10.97 -12.44 -8.24
CA VAL C 241 10.98 -13.59 -7.34
C VAL C 241 9.73 -14.40 -7.64
N GLY C 242 9.95 -15.60 -8.13
CA GLY C 242 8.86 -16.53 -8.29
C GLY C 242 8.20 -16.53 -9.64
N GLN C 243 8.99 -16.69 -10.69
CA GLN C 243 8.44 -17.27 -11.90
C GLN C 243 8.25 -18.78 -11.75
N LEU C 244 8.51 -19.32 -10.57
CA LEU C 244 8.12 -20.66 -10.17
C LEU C 244 7.14 -20.55 -9.02
N GLN C 245 6.05 -21.32 -9.10
CA GLN C 245 5.00 -21.28 -8.09
C GLN C 245 5.03 -22.61 -7.33
N CYS C 246 5.56 -22.57 -6.11
CA CYS C 246 5.54 -23.72 -5.22
C CYS C 246 4.60 -23.41 -4.06
N PRO C 247 3.46 -24.07 -3.95
CA PRO C 247 2.49 -23.71 -2.91
C PRO C 247 2.87 -24.15 -1.50
N ASN C 248 3.34 -25.38 -1.35
CA ASN C 248 3.62 -25.94 -0.03
C ASN C 248 5.11 -26.18 0.14
N LEU C 249 5.54 -26.10 1.40
CA LEU C 249 6.92 -26.40 1.75
C LEU C 249 7.29 -27.81 1.32
N GLU C 250 6.47 -28.79 1.71
CA GLU C 250 6.67 -30.15 1.25
C GLU C 250 6.57 -30.24 -0.26
N ALA C 251 5.74 -29.40 -0.88
CA ALA C 251 5.66 -29.37 -2.32
C ALA C 251 6.90 -28.78 -2.95
N ALA C 252 7.69 -28.04 -2.17
CA ALA C 252 8.95 -27.52 -2.67
C ALA C 252 10.07 -28.55 -2.53
N LYS C 253 10.21 -29.11 -1.33
CA LYS C 253 11.27 -30.08 -1.10
C LYS C 253 11.16 -31.26 -2.06
N GLN C 254 9.96 -31.84 -2.18
CA GLN C 254 9.73 -32.83 -3.22
C GLN C 254 9.78 -32.20 -4.61
N PHE C 255 9.69 -30.88 -4.68
CA PHE C 255 9.79 -30.14 -5.93
C PHE C 255 8.69 -30.55 -6.90
N GLU C 256 7.46 -30.28 -6.50
CA GLU C 256 6.30 -30.31 -7.41
C GLU C 256 5.84 -28.87 -7.50
N CYS C 257 6.45 -28.12 -8.42
CA CYS C 257 6.33 -26.67 -8.47
C CYS C 257 6.10 -26.23 -9.89
N HIS C 258 5.01 -25.49 -10.10
CA HIS C 258 4.62 -25.05 -11.42
C HIS C 258 5.32 -23.75 -11.80
N PHE C 259 5.68 -23.66 -13.07
CA PHE C 259 6.08 -22.40 -13.69
C PHE C 259 5.33 -22.26 -14.99
N SER C 260 5.46 -21.10 -15.62
CA SER C 260 4.68 -20.77 -16.80
C SER C 260 5.58 -20.58 -18.00
N ARG C 261 4.97 -20.67 -19.17
CA ARG C 261 5.61 -20.23 -20.39
C ARG C 261 5.61 -18.71 -20.37
N ASN C 262 6.02 -18.09 -21.47
CA ASN C 262 6.34 -16.68 -21.60
C ASN C 262 7.70 -16.38 -20.98
N LEU C 263 8.33 -17.34 -20.32
CA LEU C 263 9.71 -17.17 -19.87
C LEU C 263 10.68 -17.46 -21.00
N CYS C 264 10.69 -18.70 -21.47
CA CYS C 264 11.64 -19.16 -22.46
C CYS C 264 10.95 -19.11 -23.82
N THR C 265 11.35 -18.16 -24.64
CA THR C 265 10.74 -17.99 -25.96
C THR C 265 11.50 -18.86 -26.95
N CYS C 266 10.89 -19.98 -27.33
CA CYS C 266 11.52 -20.92 -28.23
C CYS C 266 11.37 -20.46 -29.67
N THR C 267 12.39 -20.75 -30.47
CA THR C 267 12.36 -20.47 -31.90
C THR C 267 12.93 -21.68 -32.62
N ASN C 268 12.21 -22.14 -33.63
CA ASN C 268 12.47 -23.43 -34.24
C ASN C 268 13.66 -23.40 -35.18
N ALA C 269 14.38 -24.53 -35.23
CA ALA C 269 15.42 -24.75 -36.21
C ALA C 269 15.37 -26.14 -36.81
N LEU C 270 14.41 -26.97 -36.41
CA LEU C 270 14.17 -28.31 -36.93
C LEU C 270 15.20 -29.33 -36.45
N HIS C 271 16.31 -28.87 -35.87
CA HIS C 271 17.23 -29.78 -35.19
C HIS C 271 17.38 -29.43 -33.72
N LYS C 272 17.75 -28.19 -33.38
CA LYS C 272 17.96 -27.76 -32.00
C LYS C 272 17.18 -26.47 -31.84
N VAL C 273 15.89 -26.60 -31.50
CA VAL C 273 15.08 -25.43 -31.25
C VAL C 273 15.67 -24.65 -30.09
N SER C 274 15.86 -23.36 -30.29
CA SER C 274 16.58 -22.53 -29.34
C SER C 274 15.58 -21.82 -28.43
N CYS C 275 15.66 -22.10 -27.14
CA CYS C 275 14.76 -21.52 -26.15
C CYS C 275 15.59 -20.68 -25.20
N THR C 276 15.32 -19.37 -25.17
CA THR C 276 16.05 -18.44 -24.33
C THR C 276 15.13 -17.90 -23.24
N CYS C 277 15.63 -17.92 -22.00
CA CYS C 277 14.86 -17.48 -20.85
C CYS C 277 15.80 -16.84 -19.84
N TYR C 278 15.23 -16.36 -18.75
CA TYR C 278 15.98 -15.72 -17.68
C TYR C 278 16.51 -16.77 -16.70
N ASP C 279 17.77 -16.60 -16.30
CA ASP C 279 18.40 -17.50 -15.34
C ASP C 279 18.12 -16.97 -13.93
N GLY C 280 16.89 -17.20 -13.48
CA GLY C 280 16.46 -16.68 -12.21
C GLY C 280 17.01 -17.42 -11.01
N SER C 281 17.90 -16.76 -10.27
CA SER C 281 18.40 -17.25 -9.00
C SER C 281 18.08 -16.17 -7.96
N VAL C 282 17.02 -16.40 -7.20
CA VAL C 282 16.40 -15.39 -6.37
C VAL C 282 17.42 -14.73 -5.47
N GLU C 283 18.46 -15.47 -5.08
CA GLU C 283 19.49 -14.91 -4.21
C GLU C 283 19.95 -13.55 -4.71
N ASP C 284 19.92 -13.34 -6.03
CA ASP C 284 20.26 -12.05 -6.60
C ASP C 284 19.28 -10.98 -6.15
N HIS C 285 17.99 -11.21 -6.41
CA HIS C 285 16.97 -10.25 -5.99
C HIS C 285 17.09 -9.95 -4.50
N MET C 286 17.43 -10.97 -3.71
CA MET C 286 17.66 -10.73 -2.29
C MET C 286 18.82 -9.77 -2.09
N GLU C 287 19.95 -10.05 -2.75
CA GLU C 287 21.12 -9.19 -2.61
C GLU C 287 20.87 -7.77 -3.10
N ALA C 288 19.80 -7.56 -3.87
CA ALA C 288 19.53 -6.22 -4.36
C ALA C 288 19.19 -5.27 -3.22
N LEU C 289 18.47 -5.74 -2.21
CA LEU C 289 18.00 -4.87 -1.15
C LEU C 289 17.71 -5.68 0.11
N PRO C 290 18.74 -6.06 0.86
CA PRO C 290 18.54 -6.97 1.99
C PRO C 290 18.24 -6.28 3.30
N LEU C 291 18.01 -7.07 4.31
CA LEU C 291 17.76 -6.59 5.66
C LEU C 291 18.97 -6.83 6.54
N PRO C 292 19.17 -6.03 7.59
CA PRO C 292 18.35 -4.86 7.93
C PRO C 292 18.49 -3.75 6.91
N GLN C 293 17.47 -2.90 6.80
CA GLN C 293 17.36 -1.90 5.75
C GLN C 293 16.97 -0.58 6.42
N THR C 294 17.98 0.17 6.83
CA THR C 294 17.75 1.43 7.50
C THR C 294 17.41 2.52 6.49
N SER C 295 16.74 3.55 6.99
CA SER C 295 16.39 4.70 6.16
C SER C 295 16.19 5.90 7.08
N LYS C 296 15.62 6.97 6.51
CA LYS C 296 15.55 8.22 7.23
C LYS C 296 14.60 8.14 8.41
N ASN C 297 13.40 7.62 8.19
CA ASN C 297 12.37 7.57 9.22
C ASN C 297 12.19 6.19 9.84
N PHE C 298 12.46 5.13 9.09
CA PHE C 298 12.15 3.77 9.52
C PHE C 298 13.37 2.88 9.36
N LEU C 299 13.28 1.71 9.99
CA LEU C 299 14.20 0.61 9.71
C LEU C 299 13.47 -0.70 9.96
N VAL C 300 13.73 -1.67 9.10
CA VAL C 300 12.99 -2.92 9.03
C VAL C 300 13.98 -4.04 9.32
N PHE C 301 13.86 -4.66 10.50
CA PHE C 301 14.81 -5.68 10.92
C PHE C 301 14.08 -6.90 11.44
N GLU C 302 14.68 -8.06 11.22
CA GLU C 302 14.19 -9.32 11.75
C GLU C 302 14.92 -9.68 13.02
N LYS C 303 14.21 -10.33 13.93
CA LYS C 303 14.77 -10.71 15.21
C LYS C 303 14.05 -11.97 15.67
N ASP C 304 14.68 -13.12 15.43
CA ASP C 304 14.08 -14.42 15.75
C ASP C 304 12.81 -14.65 14.96
N ARG C 305 12.94 -14.56 13.64
CA ARG C 305 11.90 -15.01 12.72
C ARG C 305 10.66 -14.14 12.79
N ASN C 306 10.81 -12.87 13.13
CA ASN C 306 9.69 -11.94 13.20
C ASN C 306 10.16 -10.59 12.70
N ILE C 307 9.49 -10.08 11.67
CA ILE C 307 9.94 -8.89 10.97
C ILE C 307 9.42 -7.64 11.66
N TYR C 308 10.17 -7.14 12.63
CA TYR C 308 9.79 -5.88 13.23
C TYR C 308 10.22 -4.74 12.31
N ALA C 309 9.53 -3.62 12.43
CA ALA C 309 9.95 -2.41 11.73
C ALA C 309 9.60 -1.22 12.58
N LYS C 310 10.60 -0.41 12.93
CA LYS C 310 10.36 0.68 13.85
C LYS C 310 10.73 2.01 13.20
N THR C 311 10.32 3.07 13.86
CA THR C 311 10.58 4.42 13.41
C THR C 311 11.13 5.24 14.57
N HIS C 312 11.96 6.23 14.24
CA HIS C 312 12.71 6.99 15.23
C HIS C 312 12.27 8.45 15.33
N VAL C 313 12.30 9.19 14.23
CA VAL C 313 12.24 10.63 14.25
C VAL C 313 10.91 11.16 13.75
N GLY C 314 10.44 10.68 12.60
CA GLY C 314 9.22 11.20 12.01
C GLY C 314 8.00 11.08 12.90
N SER C 315 8.10 10.34 14.00
CA SER C 315 6.97 10.06 14.85
C SER C 315 7.16 10.65 16.24
N ALA C 316 6.07 10.63 17.02
CA ALA C 316 6.09 11.18 18.36
C ALA C 316 5.07 10.42 19.20
N LEU C 317 5.53 9.41 19.91
CA LEU C 317 4.73 8.77 20.92
C LEU C 317 4.13 9.80 21.86
N GLN C 318 2.96 9.50 22.39
CA GLN C 318 2.30 10.32 23.40
C GLN C 318 1.92 9.43 24.55
N LEU C 319 2.63 9.57 25.66
CA LEU C 319 2.59 8.67 26.79
C LEU C 319 1.86 9.34 27.94
N HIS C 320 1.33 8.51 28.83
CA HIS C 320 0.52 8.99 29.95
C HIS C 320 0.92 8.21 31.19
N ILE C 321 1.52 8.90 32.16
CA ILE C 321 2.06 8.28 33.35
C ILE C 321 1.25 8.73 34.55
N VAL C 322 1.09 7.83 35.50
CA VAL C 322 0.39 8.08 36.76
C VAL C 322 1.24 7.53 37.88
N ALA C 323 1.72 8.42 38.74
CA ALA C 323 2.43 8.03 39.95
C ALA C 323 1.42 7.85 41.07
N GLN C 324 1.41 6.66 41.66
CA GLN C 324 0.43 6.38 42.70
C GLN C 324 0.63 7.30 43.90
N ASP C 325 -0.27 8.25 44.07
CA ASP C 325 -0.26 9.16 45.20
C ASP C 325 0.97 10.07 45.17
N LEU C 326 1.33 10.54 43.98
CA LEU C 326 2.38 11.53 43.81
C LEU C 326 1.96 12.48 42.70
N LYS C 327 2.91 13.27 42.23
CA LYS C 327 2.74 14.02 40.99
C LYS C 327 4.09 14.12 40.32
N ILE C 328 4.05 14.29 38.99
CA ILE C 328 5.23 14.25 38.14
C ILE C 328 5.49 15.66 37.61
N THR C 329 6.78 15.96 37.40
CA THR C 329 7.19 17.21 36.79
C THR C 329 8.42 16.94 35.95
N THR C 330 8.40 17.42 34.71
CA THR C 330 9.52 17.20 33.82
C THR C 330 10.69 18.11 34.23
N VAL C 331 11.77 18.01 33.46
CA VAL C 331 12.96 18.84 33.67
C VAL C 331 13.43 19.34 32.32
N LYS C 332 13.53 20.66 32.20
CA LYS C 332 14.05 21.27 30.99
C LYS C 332 15.54 21.50 31.18
N HIS C 333 16.34 21.05 30.21
CA HIS C 333 17.79 21.01 30.34
C HIS C 333 18.39 21.99 29.33
N THR C 334 18.54 23.24 29.77
CA THR C 334 19.11 24.26 28.90
C THR C 334 20.61 24.04 28.76
N SER C 335 21.08 24.05 27.52
CA SER C 335 22.51 23.93 27.26
C SER C 335 22.78 24.20 25.79
N HIS C 336 23.81 24.99 25.52
CA HIS C 336 24.26 25.20 24.16
C HIS C 336 24.87 23.90 23.64
N CYS C 337 25.35 23.94 22.40
CA CYS C 337 25.86 22.73 21.78
C CYS C 337 26.84 23.11 20.67
N GLN C 338 27.81 22.23 20.45
CA GLN C 338 28.77 22.37 19.38
C GLN C 338 28.65 21.18 18.44
N VAL C 339 28.91 21.41 17.17
CA VAL C 339 28.64 20.44 16.12
C VAL C 339 29.91 20.18 15.33
N GLU C 340 30.22 18.92 15.09
CA GLU C 340 31.33 18.49 14.25
C GLU C 340 30.74 17.71 13.08
N ALA C 341 30.86 18.29 11.89
CA ALA C 341 30.22 17.76 10.70
C ALA C 341 31.02 16.59 10.14
N SER C 342 30.68 16.19 8.92
CA SER C 342 31.40 15.14 8.21
C SER C 342 31.04 15.27 6.74
N ASP C 343 31.43 14.27 5.96
CA ASP C 343 31.19 14.25 4.52
C ASP C 343 30.08 13.24 4.22
N LEU C 344 29.17 13.64 3.33
CA LEU C 344 28.09 12.74 2.96
C LEU C 344 28.65 11.45 2.38
N SER C 345 27.79 10.44 2.32
CA SER C 345 28.20 9.12 1.87
C SER C 345 26.96 8.33 1.50
N GLY C 346 26.98 7.70 0.32
CA GLY C 346 25.94 6.80 -0.10
C GLY C 346 25.24 7.29 -1.36
N CYS C 347 23.97 6.91 -1.47
CA CYS C 347 23.19 7.14 -2.68
C CYS C 347 22.19 8.26 -2.48
N TYR C 348 21.84 8.91 -3.58
CA TYR C 348 20.82 9.93 -3.61
C TYR C 348 19.61 9.40 -4.36
N SER C 349 18.41 9.76 -3.88
CA SER C 349 17.18 9.21 -4.41
C SER C 349 17.20 7.68 -4.33
N CYS C 350 17.29 7.20 -3.08
CA CYS C 350 17.25 5.79 -2.80
C CYS C 350 16.52 5.57 -1.48
N THR C 351 15.96 4.38 -1.34
CA THR C 351 15.27 4.05 -0.09
C THR C 351 16.19 4.16 1.11
N SER C 352 17.50 3.99 0.90
CA SER C 352 18.46 4.30 1.94
C SER C 352 18.71 5.80 1.99
N GLY C 353 19.32 6.25 3.08
CA GLY C 353 19.55 7.65 3.31
C GLY C 353 20.97 8.06 2.98
N ALA C 354 21.10 9.31 2.55
CA ALA C 354 22.42 9.90 2.35
C ALA C 354 23.11 10.00 3.69
N SER C 355 24.13 9.17 3.89
CA SER C 355 24.69 8.99 5.22
C SER C 355 25.46 10.22 5.66
N LEU C 356 25.60 10.35 6.98
CA LEU C 356 26.40 11.40 7.58
C LEU C 356 26.98 10.88 8.88
N THR C 357 27.74 11.74 9.56
CA THR C 357 28.24 11.44 10.89
C THR C 357 28.47 12.79 11.57
N LEU C 358 27.54 13.18 12.44
CA LEU C 358 27.56 14.49 13.07
C LEU C 358 27.87 14.30 14.55
N SER C 359 29.15 14.37 14.88
CA SER C 359 29.49 14.43 16.29
C SER C 359 28.99 15.73 16.86
N CYS C 360 28.81 15.76 18.17
CA CYS C 360 28.32 16.99 18.77
C CYS C 360 28.44 16.91 20.29
N LYS C 361 28.77 18.04 20.89
CA LYS C 361 28.96 18.16 22.32
C LYS C 361 27.94 19.10 22.92
N SER C 362 27.69 18.92 24.21
CA SER C 362 26.58 19.58 24.90
C SER C 362 26.97 20.37 26.13
N ASP C 363 28.18 20.22 26.65
CA ASP C 363 28.61 20.86 27.89
C ASP C 363 27.59 20.67 29.01
N ASN C 364 26.78 19.61 28.91
CA ASN C 364 25.74 19.33 29.89
C ASN C 364 25.04 18.02 29.54
N GLY C 365 24.12 17.58 30.39
CA GLY C 365 23.34 16.39 30.13
C GLY C 365 22.82 16.38 28.71
N GLU C 366 22.69 15.19 28.12
CA GLU C 366 22.37 15.11 26.70
C GLU C 366 21.08 15.85 26.40
N VAL C 367 21.11 16.64 25.34
CA VAL C 367 19.98 17.49 24.96
C VAL C 367 19.66 17.20 23.50
N LEU C 368 18.58 17.79 23.02
CA LEU C 368 18.05 17.52 21.70
C LEU C 368 18.27 18.70 20.77
N ALA C 369 18.51 18.40 19.50
CA ALA C 369 18.77 19.39 18.47
C ALA C 369 17.90 19.11 17.27
N ASN C 370 17.18 20.13 16.82
CA ASN C 370 16.28 20.05 15.67
C ASN C 370 17.04 20.52 14.44
N MET C 371 17.76 19.59 13.82
CA MET C 371 18.59 19.94 12.67
C MET C 371 17.71 20.26 11.47
N LYS C 372 18.06 21.34 10.78
CA LYS C 372 17.28 21.86 9.66
C LYS C 372 18.23 22.14 8.50
N CYS C 373 18.19 21.30 7.48
CA CYS C 373 18.88 21.56 6.24
C CYS C 373 17.97 22.39 5.33
N ASN C 374 18.35 22.49 4.06
CA ASN C 374 17.58 23.32 3.12
C ASN C 374 16.11 22.94 3.13
N GLU C 375 15.81 21.65 2.95
CA GLU C 375 14.46 21.14 2.92
C GLU C 375 14.17 20.18 4.08
N GLN C 376 15.03 19.18 4.25
CA GLN C 376 14.81 18.14 5.24
C GLN C 376 14.84 18.69 6.66
N THR C 377 14.54 17.84 7.63
CA THR C 377 14.57 18.23 9.03
C THR C 377 14.69 16.97 9.87
N HIS C 378 15.81 16.81 10.54
CA HIS C 378 16.12 15.65 11.36
C HIS C 378 16.33 16.09 12.79
N VAL C 379 16.59 15.14 13.68
CA VAL C 379 16.86 15.46 15.07
C VAL C 379 18.03 14.61 15.57
N ILE C 380 18.78 15.16 16.52
CA ILE C 380 19.90 14.47 17.13
C ILE C 380 19.89 14.76 18.63
N ARG C 381 20.68 13.99 19.37
CA ARG C 381 20.59 13.93 20.83
C ARG C 381 21.98 14.03 21.45
N CYS C 382 22.74 15.02 21.01
CA CYS C 382 24.15 15.03 21.35
C CYS C 382 24.38 15.42 22.81
N THR C 383 25.50 14.93 23.35
CA THR C 383 25.76 14.93 24.78
C THR C 383 27.12 15.51 25.11
N GLU C 384 27.55 15.33 26.37
CA GLU C 384 28.82 15.89 26.82
C GLU C 384 29.98 15.45 25.93
N SER C 385 30.09 14.16 25.67
CA SER C 385 31.28 13.58 25.08
C SER C 385 30.96 12.88 23.78
N GLY C 386 31.75 13.17 22.74
CA GLY C 386 31.71 12.43 21.50
C GLY C 386 30.31 12.22 20.96
N PHE C 387 29.87 10.97 20.98
CA PHE C 387 28.48 10.62 20.65
C PHE C 387 28.15 10.97 19.20
N ILE C 388 28.78 10.23 18.29
CA ILE C 388 28.49 10.38 16.88
C ILE C 388 27.01 10.11 16.61
N ASN C 389 26.55 10.56 15.45
CA ASN C 389 25.19 10.29 15.00
C ASN C 389 25.18 10.06 13.50
N ASN C 390 24.64 8.92 13.09
CA ASN C 390 24.40 8.61 11.70
C ASN C 390 22.92 8.82 11.41
N ILE C 391 22.61 9.73 10.47
CA ILE C 391 21.28 10.31 10.41
C ILE C 391 20.60 10.16 9.06
N LEU C 392 21.30 9.86 7.97
CA LEU C 392 20.67 9.35 6.75
C LEU C 392 19.65 10.33 6.17
N LEU C 393 20.16 11.47 5.70
CA LEU C 393 19.33 12.43 4.99
C LEU C 393 18.97 11.90 3.60
N MET C 394 18.14 12.67 2.89
CA MET C 394 17.46 12.21 1.68
C MET C 394 17.54 13.24 0.56
N PHE C 395 18.73 13.74 0.28
CA PHE C 395 18.89 14.59 -0.89
C PHE C 395 18.67 13.78 -2.17
N ASP C 396 18.45 14.50 -3.28
CA ASP C 396 18.07 13.89 -4.55
C ASP C 396 18.89 14.43 -5.71
N THR C 397 20.17 14.66 -5.49
CA THR C 397 21.08 15.10 -6.55
C THR C 397 22.43 14.45 -6.35
N SER C 398 23.34 14.71 -7.30
CA SER C 398 24.69 14.18 -7.20
C SER C 398 25.55 15.04 -6.29
N GLU C 399 25.73 16.30 -6.68
CA GLU C 399 26.45 17.26 -5.84
C GLU C 399 25.49 17.85 -4.84
N VAL C 400 25.96 18.01 -3.60
CA VAL C 400 25.15 18.57 -2.54
C VAL C 400 26.02 19.49 -1.70
N ALA C 401 25.52 20.69 -1.44
CA ALA C 401 26.26 21.67 -0.66
C ALA C 401 25.25 22.65 -0.10
N ALA C 402 25.00 22.58 1.21
CA ALA C 402 23.96 23.41 1.79
C ALA C 402 24.33 23.81 3.20
N ASP C 403 23.58 24.79 3.72
CA ASP C 403 23.82 25.38 5.03
C ASP C 403 22.80 24.80 6.02
N CYS C 404 23.13 23.63 6.56
CA CYS C 404 22.28 23.01 7.56
C CYS C 404 22.52 23.63 8.92
N THR C 405 21.45 24.10 9.55
CA THR C 405 21.52 24.86 10.78
C THR C 405 20.92 24.04 11.91
N ALA C 406 21.77 23.43 12.72
CA ALA C 406 21.30 22.80 13.94
C ALA C 406 20.70 23.84 14.87
N ALA C 407 19.89 23.37 15.82
CA ALA C 407 19.19 24.26 16.74
C ALA C 407 18.98 23.52 18.05
N CYS C 408 19.78 23.84 19.03
CA CYS C 408 19.60 23.35 20.38
C CYS C 408 18.84 24.37 21.21
N PRO C 409 18.34 23.98 22.39
CA PRO C 409 17.56 24.92 23.20
C PRO C 409 18.29 26.22 23.50
N GLY C 410 19.60 26.26 23.32
CA GLY C 410 20.33 27.50 23.46
C GLY C 410 20.27 28.29 22.17
N GLY C 411 21.43 28.62 21.61
CA GLY C 411 21.51 29.30 20.34
C GLY C 411 21.74 28.33 19.20
N ILE C 412 21.17 28.67 18.05
CA ILE C 412 21.38 27.84 16.87
C ILE C 412 22.85 27.84 16.51
N VAL C 413 23.24 26.87 15.68
CA VAL C 413 24.62 26.72 15.25
C VAL C 413 24.62 26.42 13.76
N ASN C 414 25.05 27.39 12.97
CA ASN C 414 25.15 27.18 11.54
C ASN C 414 26.40 26.37 11.21
N PHE C 415 26.31 25.59 10.15
CA PHE C 415 27.47 24.90 9.59
C PHE C 415 27.15 24.60 8.14
N THR C 416 27.97 23.75 7.52
CA THR C 416 27.84 23.47 6.10
C THR C 416 28.01 21.98 5.87
N ILE C 417 27.25 21.45 4.92
CA ILE C 417 27.31 20.04 4.56
C ILE C 417 27.56 19.95 3.06
N LYS C 418 28.61 19.23 2.70
CA LYS C 418 29.00 19.03 1.31
C LYS C 418 29.07 17.53 1.03
N GLY C 419 29.02 17.20 -0.25
CA GLY C 419 29.21 15.81 -0.63
C GLY C 419 28.88 15.58 -2.08
N LEU C 420 29.30 14.41 -2.55
CA LEU C 420 29.06 13.95 -3.91
C LEU C 420 28.49 12.56 -3.83
N LEU C 421 27.26 12.39 -4.30
CA LEU C 421 26.51 11.16 -4.12
C LEU C 421 26.35 10.45 -5.46
N ALA C 422 26.36 9.12 -5.41
CA ALA C 422 26.33 8.30 -6.61
C ALA C 422 24.99 7.58 -6.71
N PHE C 423 24.50 7.42 -7.93
CA PHE C 423 23.23 6.76 -8.17
C PHE C 423 23.45 5.26 -8.32
N VAL C 424 22.64 4.50 -7.62
CA VAL C 424 22.69 3.05 -7.72
C VAL C 424 21.68 2.62 -8.77
N ASN C 425 21.89 1.42 -9.29
CA ASN C 425 20.98 0.80 -10.25
C ASN C 425 20.34 -0.40 -9.58
N GLU C 426 19.01 -0.46 -9.62
CA GLU C 426 18.32 -1.57 -8.96
C GLU C 426 18.77 -2.90 -9.54
N ARG C 427 18.37 -3.18 -10.78
CA ARG C 427 19.03 -4.19 -11.59
C ARG C 427 18.35 -4.27 -12.95
N ILE C 428 18.91 -5.09 -13.84
CA ILE C 428 18.29 -5.36 -15.12
C ILE C 428 18.91 -6.60 -15.75
N ILE C 429 18.08 -7.41 -16.39
CA ILE C 429 18.56 -8.48 -17.25
C ILE C 429 17.48 -8.79 -18.27
N SER C 430 17.85 -8.75 -19.55
CA SER C 430 16.96 -9.15 -20.61
C SER C 430 17.20 -10.62 -20.94
N GLN C 431 16.44 -11.14 -21.89
CA GLN C 431 16.55 -12.55 -22.26
C GLN C 431 17.82 -12.75 -23.08
N SER C 432 18.88 -13.16 -22.40
CA SER C 432 20.16 -13.43 -23.04
C SER C 432 20.76 -14.76 -22.59
N TYR C 433 19.97 -15.61 -21.96
CA TYR C 433 20.44 -16.88 -21.43
C TYR C 433 19.65 -18.02 -22.05
N SER C 434 20.34 -19.13 -22.31
CA SER C 434 19.70 -20.33 -22.84
C SER C 434 20.58 -21.53 -22.55
N ALA C 435 19.94 -22.69 -22.43
CA ALA C 435 20.67 -23.94 -22.20
C ALA C 435 19.78 -25.10 -22.62
N THR C 436 20.32 -25.98 -23.46
CA THR C 436 19.59 -27.10 -24.01
C THR C 436 20.39 -28.38 -23.84
N ASP C 437 19.68 -29.48 -23.62
CA ASP C 437 20.28 -30.82 -23.49
C ASP C 437 19.48 -31.76 -24.38
N VAL C 438 19.89 -31.86 -25.64
CA VAL C 438 19.24 -32.77 -26.58
C VAL C 438 19.88 -34.14 -26.47
N GLU C 439 19.08 -35.18 -26.70
CA GLU C 439 19.56 -36.55 -26.66
C GLU C 439 19.03 -37.35 -27.84
#